data_2QF2
#
_entry.id   2QF2
#
_cell.length_a   63.506
_cell.length_b   119.112
_cell.length_c   86.710
_cell.angle_alpha   90.00
_cell.angle_beta   107.35
_cell.angle_gamma   90.00
#
_symmetry.space_group_name_H-M   'P 1 21 1'
#
loop_
_entity.id
_entity.type
_entity.pdbx_description
1 polymer 'Phosphoenolpyruvate carboxykinase, cytosolic [GTP]'
2 non-polymer 'MANGANESE (II) ION'
3 non-polymer 'SODIUM ION'
4 non-polymer 'OXALOACETATE ION'
5 non-polymer "GUANOSINE-5'-DIPHOSPHATE"
6 non-polymer 'PYRUVIC ACID'
7 water water
#
_entity_poly.entity_id   1
_entity_poly.type   'polypeptide(L)'
_entity_poly.pdbx_seq_one_letter_code
;GSMPPQLHNGLDFSAKVIQGSLDSLPQEVRKFVEGNAQLCQPEYIHICDGSEEEYGRLLAHMQEEGVIRKLKKYDNCWLA
LTDPRDVARIESKTVIITQEQRDTVPIPKSGQSQLGRWMSEEDFEKAFNARFPGCMKGRTMYVIPFSMGPLGSPLAKIGI
ELTDSPYVVASMRIMTRMGTSVLEALGDGEFIKCLHSVGCPLPLKKPLVNNWACNPELTLIAHLPDRREIISFGSGYGGN
SLLGKKCFALRIASRLAKEEGWLAEHMLILGITNPEGKKKYLAAAFPSACGKTNLAMMNPTLPGWKVECVGDDIAWMKFD
AQGNLRAINPENGFFGVAPGTSVKTNPNAIKTIQKNTIFTNVAETSDGGVYWEGIDEPLAPGVTITSWKNKEWRPQDEEP
CAHPNSRFCTPASQCPIIDPAWESPEGVPIEGIIFGGRRPAGVPLVYEALSWQHGVFVGAAMRSEATAAAEHKGKVIMHD
PFAMRPFFGYNFGKYLAHWLSMAHRPAAKLPKIFHVNWFRKDKNGKFLWPGFGENSRVLEWMFGRIEGEDSAKLTPIGYV
PKEDALNLKGLGDVNVEELFGISKEFWEKEVEEIDKYLEDQVNADLPYEIERELRALKQRISQM
;
_entity_poly.pdbx_strand_id   A,B
#
loop_
_chem_comp.id
_chem_comp.type
_chem_comp.name
_chem_comp.formula
GDP RNA linking GUANOSINE-5'-DIPHOSPHATE 'C10 H15 N5 O11 P2'
MN non-polymer 'MANGANESE (II) ION' 'Mn 2'
NA non-polymer 'SODIUM ION' 'Na 1'
OAA non-polymer 'OXALOACETATE ION' 'C4 H3 O5 -1'
PYR non-polymer 'PYRUVIC ACID' 'C3 H4 O3'
#
# COMPACT_ATOMS: atom_id res chain seq x y z
N ASP A 12 -31.78 -22.78 13.33
CA ASP A 12 -31.74 -24.11 12.65
C ASP A 12 -31.83 -23.95 11.13
N PHE A 13 -30.72 -24.21 10.44
CA PHE A 13 -30.63 -24.07 8.99
C PHE A 13 -30.82 -25.41 8.25
N SER A 14 -31.33 -26.41 8.96
CA SER A 14 -31.59 -27.73 8.39
C SER A 14 -32.37 -27.71 7.08
N ALA A 15 -33.40 -26.88 7.01
CA ALA A 15 -34.28 -26.82 5.84
C ALA A 15 -33.55 -26.38 4.56
N LYS A 16 -32.40 -25.74 4.72
CA LYS A 16 -31.65 -25.21 3.58
C LYS A 16 -30.53 -26.12 3.07
N VAL A 17 -30.40 -27.30 3.69
CA VAL A 17 -29.31 -28.20 3.33
C VAL A 17 -29.72 -29.07 2.14
N ILE A 18 -28.94 -28.95 1.06
CA ILE A 18 -29.28 -29.61 -0.21
C ILE A 18 -28.37 -30.81 -0.50
N GLN A 19 -27.34 -30.97 0.32
CA GLN A 19 -26.54 -32.20 0.32
C GLN A 19 -25.93 -32.43 1.70
N GLY A 20 -26.06 -33.67 2.17
CA GLY A 20 -25.60 -34.06 3.49
C GLY A 20 -26.65 -33.78 4.55
N SER A 21 -26.22 -33.81 5.81
CA SER A 21 -27.08 -33.52 6.95
C SER A 21 -26.28 -32.82 8.04
N LEU A 22 -26.86 -31.77 8.61
CA LEU A 22 -26.28 -31.09 9.77
C LEU A 22 -26.19 -32.02 10.98
N ASP A 23 -27.12 -32.97 11.05
CA ASP A 23 -27.14 -33.98 12.14
C ASP A 23 -25.95 -34.92 12.08
N SER A 24 -25.48 -35.20 10.86
CA SER A 24 -24.36 -36.12 10.63
CA SER A 24 -24.36 -36.12 10.66
C SER A 24 -23.01 -35.45 10.90
N LEU A 25 -23.01 -34.11 10.91
CA LEU A 25 -21.79 -33.36 11.22
C LEU A 25 -21.39 -33.51 12.68
N PRO A 26 -20.07 -33.52 12.96
CA PRO A 26 -19.61 -33.44 14.33
C PRO A 26 -20.08 -32.14 14.99
N GLN A 27 -20.31 -32.19 16.29
CA GLN A 27 -20.86 -31.07 17.06
C GLN A 27 -20.26 -29.72 16.68
N GLU A 28 -18.94 -29.61 16.77
CA GLU A 28 -18.24 -28.35 16.54
C GLU A 28 -18.25 -27.93 15.07
N VAL A 29 -18.34 -28.89 14.17
CA VAL A 29 -18.49 -28.59 12.74
C VAL A 29 -19.89 -28.01 12.47
N ARG A 30 -20.92 -28.60 13.08
CA ARG A 30 -22.28 -28.06 12.95
C ARG A 30 -22.36 -26.60 13.41
N LYS A 31 -21.77 -26.30 14.57
CA LYS A 31 -21.81 -24.95 15.14
C LYS A 31 -21.11 -23.94 14.25
N PHE A 32 -20.02 -24.36 13.62
CA PHE A 32 -19.25 -23.52 12.71
C PHE A 32 -20.08 -23.22 11.45
N VAL A 33 -20.66 -24.25 10.85
CA VAL A 33 -21.52 -24.09 9.67
C VAL A 33 -22.74 -23.22 9.96
N GLU A 34 -23.46 -23.55 11.04
CA GLU A 34 -24.71 -22.85 11.35
C GLU A 34 -24.50 -21.39 11.76
N GLY A 35 -23.50 -21.13 12.60
CA GLY A 35 -23.16 -19.76 12.98
C GLY A 35 -22.86 -18.85 11.79
N ASN A 36 -22.12 -19.37 10.82
CA ASN A 36 -21.80 -18.60 9.63
C ASN A 36 -22.91 -18.56 8.58
N ALA A 37 -23.76 -19.57 8.58
CA ALA A 37 -25.01 -19.50 7.81
C ALA A 37 -25.91 -18.37 8.35
N GLN A 38 -26.03 -18.27 9.68
CA GLN A 38 -26.79 -17.19 10.30
CA GLN A 38 -26.78 -17.19 10.31
C GLN A 38 -26.22 -15.82 9.89
N LEU A 39 -24.90 -15.71 9.90
CA LEU A 39 -24.26 -14.43 9.56
C LEU A 39 -24.34 -14.09 8.06
N CYS A 40 -23.93 -15.04 7.22
CA CYS A 40 -23.77 -14.82 5.78
C CYS A 40 -25.06 -14.96 4.96
N GLN A 41 -26.05 -15.61 5.56
CA GLN A 41 -27.39 -15.77 4.98
CA GLN A 41 -27.39 -15.75 4.96
C GLN A 41 -27.40 -16.44 3.59
N PRO A 42 -26.76 -17.63 3.48
CA PRO A 42 -26.81 -18.31 2.18
C PRO A 42 -28.22 -18.81 1.88
N GLU A 43 -28.55 -18.97 0.61
CA GLU A 43 -29.81 -19.56 0.23
C GLU A 43 -29.84 -21.06 0.53
N TYR A 44 -28.69 -21.71 0.31
CA TYR A 44 -28.56 -23.15 0.46
C TYR A 44 -27.24 -23.50 1.13
N ILE A 45 -27.19 -24.69 1.74
CA ILE A 45 -25.96 -25.24 2.30
C ILE A 45 -25.70 -26.58 1.63
N HIS A 46 -24.51 -26.74 1.07
CA HIS A 46 -24.10 -27.98 0.40
C HIS A 46 -22.89 -28.55 1.15
N ILE A 47 -23.08 -29.67 1.83
CA ILE A 47 -21.96 -30.32 2.52
C ILE A 47 -21.27 -31.23 1.52
N CYS A 48 -20.06 -30.87 1.10
CA CYS A 48 -19.35 -31.63 0.06
C CYS A 48 -19.01 -33.06 0.47
N ASP A 49 -19.19 -33.99 -0.47
CA ASP A 49 -18.81 -35.39 -0.23
C ASP A 49 -17.50 -35.76 -0.92
N GLY A 50 -17.05 -34.91 -1.83
CA GLY A 50 -15.78 -35.13 -2.54
C GLY A 50 -15.87 -36.18 -3.64
N SER A 51 -17.07 -36.68 -3.92
CA SER A 51 -17.28 -37.72 -4.95
C SER A 51 -17.04 -37.18 -6.35
N GLU A 52 -16.75 -38.10 -7.28
CA GLU A 52 -16.55 -37.79 -8.69
CA GLU A 52 -16.54 -37.74 -8.67
C GLU A 52 -17.82 -37.17 -9.28
N GLU A 53 -18.97 -37.69 -8.84
CA GLU A 53 -20.29 -37.25 -9.30
C GLU A 53 -20.54 -35.80 -8.92
N GLU A 54 -20.31 -35.47 -7.65
CA GLU A 54 -20.40 -34.09 -7.16
C GLU A 54 -19.54 -33.16 -8.01
N TYR A 55 -18.32 -33.60 -8.26
CA TYR A 55 -17.31 -32.83 -9.01
C TYR A 55 -17.74 -32.55 -10.45
N GLY A 56 -18.10 -33.60 -11.17
CA GLY A 56 -18.49 -33.48 -12.58
C GLY A 56 -19.72 -32.60 -12.75
N ARG A 57 -20.69 -32.76 -11.85
CA ARG A 57 -21.93 -31.99 -11.89
CA ARG A 57 -21.92 -31.98 -11.92
C ARG A 57 -21.69 -30.51 -11.59
N LEU A 58 -20.81 -30.24 -10.63
CA LEU A 58 -20.48 -28.86 -10.29
C LEU A 58 -19.74 -28.16 -11.43
N LEU A 59 -18.84 -28.91 -12.09
CA LEU A 59 -18.13 -28.40 -13.26
C LEU A 59 -19.10 -28.08 -14.40
N ALA A 60 -20.04 -29.00 -14.63
CA ALA A 60 -21.04 -28.83 -15.68
C ALA A 60 -21.96 -27.65 -15.37
N HIS A 61 -22.29 -27.44 -14.10
CA HIS A 61 -23.07 -26.28 -13.68
C HIS A 61 -22.34 -24.97 -13.92
N MET A 62 -21.06 -24.92 -13.55
CA MET A 62 -20.23 -23.74 -13.80
CA MET A 62 -20.24 -23.74 -13.79
C MET A 62 -20.16 -23.46 -15.30
N GLN A 63 -20.07 -24.52 -16.10
CA GLN A 63 -20.07 -24.43 -17.55
C GLN A 63 -21.37 -23.81 -18.05
N GLU A 64 -22.50 -24.30 -17.52
CA GLU A 64 -23.86 -23.77 -17.81
CA GLU A 64 -23.79 -23.75 -17.92
C GLU A 64 -23.92 -22.27 -17.57
N GLU A 65 -23.38 -21.87 -16.42
CA GLU A 65 -23.46 -20.47 -15.98
C GLU A 65 -22.42 -19.55 -16.62
N GLY A 66 -21.58 -20.10 -17.49
CA GLY A 66 -20.53 -19.34 -18.16
C GLY A 66 -19.36 -18.96 -17.27
N VAL A 67 -19.21 -19.67 -16.14
CA VAL A 67 -18.12 -19.44 -15.19
C VAL A 67 -16.82 -20.11 -15.63
N ILE A 68 -16.93 -21.27 -16.27
CA ILE A 68 -15.78 -21.95 -16.87
C ILE A 68 -16.10 -22.47 -18.26
N ARG A 69 -15.05 -22.73 -19.04
CA ARG A 69 -15.19 -23.37 -20.35
C ARG A 69 -14.52 -24.73 -20.32
N LYS A 70 -15.09 -25.69 -21.05
CA LYS A 70 -14.48 -27.01 -21.22
CA LYS A 70 -14.47 -27.01 -21.21
C LYS A 70 -13.44 -26.96 -22.33
N LEU A 71 -12.28 -27.56 -22.08
CA LEU A 71 -11.21 -27.61 -23.06
C LEU A 71 -11.29 -28.91 -23.87
N LYS A 72 -11.72 -28.78 -25.11
CA LYS A 72 -12.12 -29.92 -25.93
C LYS A 72 -10.98 -30.83 -26.44
N LYS A 73 -9.74 -30.33 -26.39
CA LYS A 73 -8.60 -31.12 -26.82
CA LYS A 73 -8.59 -31.12 -26.81
C LYS A 73 -8.27 -32.22 -25.80
N TYR A 74 -8.68 -32.02 -24.55
CA TYR A 74 -8.30 -32.89 -23.43
C TYR A 74 -9.41 -33.67 -22.76
N ASP A 75 -8.99 -34.65 -21.96
CA ASP A 75 -9.84 -35.43 -21.07
C ASP A 75 -10.10 -34.63 -19.79
N ASN A 76 -11.34 -34.13 -19.65
CA ASN A 76 -11.81 -33.48 -18.42
C ASN A 76 -10.94 -32.28 -17.95
N CYS A 77 -10.59 -31.39 -18.89
CA CYS A 77 -9.87 -30.17 -18.54
C CYS A 77 -10.75 -28.94 -18.76
N TRP A 78 -10.52 -27.92 -17.93
CA TRP A 78 -11.39 -26.75 -17.87
C TRP A 78 -10.57 -25.47 -17.79
N LEU A 79 -11.20 -24.36 -18.19
CA LEU A 79 -10.55 -23.07 -18.21
C LEU A 79 -11.42 -21.99 -17.59
N ALA A 80 -10.88 -21.30 -16.58
CA ALA A 80 -11.51 -20.11 -16.02
C ALA A 80 -10.72 -18.85 -16.37
N LEU A 81 -11.43 -17.82 -16.80
CA LEU A 81 -10.84 -16.52 -17.07
C LEU A 81 -11.43 -15.54 -16.08
N THR A 82 -10.58 -14.92 -15.28
CA THR A 82 -11.04 -14.11 -14.16
C THR A 82 -11.27 -12.65 -14.53
N ASP A 83 -11.88 -11.91 -13.61
CA ASP A 83 -11.87 -10.45 -13.58
C ASP A 83 -10.39 -10.05 -13.44
N PRO A 84 -9.90 -9.13 -14.30
CA PRO A 84 -8.47 -8.75 -14.26
C PRO A 84 -8.02 -8.08 -12.94
N ARG A 85 -8.98 -7.74 -12.09
CA ARG A 85 -8.67 -7.17 -10.77
C ARG A 85 -8.35 -8.25 -9.72
N ASP A 86 -8.59 -9.51 -10.08
CA ASP A 86 -8.41 -10.62 -9.16
C ASP A 86 -7.54 -11.71 -9.83
N VAL A 87 -6.22 -11.54 -9.74
CA VAL A 87 -5.28 -12.36 -10.52
C VAL A 87 -4.08 -12.97 -9.77
N ALA A 88 -3.91 -12.58 -8.50
CA ALA A 88 -2.81 -13.07 -7.67
C ALA A 88 -3.07 -12.78 -6.19
N ARG A 89 -2.14 -13.22 -5.33
CA ARG A 89 -2.18 -12.84 -3.92
C ARG A 89 -1.95 -11.34 -3.80
N ILE A 90 -2.49 -10.76 -2.73
CA ILE A 90 -2.24 -9.35 -2.43
C ILE A 90 -1.70 -9.27 -1.01
N GLU A 91 -0.39 -9.10 -0.91
CA GLU A 91 0.30 -9.16 0.38
C GLU A 91 -0.14 -8.03 1.31
N SER A 92 -0.54 -6.90 0.72
CA SER A 92 -0.93 -5.72 1.49
C SER A 92 -2.32 -5.84 2.10
N LYS A 93 -3.12 -6.78 1.60
CA LYS A 93 -4.46 -7.02 2.13
C LYS A 93 -4.52 -8.37 2.83
N THR A 94 -3.34 -8.88 3.20
CA THR A 94 -3.20 -10.15 3.90
C THR A 94 -2.65 -9.83 5.28
N VAL A 95 -3.43 -10.18 6.32
CA VAL A 95 -3.14 -9.74 7.68
C VAL A 95 -3.26 -10.88 8.69
N ILE A 96 -2.54 -10.72 9.79
CA ILE A 96 -2.62 -11.66 10.90
C ILE A 96 -2.99 -10.87 12.15
N ILE A 97 -3.96 -11.39 12.89
CA ILE A 97 -4.48 -10.73 14.10
C ILE A 97 -3.94 -11.44 15.34
N THR A 98 -3.29 -10.66 16.20
CA THR A 98 -2.84 -11.13 17.52
C THR A 98 -3.01 -10.00 18.52
N GLN A 99 -3.02 -10.33 19.81
CA GLN A 99 -3.13 -9.32 20.87
CA GLN A 99 -3.14 -9.32 20.86
C GLN A 99 -2.03 -8.27 20.76
N GLU A 100 -0.80 -8.73 20.52
CA GLU A 100 0.36 -7.86 20.43
C GLU A 100 0.98 -7.94 19.05
N GLN A 101 1.26 -6.78 18.46
CA GLN A 101 1.86 -6.70 17.13
C GLN A 101 3.17 -7.49 17.05
N ARG A 102 3.97 -7.41 18.11
CA ARG A 102 5.29 -8.02 18.12
C ARG A 102 5.27 -9.54 18.04
N ASP A 103 4.14 -10.15 18.39
CA ASP A 103 4.02 -11.60 18.23
C ASP A 103 3.88 -11.99 16.76
N THR A 104 3.42 -11.05 15.93
CA THR A 104 3.16 -11.30 14.50
C THR A 104 4.33 -10.87 13.61
N VAL A 105 4.91 -9.71 13.92
CA VAL A 105 6.09 -9.23 13.20
C VAL A 105 7.05 -8.59 14.18
N PRO A 106 8.37 -8.59 13.86
CA PRO A 106 9.26 -7.77 14.68
C PRO A 106 8.88 -6.31 14.50
N ILE A 107 9.09 -5.49 15.53
CA ILE A 107 8.82 -4.07 15.40
C ILE A 107 9.98 -3.42 14.64
N PRO A 108 9.72 -3.00 13.39
CA PRO A 108 10.81 -2.48 12.56
C PRO A 108 11.26 -1.12 13.05
N LYS A 109 12.57 -0.89 13.02
CA LYS A 109 13.11 0.42 13.39
C LYS A 109 12.55 1.54 12.50
N SER A 110 12.41 1.25 11.21
CA SER A 110 11.93 2.23 10.22
C SER A 110 10.43 2.45 10.26
N GLY A 111 9.69 1.53 10.88
CA GLY A 111 8.26 1.70 11.08
C GLY A 111 7.37 1.03 10.05
N GLN A 112 7.97 0.54 8.97
CA GLN A 112 7.24 -0.25 8.00
C GLN A 112 7.88 -1.63 7.85
N SER A 113 7.16 -2.64 8.34
CA SER A 113 7.64 -4.02 8.28
C SER A 113 7.47 -4.62 6.90
N GLN A 114 8.51 -5.33 6.46
CA GLN A 114 8.48 -6.10 5.23
C GLN A 114 8.38 -7.59 5.54
N LEU A 115 7.90 -7.92 6.75
CA LEU A 115 7.92 -9.31 7.21
C LEU A 115 6.54 -9.85 7.59
N GLY A 116 5.52 -9.07 7.26
CA GLY A 116 4.15 -9.43 7.55
C GLY A 116 3.35 -8.16 7.76
N ARG A 117 2.06 -8.34 8.06
CA ARG A 117 1.16 -7.23 8.29
C ARG A 117 0.21 -7.61 9.41
N TRP A 118 0.27 -6.85 10.50
CA TRP A 118 -0.54 -7.11 11.68
C TRP A 118 -1.78 -6.22 11.66
N MET A 119 -2.89 -6.75 12.15
CA MET A 119 -4.09 -5.97 12.37
C MET A 119 -4.60 -6.28 13.77
N SER A 120 -5.00 -5.25 14.51
CA SER A 120 -5.53 -5.45 15.86
C SER A 120 -6.84 -6.21 15.82
N GLU A 121 -7.16 -6.89 16.92
CA GLU A 121 -8.47 -7.53 17.09
C GLU A 121 -9.62 -6.56 16.82
N GLU A 122 -9.49 -5.33 17.35
CA GLU A 122 -10.52 -4.29 17.22
C GLU A 122 -10.74 -3.86 15.78
N ASP A 123 -9.64 -3.57 15.08
CA ASP A 123 -9.72 -3.20 13.68
C ASP A 123 -10.29 -4.32 12.82
N PHE A 124 -9.92 -5.57 13.13
CA PHE A 124 -10.46 -6.68 12.36
C PHE A 124 -11.95 -6.86 12.55
N GLU A 125 -12.42 -6.79 13.79
CA GLU A 125 -13.85 -6.93 14.08
C GLU A 125 -14.67 -5.92 13.26
N LYS A 126 -14.18 -4.68 13.18
CA LYS A 126 -14.84 -3.66 12.38
CA LYS A 126 -14.83 -3.64 12.38
C LYS A 126 -14.84 -4.01 10.89
N ALA A 127 -13.69 -4.46 10.39
CA ALA A 127 -13.53 -4.88 8.99
C ALA A 127 -14.49 -6.01 8.66
N PHE A 128 -14.57 -6.98 9.58
CA PHE A 128 -15.41 -8.17 9.46
C PHE A 128 -16.89 -7.81 9.36
N ASN A 129 -17.36 -6.99 10.30
CA ASN A 129 -18.75 -6.52 10.31
C ASN A 129 -19.12 -5.72 9.07
N ALA A 130 -18.12 -5.09 8.45
CA ALA A 130 -18.32 -4.30 7.24
C ALA A 130 -18.38 -5.15 5.97
N ARG A 131 -18.13 -6.46 6.11
CA ARG A 131 -18.00 -7.35 4.95
C ARG A 131 -18.99 -8.53 4.95
N PHE A 132 -18.97 -9.31 6.02
CA PHE A 132 -19.61 -10.63 6.04
C PHE A 132 -21.13 -10.72 6.27
N PRO A 133 -21.72 -9.84 7.10
CA PRO A 133 -23.19 -9.92 7.23
C PRO A 133 -23.91 -9.88 5.89
N GLY A 134 -24.72 -10.89 5.63
CA GLY A 134 -25.51 -10.99 4.39
C GLY A 134 -24.75 -11.33 3.11
N CYS A 135 -23.46 -11.60 3.21
CA CYS A 135 -22.61 -11.66 2.00
C CYS A 135 -22.91 -12.82 1.04
N MET A 136 -23.57 -13.86 1.52
CA MET A 136 -23.88 -15.01 0.67
C MET A 136 -25.35 -15.08 0.27
N LYS A 137 -26.09 -13.99 0.48
CA LYS A 137 -27.48 -13.95 0.09
C LYS A 137 -27.67 -14.40 -1.37
N GLY A 138 -28.60 -15.32 -1.57
CA GLY A 138 -28.91 -15.84 -2.90
C GLY A 138 -27.93 -16.87 -3.46
N ARG A 139 -26.94 -17.25 -2.64
CA ARG A 139 -25.92 -18.23 -3.03
C ARG A 139 -25.93 -19.49 -2.19
N THR A 140 -25.23 -20.52 -2.67
CA THR A 140 -24.99 -21.73 -1.90
C THR A 140 -23.71 -21.57 -1.07
N MET A 141 -23.80 -21.92 0.21
CA MET A 141 -22.62 -22.04 1.04
C MET A 141 -22.18 -23.50 0.96
N TYR A 142 -21.02 -23.73 0.35
CA TYR A 142 -20.43 -25.07 0.27
C TYR A 142 -19.58 -25.32 1.50
N VAL A 143 -19.70 -26.52 2.06
CA VAL A 143 -18.95 -26.92 3.25
C VAL A 143 -17.94 -27.96 2.78
N ILE A 144 -16.67 -27.59 2.86
CA ILE A 144 -15.58 -28.43 2.34
C ILE A 144 -14.75 -29.03 3.48
N PRO A 145 -14.95 -30.33 3.79
CA PRO A 145 -14.10 -30.97 4.79
C PRO A 145 -12.82 -31.42 4.09
N PHE A 146 -11.67 -30.91 4.53
CA PHE A 146 -10.41 -31.28 3.87
C PHE A 146 -9.28 -31.67 4.82
N SER A 147 -8.43 -32.57 4.36
CA SER A 147 -7.24 -32.97 5.10
C SER A 147 -6.00 -32.47 4.38
N MET A 148 -5.13 -31.81 5.14
CA MET A 148 -3.81 -31.43 4.65
C MET A 148 -2.82 -32.52 5.06
N GLY A 149 -2.28 -33.22 4.07
CA GLY A 149 -1.37 -34.33 4.33
C GLY A 149 -2.04 -35.66 4.05
N PRO A 150 -1.23 -36.71 3.87
N PRO A 150 -1.24 -36.73 3.86
CA PRO A 150 -1.69 -38.07 3.55
CA PRO A 150 -1.80 -38.05 3.63
C PRO A 150 -2.74 -38.60 4.52
C PRO A 150 -2.69 -38.51 4.79
N LEU A 151 -3.42 -39.67 4.09
N LEU A 151 -4.00 -38.37 4.59
CA LEU A 151 -4.58 -40.19 4.80
CA LEU A 151 -5.02 -38.60 5.62
C LEU A 151 -4.39 -40.19 6.30
C LEU A 151 -4.60 -39.27 6.94
N GLY A 152 -3.62 -41.14 6.80
N GLY A 152 -3.88 -40.38 6.86
CA GLY A 152 -3.44 -41.29 8.24
CA GLY A 152 -3.52 -41.16 8.07
C GLY A 152 -2.09 -40.83 8.76
C GLY A 152 -2.21 -40.76 8.73
N SER A 153 -1.59 -39.72 8.22
CA SER A 153 -0.32 -39.18 8.70
C SER A 153 -0.48 -38.55 10.08
N PRO A 154 0.42 -38.89 11.01
CA PRO A 154 0.45 -38.19 12.30
C PRO A 154 0.72 -36.70 12.11
N LEU A 155 1.19 -36.34 10.91
CA LEU A 155 1.52 -34.95 10.58
C LEU A 155 0.39 -34.23 9.85
N ALA A 156 -0.68 -34.95 9.52
CA ALA A 156 -1.82 -34.36 8.81
C ALA A 156 -2.72 -33.54 9.73
N LYS A 157 -3.28 -32.46 9.18
CA LYS A 157 -4.19 -31.58 9.90
CA LYS A 157 -4.20 -31.58 9.90
C LYS A 157 -5.46 -31.40 9.06
N ILE A 158 -6.62 -31.38 9.72
CA ILE A 158 -7.86 -31.21 8.97
CA ILE A 158 -7.91 -31.24 9.04
C ILE A 158 -8.45 -29.81 9.13
N GLY A 159 -9.10 -29.34 8.06
CA GLY A 159 -9.81 -28.06 8.07
C GLY A 159 -11.22 -28.23 7.55
N ILE A 160 -12.05 -27.21 7.80
CA ILE A 160 -13.34 -27.08 7.15
C ILE A 160 -13.38 -25.71 6.49
N GLU A 161 -13.54 -25.69 5.16
CA GLU A 161 -13.71 -24.41 4.45
C GLU A 161 -15.15 -24.18 4.00
N LEU A 162 -15.70 -23.05 4.43
CA LEU A 162 -16.99 -22.59 3.94
C LEU A 162 -16.73 -21.56 2.85
N THR A 163 -17.39 -21.73 1.71
CA THR A 163 -17.22 -20.82 0.56
C THR A 163 -18.51 -20.70 -0.24
N ASP A 164 -18.67 -19.57 -0.93
CA ASP A 164 -19.77 -19.39 -1.87
C ASP A 164 -19.29 -19.52 -3.33
N SER A 165 -18.09 -20.07 -3.51
CA SER A 165 -17.51 -20.26 -4.85
C SER A 165 -17.37 -21.73 -5.27
N PRO A 166 -18.15 -22.16 -6.28
CA PRO A 166 -17.95 -23.50 -6.83
C PRO A 166 -16.52 -23.70 -7.39
N TYR A 167 -15.92 -22.64 -7.92
CA TYR A 167 -14.53 -22.69 -8.38
C TYR A 167 -13.60 -23.11 -7.24
N VAL A 168 -13.82 -22.55 -6.06
CA VAL A 168 -13.06 -22.95 -4.86
C VAL A 168 -13.26 -24.42 -4.53
N VAL A 169 -14.51 -24.88 -4.53
CA VAL A 169 -14.80 -26.29 -4.25
C VAL A 169 -14.01 -27.21 -5.18
N ALA A 170 -14.12 -26.95 -6.48
CA ALA A 170 -13.45 -27.76 -7.51
C ALA A 170 -11.94 -27.81 -7.30
N SER A 171 -11.33 -26.64 -7.07
CA SER A 171 -9.89 -26.53 -6.90
C SER A 171 -9.40 -27.18 -5.61
N MET A 172 -10.23 -27.11 -4.57
CA MET A 172 -9.91 -27.74 -3.28
C MET A 172 -9.93 -29.27 -3.39
N ARG A 173 -10.79 -29.80 -4.26
CA ARG A 173 -10.82 -31.24 -4.50
C ARG A 173 -9.47 -31.72 -5.04
N ILE A 174 -8.86 -30.89 -5.89
CA ILE A 174 -7.57 -31.22 -6.49
C ILE A 174 -6.43 -31.02 -5.50
N MET A 175 -6.47 -29.89 -4.79
CA MET A 175 -5.34 -29.43 -3.98
CA MET A 175 -5.33 -29.44 -3.98
C MET A 175 -5.26 -30.03 -2.58
N THR A 176 -6.38 -30.60 -2.12
CA THR A 176 -6.46 -31.25 -0.81
C THR A 176 -7.15 -32.62 -0.94
N ARG A 177 -7.13 -33.40 0.14
CA ARG A 177 -7.97 -34.59 0.27
C ARG A 177 -9.28 -34.08 0.82
N MET A 178 -10.34 -34.17 0.03
CA MET A 178 -11.61 -33.61 0.48
CA MET A 178 -11.63 -33.57 0.36
C MET A 178 -12.79 -34.57 0.37
N GLY A 179 -13.73 -34.39 1.29
CA GLY A 179 -14.96 -35.18 1.27
C GLY A 179 -15.37 -35.89 2.55
N THR A 180 -16.29 -36.84 2.39
CA THR A 180 -16.94 -37.53 3.52
C THR A 180 -15.97 -38.29 4.42
N SER A 181 -15.00 -38.98 3.82
CA SER A 181 -14.03 -39.75 4.59
C SER A 181 -13.21 -38.86 5.54
N VAL A 182 -12.99 -37.61 5.15
CA VAL A 182 -12.33 -36.61 6.01
C VAL A 182 -13.19 -36.28 7.24
N LEU A 183 -14.48 -36.03 7.02
CA LEU A 183 -15.42 -35.82 8.13
C LEU A 183 -15.40 -37.01 9.10
N GLU A 184 -15.43 -38.21 8.53
CA GLU A 184 -15.42 -39.44 9.33
C GLU A 184 -14.13 -39.60 10.13
N ALA A 185 -13.01 -39.14 9.56
CA ALA A 185 -11.70 -39.17 10.22
C ALA A 185 -11.59 -38.12 11.32
N LEU A 186 -12.24 -36.98 11.12
CA LEU A 186 -12.18 -35.87 12.05
C LEU A 186 -12.79 -36.19 13.41
N GLY A 187 -13.97 -36.82 13.38
CA GLY A 187 -14.70 -37.14 14.61
C GLY A 187 -14.98 -35.88 15.38
N ASP A 188 -14.74 -35.91 16.68
CA ASP A 188 -14.92 -34.74 17.53
C ASP A 188 -13.62 -33.99 17.76
N GLY A 189 -12.64 -34.23 16.88
CA GLY A 189 -11.33 -33.59 16.97
C GLY A 189 -11.34 -32.14 16.52
N GLU A 190 -10.20 -31.49 16.69
CA GLU A 190 -10.07 -30.08 16.32
CA GLU A 190 -10.03 -30.08 16.32
C GLU A 190 -9.81 -29.93 14.82
N PHE A 191 -10.26 -28.81 14.27
CA PHE A 191 -10.07 -28.52 12.86
C PHE A 191 -9.81 -27.03 12.74
N ILE A 192 -9.13 -26.63 11.68
CA ILE A 192 -9.00 -25.19 11.49
C ILE A 192 -10.19 -24.67 10.71
N LYS A 193 -10.73 -23.54 11.19
CA LYS A 193 -11.97 -22.95 10.67
C LYS A 193 -11.64 -22.00 9.55
N CYS A 194 -12.08 -22.32 8.34
CA CYS A 194 -11.79 -21.47 7.19
C CYS A 194 -13.08 -20.92 6.60
N LEU A 195 -13.19 -19.59 6.54
CA LEU A 195 -14.39 -18.93 6.03
C LEU A 195 -14.01 -18.08 4.83
N HIS A 196 -14.70 -18.28 3.71
CA HIS A 196 -14.43 -17.52 2.50
C HIS A 196 -15.71 -17.03 1.80
N SER A 197 -15.69 -15.79 1.35
CA SER A 197 -16.73 -15.27 0.46
C SER A 197 -16.16 -14.37 -0.64
N VAL A 198 -16.68 -14.54 -1.85
CA VAL A 198 -16.32 -13.68 -2.97
C VAL A 198 -16.85 -12.25 -2.75
N GLY A 199 -17.80 -12.10 -1.84
CA GLY A 199 -18.29 -10.79 -1.41
C GLY A 199 -19.22 -10.11 -2.37
N CYS A 200 -20.07 -10.90 -3.01
CA CYS A 200 -21.04 -10.40 -3.99
C CYS A 200 -22.43 -10.99 -3.76
N PRO A 201 -23.12 -10.58 -2.67
CA PRO A 201 -24.45 -11.16 -2.42
C PRO A 201 -25.45 -10.75 -3.51
N LEU A 202 -26.44 -11.60 -3.74
CA LEU A 202 -27.48 -11.34 -4.73
C LEU A 202 -28.68 -10.65 -4.07
N PRO A 203 -29.29 -9.66 -4.76
CA PRO A 203 -28.94 -9.18 -6.10
C PRO A 203 -27.65 -8.36 -6.12
N LEU A 204 -26.91 -8.47 -7.21
CA LEU A 204 -25.61 -7.80 -7.35
C LEU A 204 -25.78 -6.29 -7.27
N LYS A 205 -24.96 -5.66 -6.43
CA LYS A 205 -24.95 -4.21 -6.32
C LYS A 205 -23.98 -3.59 -7.32
N LYS A 206 -23.04 -4.41 -7.79
CA LYS A 206 -22.04 -3.97 -8.76
CA LYS A 206 -22.02 -3.98 -8.76
C LYS A 206 -21.99 -4.91 -9.96
N PRO A 207 -21.60 -4.39 -11.15
CA PRO A 207 -21.55 -5.25 -12.34
C PRO A 207 -20.63 -6.46 -12.18
N LEU A 208 -21.04 -7.58 -12.76
CA LEU A 208 -20.23 -8.78 -12.79
C LEU A 208 -19.33 -8.69 -14.03
N VAL A 209 -18.02 -8.82 -13.81
CA VAL A 209 -17.05 -8.78 -14.91
C VAL A 209 -16.53 -10.18 -15.21
N ASN A 210 -16.70 -10.59 -16.46
CA ASN A 210 -16.22 -11.89 -16.97
C ASN A 210 -16.75 -13.08 -16.16
N ASN A 211 -17.98 -12.94 -15.68
CA ASN A 211 -18.65 -13.98 -14.90
C ASN A 211 -17.79 -14.48 -13.74
N TRP A 212 -16.99 -13.57 -13.17
CA TRP A 212 -16.07 -13.89 -12.09
C TRP A 212 -16.40 -13.02 -10.88
N ALA A 213 -17.11 -13.61 -9.92
CA ALA A 213 -17.52 -12.90 -8.71
C ALA A 213 -16.32 -12.54 -7.85
N CYS A 214 -16.21 -11.25 -7.51
CA CYS A 214 -15.14 -10.76 -6.65
C CYS A 214 -15.44 -9.34 -6.16
N ASN A 215 -14.73 -8.91 -5.12
CA ASN A 215 -14.93 -7.59 -4.51
C ASN A 215 -13.56 -6.98 -4.18
N PRO A 216 -12.89 -6.41 -5.20
CA PRO A 216 -11.50 -5.96 -5.06
C PRO A 216 -11.28 -4.90 -3.96
N GLU A 217 -12.23 -3.98 -3.80
CA GLU A 217 -12.09 -2.89 -2.83
C GLU A 217 -12.12 -3.38 -1.39
N LEU A 218 -12.86 -4.47 -1.15
CA LEU A 218 -12.99 -5.00 0.20
C LEU A 218 -12.17 -6.28 0.42
N THR A 219 -11.27 -6.58 -0.52
CA THR A 219 -10.45 -7.79 -0.41
C THR A 219 -9.61 -7.75 0.88
N LEU A 220 -9.72 -8.83 1.66
CA LEU A 220 -9.03 -8.95 2.94
C LEU A 220 -8.85 -10.42 3.30
N ILE A 221 -7.59 -10.82 3.46
CA ILE A 221 -7.26 -12.21 3.75
C ILE A 221 -6.67 -12.26 5.16
N ALA A 222 -7.48 -12.69 6.12
CA ALA A 222 -7.14 -12.56 7.54
C ALA A 222 -6.87 -13.89 8.20
N HIS A 223 -5.98 -13.88 9.18
CA HIS A 223 -5.62 -15.08 9.93
C HIS A 223 -5.69 -14.78 11.41
N LEU A 224 -6.39 -15.64 12.15
CA LEU A 224 -6.55 -15.44 13.58
C LEU A 224 -6.07 -16.70 14.29
N PRO A 225 -4.73 -16.84 14.43
CA PRO A 225 -4.13 -18.07 14.95
C PRO A 225 -4.62 -18.47 16.35
N ASP A 226 -4.87 -17.49 17.21
CA ASP A 226 -5.32 -17.77 18.57
C ASP A 226 -6.78 -18.26 18.62
N ARG A 227 -7.51 -18.03 17.52
CA ARG A 227 -8.89 -18.51 17.36
C ARG A 227 -8.95 -19.72 16.41
N ARG A 228 -7.79 -20.07 15.83
CA ARG A 228 -7.67 -21.13 14.84
CA ARG A 228 -7.67 -21.14 14.84
C ARG A 228 -8.65 -20.89 13.67
N GLU A 229 -8.66 -19.65 13.20
CA GLU A 229 -9.57 -19.23 12.14
C GLU A 229 -8.80 -18.55 11.01
N ILE A 230 -9.23 -18.84 9.78
CA ILE A 230 -8.84 -18.07 8.61
C ILE A 230 -10.11 -17.47 8.02
N ILE A 231 -10.08 -16.17 7.72
CA ILE A 231 -11.28 -15.48 7.23
C ILE A 231 -10.88 -14.64 6.02
N SER A 232 -11.35 -15.03 4.85
CA SER A 232 -10.98 -14.38 3.59
C SER A 232 -12.19 -13.86 2.83
N PHE A 233 -12.11 -12.60 2.40
CA PHE A 233 -13.20 -11.90 1.69
C PHE A 233 -12.73 -11.22 0.40
N GLY A 234 -13.53 -11.33 -0.66
CA GLY A 234 -13.39 -10.48 -1.85
C GLY A 234 -12.59 -11.01 -3.03
N SER A 235 -11.82 -12.06 -2.81
CA SER A 235 -11.03 -12.64 -3.90
C SER A 235 -11.36 -14.12 -4.09
N GLY A 236 -11.51 -14.52 -5.36
CA GLY A 236 -11.73 -15.92 -5.70
C GLY A 236 -10.46 -16.60 -6.17
N TYR A 237 -9.33 -15.90 -6.07
CA TYR A 237 -8.10 -16.38 -6.67
C TYR A 237 -7.25 -17.23 -5.74
N GLY A 238 -6.69 -18.29 -6.31
CA GLY A 238 -5.79 -19.26 -5.67
C GLY A 238 -5.39 -19.07 -4.22
N GLY A 239 -4.26 -18.39 -4.00
CA GLY A 239 -3.71 -18.17 -2.66
C GLY A 239 -4.63 -17.43 -1.69
N ASN A 240 -5.57 -16.64 -2.22
CA ASN A 240 -6.53 -15.92 -1.39
C ASN A 240 -7.75 -16.76 -1.00
N SER A 241 -8.09 -17.76 -1.82
CA SER A 241 -9.38 -18.45 -1.69
C SER A 241 -9.28 -19.95 -1.38
N LEU A 242 -8.16 -20.56 -1.77
CA LEU A 242 -7.91 -21.97 -1.47
C LEU A 242 -7.19 -21.99 -0.13
N LEU A 243 -7.99 -22.01 0.94
CA LEU A 243 -7.48 -21.64 2.26
C LEU A 243 -6.56 -22.68 2.93
N GLY A 244 -6.59 -23.92 2.43
CA GLY A 244 -5.68 -24.95 2.94
C GLY A 244 -4.22 -24.66 2.63
N LYS A 245 -3.98 -24.00 1.50
CA LYS A 245 -2.66 -23.84 0.94
C LYS A 245 -1.77 -22.85 1.70
N LYS A 246 -1.83 -21.58 1.36
CA LYS A 246 -0.96 -20.60 2.01
C LYS A 246 -1.45 -20.26 3.40
N CYS A 247 -2.75 -19.97 3.50
CA CYS A 247 -3.31 -19.46 4.77
C CYS A 247 -3.15 -20.48 5.90
N PHE A 248 -3.45 -21.74 5.60
CA PHE A 248 -3.44 -22.83 6.58
C PHE A 248 -2.04 -23.46 6.64
N ALA A 249 -1.61 -24.08 5.54
CA ALA A 249 -0.37 -24.87 5.54
C ALA A 249 0.92 -24.07 5.68
N LEU A 250 0.86 -22.74 5.52
CA LEU A 250 2.02 -21.91 5.87
C LEU A 250 1.79 -20.95 7.04
N ARG A 251 0.79 -20.07 6.93
CA ARG A 251 0.64 -19.03 7.95
C ARG A 251 0.23 -19.60 9.32
N ILE A 252 -0.93 -20.24 9.37
CA ILE A 252 -1.39 -20.91 10.59
C ILE A 252 -0.42 -22.02 11.01
N ALA A 253 -0.04 -22.87 10.07
CA ALA A 253 0.80 -24.03 10.38
C ALA A 253 2.19 -23.66 10.91
N SER A 254 2.79 -22.60 10.38
CA SER A 254 4.12 -22.19 10.86
C SER A 254 4.07 -21.82 12.34
N ARG A 255 2.96 -21.19 12.74
CA ARG A 255 2.76 -20.84 14.14
CA ARG A 255 2.72 -20.83 14.14
C ARG A 255 2.55 -22.09 15.00
N LEU A 256 1.70 -23.02 14.54
CA LEU A 256 1.49 -24.29 15.22
C LEU A 256 2.82 -25.04 15.34
N ALA A 257 3.57 -25.06 14.23
CA ALA A 257 4.88 -25.70 14.14
C ALA A 257 5.84 -25.15 15.20
N LYS A 258 5.87 -23.83 15.34
CA LYS A 258 6.65 -23.18 16.39
C LYS A 258 6.25 -23.68 17.77
N GLU A 259 4.94 -23.71 18.03
CA GLU A 259 4.37 -24.16 19.31
C GLU A 259 4.69 -25.62 19.62
N GLU A 260 4.74 -26.45 18.59
CA GLU A 260 4.72 -27.91 18.75
C GLU A 260 6.03 -28.62 18.39
N GLY A 261 7.01 -27.87 17.92
CA GLY A 261 8.36 -28.39 17.69
C GLY A 261 8.65 -28.94 16.29
N TRP A 262 7.86 -28.52 15.31
CA TRP A 262 8.10 -28.92 13.92
C TRP A 262 8.27 -27.71 13.00
N LEU A 263 8.26 -27.93 11.69
CA LEU A 263 8.48 -26.84 10.72
C LEU A 263 7.46 -26.91 9.58
N ALA A 264 6.93 -25.74 9.20
CA ALA A 264 6.03 -25.63 8.07
C ALA A 264 6.63 -24.62 7.11
N GLU A 265 7.02 -25.09 5.93
CA GLU A 265 7.93 -24.36 5.06
C GLU A 265 7.48 -24.31 3.62
N HIS A 266 7.88 -23.25 2.95
CA HIS A 266 7.63 -23.07 1.53
C HIS A 266 8.67 -23.86 0.73
N MET A 267 8.61 -25.19 0.84
CA MET A 267 9.62 -26.04 0.24
C MET A 267 9.05 -27.15 -0.63
N LEU A 268 9.72 -27.42 -1.74
CA LEU A 268 9.51 -28.66 -2.48
C LEU A 268 10.19 -29.80 -1.73
N ILE A 269 9.76 -31.03 -2.01
CA ILE A 269 10.43 -32.24 -1.54
C ILE A 269 10.60 -33.13 -2.77
N LEU A 270 11.81 -33.65 -2.93
CA LEU A 270 12.11 -34.54 -4.05
C LEU A 270 12.98 -35.68 -3.56
N GLY A 271 12.90 -36.81 -4.26
CA GLY A 271 13.77 -37.96 -4.02
C GLY A 271 14.69 -38.08 -5.22
N ILE A 272 15.98 -38.30 -4.97
CA ILE A 272 16.93 -38.42 -6.07
C ILE A 272 17.76 -39.68 -5.89
N THR A 273 17.82 -40.48 -6.95
CA THR A 273 18.56 -41.75 -6.95
C THR A 273 19.77 -41.62 -7.88
N ASN A 274 20.92 -42.08 -7.40
CA ASN A 274 22.15 -41.98 -8.18
C ASN A 274 22.42 -43.29 -8.96
N PRO A 275 23.46 -43.29 -9.84
CA PRO A 275 23.82 -44.49 -10.61
C PRO A 275 24.36 -45.65 -9.78
N GLU A 276 24.54 -45.44 -8.47
CA GLU A 276 24.98 -46.52 -7.54
C GLU A 276 23.79 -47.08 -6.75
N GLY A 277 22.58 -46.69 -7.14
CA GLY A 277 21.36 -47.21 -6.51
C GLY A 277 21.05 -46.67 -5.12
N LYS A 278 21.59 -45.49 -4.80
CA LYS A 278 21.32 -44.84 -3.51
C LYS A 278 20.30 -43.72 -3.71
N LYS A 279 19.36 -43.60 -2.79
CA LYS A 279 18.36 -42.54 -2.88
C LYS A 279 18.41 -41.63 -1.66
N LYS A 280 18.33 -40.32 -1.91
CA LYS A 280 18.23 -39.33 -0.85
C LYS A 280 17.06 -38.39 -1.13
N TYR A 281 16.43 -37.87 -0.08
CA TYR A 281 15.40 -36.86 -0.24
C TYR A 281 15.95 -35.48 0.10
N LEU A 282 15.58 -34.50 -0.71
CA LEU A 282 15.99 -33.11 -0.53
C LEU A 282 14.78 -32.19 -0.47
N ALA A 283 14.89 -31.13 0.33
CA ALA A 283 13.88 -30.06 0.33
C ALA A 283 14.53 -28.78 -0.19
N ALA A 284 13.76 -27.93 -0.86
CA ALA A 284 14.29 -26.66 -1.38
C ALA A 284 13.28 -25.53 -1.25
N ALA A 285 13.73 -24.41 -0.69
CA ALA A 285 12.90 -23.21 -0.54
C ALA A 285 13.38 -22.17 -1.52
N PHE A 286 12.63 -21.95 -2.59
CA PHE A 286 12.83 -20.83 -3.51
C PHE A 286 11.57 -19.97 -3.48
N PRO A 287 11.71 -18.65 -3.65
N PRO A 287 11.71 -18.65 -3.70
CA PRO A 287 10.54 -17.79 -3.62
CA PRO A 287 10.54 -17.80 -3.94
C PRO A 287 9.49 -18.21 -4.64
C PRO A 287 9.91 -18.04 -5.31
N SER A 288 8.27 -17.71 -4.46
N SER A 288 8.66 -17.62 -5.47
CA SER A 288 7.19 -17.93 -5.41
CA SER A 288 7.92 -17.86 -6.70
C SER A 288 7.69 -17.65 -6.82
C SER A 288 8.73 -17.53 -7.96
N ALA A 289 7.42 -18.57 -7.74
N ALA A 289 8.30 -18.07 -9.09
CA ALA A 289 7.84 -18.46 -9.15
CA ALA A 289 8.98 -17.91 -10.38
C ALA A 289 9.36 -18.35 -9.34
C ALA A 289 10.51 -17.98 -10.27
N CYS A 290 10.11 -19.11 -8.55
N CYS A 290 10.98 -18.83 -9.37
CA CYS A 290 11.58 -19.12 -8.66
CA CYS A 290 12.41 -19.08 -9.23
C CYS A 290 12.18 -20.51 -8.85
C CYS A 290 12.72 -20.58 -9.34
N GLY A 291 11.38 -21.45 -9.33
N GLY A 291 11.67 -21.39 -9.46
CA GLY A 291 11.90 -22.72 -9.83
CA GLY A 291 11.83 -22.77 -9.91
C GLY A 291 11.54 -24.00 -9.08
C GLY A 291 11.72 -23.93 -8.92
N LYS A 292 10.73 -23.88 -8.03
CA LYS A 292 10.42 -25.05 -7.18
C LYS A 292 9.79 -26.20 -7.97
N THR A 293 8.66 -25.94 -8.62
CA THR A 293 7.95 -26.97 -9.39
C THR A 293 8.85 -27.63 -10.43
N ASN A 294 9.66 -26.83 -11.10
CA ASN A 294 10.60 -27.32 -12.10
C ASN A 294 11.71 -28.21 -11.57
N LEU A 295 12.19 -27.92 -10.37
CA LEU A 295 13.21 -28.75 -9.73
C LEU A 295 12.59 -30.03 -9.20
N ALA A 296 11.38 -29.91 -8.62
CA ALA A 296 10.72 -31.04 -7.95
C ALA A 296 10.37 -32.16 -8.89
N MET A 297 10.07 -31.79 -10.14
CA MET A 297 9.74 -32.82 -11.14
C MET A 297 10.69 -32.82 -12.33
N MET A 298 11.93 -32.43 -12.05
CA MET A 298 12.99 -32.34 -13.05
C MET A 298 13.19 -33.64 -13.81
N ASN A 299 13.49 -33.51 -15.10
CA ASN A 299 14.01 -34.59 -15.91
C ASN A 299 15.54 -34.44 -16.00
N PRO A 300 16.29 -35.19 -15.16
CA PRO A 300 17.76 -35.06 -15.16
C PRO A 300 18.40 -35.39 -16.50
N THR A 301 19.42 -34.59 -16.86
CA THR A 301 20.19 -34.82 -18.07
C THR A 301 21.32 -35.83 -17.89
N LEU A 302 21.75 -36.02 -16.64
CA LEU A 302 22.84 -36.95 -16.35
C LEU A 302 22.35 -38.40 -16.38
N PRO A 303 23.04 -39.26 -17.16
CA PRO A 303 22.70 -40.69 -17.23
C PRO A 303 22.77 -41.37 -15.87
N GLY A 304 21.79 -42.23 -15.60
CA GLY A 304 21.77 -43.03 -14.38
C GLY A 304 21.22 -42.34 -13.15
N TRP A 305 20.80 -41.08 -13.31
CA TRP A 305 20.18 -40.31 -12.24
C TRP A 305 18.68 -40.22 -12.45
N LYS A 306 17.94 -40.25 -11.36
CA LYS A 306 16.48 -40.15 -11.40
CA LYS A 306 16.48 -40.17 -11.39
C LYS A 306 15.96 -39.24 -10.30
N VAL A 307 15.03 -38.37 -10.66
CA VAL A 307 14.37 -37.48 -9.71
C VAL A 307 12.89 -37.89 -9.62
N GLU A 308 12.38 -37.95 -8.40
CA GLU A 308 10.97 -38.21 -8.16
C GLU A 308 10.39 -37.13 -7.26
N CYS A 309 9.11 -36.79 -7.51
CA CYS A 309 8.46 -35.66 -6.85
C CYS A 309 7.60 -36.09 -5.67
N VAL A 310 7.86 -35.51 -4.49
CA VAL A 310 6.99 -35.75 -3.32
C VAL A 310 6.00 -34.59 -3.18
N GLY A 311 6.51 -33.37 -3.37
CA GLY A 311 5.70 -32.17 -3.36
C GLY A 311 6.47 -31.04 -4.03
N ASP A 312 5.77 -30.00 -4.46
CA ASP A 312 6.40 -28.91 -5.19
C ASP A 312 6.33 -27.54 -4.52
N ASP A 313 5.70 -27.43 -3.36
CA ASP A 313 5.39 -26.09 -2.82
C ASP A 313 5.47 -25.94 -1.31
N ILE A 314 4.91 -26.91 -0.58
CA ILE A 314 4.88 -26.83 0.89
CA ILE A 314 4.85 -26.84 0.88
C ILE A 314 5.38 -28.12 1.51
N ALA A 315 6.16 -27.98 2.57
CA ALA A 315 6.68 -29.13 3.32
C ALA A 315 6.34 -28.98 4.81
N TRP A 316 5.81 -30.04 5.41
CA TRP A 316 5.69 -30.10 6.85
C TRP A 316 6.71 -31.09 7.36
N MET A 317 7.62 -30.63 8.22
CA MET A 317 8.78 -31.43 8.62
C MET A 317 8.90 -31.54 10.14
N LYS A 318 9.22 -32.74 10.62
CA LYS A 318 9.38 -32.96 12.05
C LYS A 318 10.45 -33.99 12.32
N PHE A 319 11.35 -33.70 13.25
CA PHE A 319 12.35 -34.67 13.65
C PHE A 319 11.68 -35.81 14.41
N ASP A 320 11.95 -37.04 13.99
CA ASP A 320 11.41 -38.21 14.67
C ASP A 320 12.28 -38.65 15.85
N ALA A 321 11.91 -39.76 16.49
CA ALA A 321 12.60 -40.21 17.69
C ALA A 321 14.04 -40.65 17.43
N GLN A 322 14.34 -40.91 16.15
CA GLN A 322 15.67 -41.36 15.73
CA GLN A 322 15.68 -41.35 15.75
C GLN A 322 16.53 -40.20 15.26
N GLY A 323 15.95 -39.00 15.18
CA GLY A 323 16.67 -37.79 14.78
C GLY A 323 16.59 -37.45 13.31
N ASN A 324 15.83 -38.22 12.55
CA ASN A 324 15.65 -37.96 11.12
C ASN A 324 14.61 -36.86 10.91
N LEU A 325 14.92 -35.91 10.03
CA LEU A 325 13.95 -34.88 9.69
C LEU A 325 12.95 -35.41 8.67
N ARG A 326 11.81 -35.87 9.16
CA ARG A 326 10.80 -36.50 8.30
C ARG A 326 9.87 -35.44 7.72
N ALA A 327 9.66 -35.48 6.40
CA ALA A 327 8.84 -34.49 5.70
C ALA A 327 7.65 -35.12 4.98
N ILE A 328 6.50 -34.44 5.06
CA ILE A 328 5.35 -34.77 4.21
C ILE A 328 4.96 -33.57 3.35
N ASN A 329 4.38 -33.85 2.18
CA ASN A 329 3.73 -32.84 1.37
C ASN A 329 2.26 -32.74 1.83
N PRO A 330 1.85 -31.58 2.38
CA PRO A 330 0.48 -31.49 2.88
C PRO A 330 -0.57 -31.33 1.78
N GLU A 331 -0.13 -31.04 0.55
CA GLU A 331 -1.04 -30.84 -0.57
C GLU A 331 -1.32 -32.12 -1.32
N ASN A 332 -2.38 -32.11 -2.13
CA ASN A 332 -2.82 -33.26 -2.91
C ASN A 332 -2.69 -32.99 -4.41
N GLY A 333 -2.22 -31.79 -4.76
CA GLY A 333 -2.07 -31.40 -6.14
C GLY A 333 -0.98 -30.37 -6.35
N PHE A 334 -0.78 -29.95 -7.60
CA PHE A 334 0.13 -28.85 -7.95
C PHE A 334 -0.66 -27.66 -8.49
N PHE A 335 -0.40 -26.48 -7.91
CA PHE A 335 -0.99 -25.21 -8.34
C PHE A 335 0.14 -24.39 -8.96
N GLY A 336 0.57 -24.85 -10.14
CA GLY A 336 1.80 -24.37 -10.75
C GLY A 336 1.62 -23.19 -11.68
N VAL A 337 2.67 -22.37 -11.73
CA VAL A 337 2.76 -21.26 -12.69
C VAL A 337 2.79 -21.86 -14.09
N ALA A 338 1.89 -21.39 -14.96
CA ALA A 338 1.78 -21.95 -16.31
C ALA A 338 2.84 -21.42 -17.31
N PRO A 339 2.92 -20.08 -17.49
CA PRO A 339 3.91 -19.57 -18.46
C PRO A 339 5.33 -20.10 -18.22
N GLY A 340 6.03 -20.39 -19.31
CA GLY A 340 7.38 -20.95 -19.25
C GLY A 340 7.39 -22.47 -19.25
N THR A 341 6.26 -23.08 -18.93
CA THR A 341 6.13 -24.54 -18.91
C THR A 341 6.09 -25.08 -20.34
N SER A 342 7.04 -25.96 -20.66
CA SER A 342 7.12 -26.57 -21.99
C SER A 342 7.66 -27.99 -21.89
N VAL A 343 7.49 -28.76 -22.96
CA VAL A 343 8.05 -30.11 -23.04
C VAL A 343 9.55 -30.12 -22.75
N LYS A 344 10.26 -29.11 -23.24
CA LYS A 344 11.72 -29.06 -23.06
C LYS A 344 12.14 -28.67 -21.64
N THR A 345 11.40 -27.75 -21.00
CA THR A 345 11.77 -27.26 -19.67
C THR A 345 11.17 -28.07 -18.52
N ASN A 346 9.94 -28.53 -18.69
CA ASN A 346 9.27 -29.33 -17.66
C ASN A 346 8.36 -30.39 -18.29
N PRO A 347 8.97 -31.43 -18.90
CA PRO A 347 8.19 -32.47 -19.58
C PRO A 347 7.24 -33.19 -18.64
N ASN A 348 7.64 -33.37 -17.39
CA ASN A 348 6.78 -34.06 -16.43
C ASN A 348 5.51 -33.30 -16.05
N ALA A 349 5.61 -31.96 -15.95
CA ALA A 349 4.44 -31.12 -15.75
C ALA A 349 3.48 -31.24 -16.93
N ILE A 350 4.02 -31.14 -18.15
CA ILE A 350 3.21 -31.24 -19.37
C ILE A 350 2.40 -32.54 -19.38
N LYS A 351 3.05 -33.66 -19.04
CA LYS A 351 2.33 -34.94 -18.94
C LYS A 351 1.27 -34.93 -17.83
N THR A 352 1.57 -34.27 -16.71
CA THR A 352 0.66 -34.26 -15.57
C THR A 352 -0.67 -33.57 -15.91
N ILE A 353 -0.58 -32.47 -16.66
CA ILE A 353 -1.72 -31.57 -16.89
C ILE A 353 -2.58 -31.92 -18.12
N GLN A 354 -2.35 -33.09 -18.69
CA GLN A 354 -3.10 -33.53 -19.89
C GLN A 354 -4.55 -33.92 -19.63
N LYS A 355 -4.87 -34.25 -18.38
CA LYS A 355 -6.21 -34.65 -18.00
C LYS A 355 -6.56 -34.15 -16.60
N ASN A 356 -7.87 -34.02 -16.35
CA ASN A 356 -8.41 -33.70 -15.02
C ASN A 356 -7.80 -32.46 -14.37
N THR A 357 -7.57 -31.43 -15.20
CA THR A 357 -6.84 -30.24 -14.78
C THR A 357 -7.65 -28.98 -15.03
N ILE A 358 -7.59 -28.05 -14.08
CA ILE A 358 -8.25 -26.75 -14.20
C ILE A 358 -7.20 -25.68 -14.45
N PHE A 359 -7.38 -24.94 -15.55
CA PHE A 359 -6.49 -23.86 -15.93
C PHE A 359 -7.16 -22.54 -15.65
N THR A 360 -6.40 -21.58 -15.14
CA THR A 360 -6.92 -20.25 -14.87
C THR A 360 -6.06 -19.20 -15.57
N ASN A 361 -6.72 -18.34 -16.35
CA ASN A 361 -6.10 -17.21 -17.06
C ASN A 361 -5.01 -17.56 -18.09
N VAL A 362 -5.10 -18.75 -18.70
CA VAL A 362 -4.25 -19.06 -19.86
C VAL A 362 -5.01 -18.80 -21.17
N ALA A 363 -4.29 -18.90 -22.28
CA ALA A 363 -4.90 -18.76 -23.60
C ALA A 363 -5.48 -20.08 -24.08
N GLU A 364 -6.34 -20.00 -25.08
CA GLU A 364 -6.99 -21.17 -25.68
C GLU A 364 -6.83 -21.13 -27.21
N THR A 365 -6.35 -22.23 -27.78
CA THR A 365 -6.24 -22.34 -29.24
C THR A 365 -7.59 -22.75 -29.85
N SER A 366 -7.72 -22.57 -31.17
CA SER A 366 -8.96 -22.91 -31.88
CA SER A 366 -8.96 -22.91 -31.88
C SER A 366 -9.24 -24.41 -31.89
N ASP A 367 -8.23 -25.20 -31.52
CA ASP A 367 -8.40 -26.65 -31.37
C ASP A 367 -8.84 -27.05 -29.96
N GLY A 368 -9.05 -26.06 -29.10
CA GLY A 368 -9.49 -26.29 -27.71
C GLY A 368 -8.34 -26.71 -26.80
N GLY A 369 -7.13 -26.30 -27.17
CA GLY A 369 -5.95 -26.58 -26.36
C GLY A 369 -5.53 -25.36 -25.56
N VAL A 370 -4.58 -25.56 -24.65
CA VAL A 370 -4.09 -24.45 -23.84
C VAL A 370 -2.86 -23.82 -24.46
N TYR A 371 -2.65 -22.54 -24.17
CA TYR A 371 -1.49 -21.82 -24.68
C TYR A 371 -1.01 -20.78 -23.68
N TRP A 372 0.29 -20.54 -23.67
CA TRP A 372 0.90 -19.51 -22.84
C TRP A 372 2.30 -19.18 -23.35
N GLU A 373 2.81 -18.02 -22.92
CA GLU A 373 4.21 -17.64 -23.15
C GLU A 373 5.16 -18.74 -22.70
N GLY A 374 6.12 -19.05 -23.58
CA GLY A 374 7.15 -20.05 -23.28
C GLY A 374 6.70 -21.50 -23.44
N ILE A 375 5.50 -21.71 -23.98
CA ILE A 375 5.01 -23.07 -24.22
C ILE A 375 5.84 -23.82 -25.29
N ASP A 376 6.53 -23.05 -26.14
CA ASP A 376 7.49 -23.60 -27.10
C ASP A 376 6.82 -24.68 -27.96
N GLU A 377 5.65 -24.33 -28.47
CA GLU A 377 4.78 -25.28 -29.14
C GLU A 377 4.22 -24.64 -30.42
N PRO A 378 4.98 -24.73 -31.53
CA PRO A 378 4.50 -24.17 -32.80
C PRO A 378 3.14 -24.75 -33.19
N LEU A 379 2.21 -23.87 -33.55
CA LEU A 379 0.86 -24.29 -33.91
C LEU A 379 0.74 -24.48 -35.41
N ALA A 380 -0.05 -25.47 -35.81
CA ALA A 380 -0.34 -25.71 -37.22
C ALA A 380 -0.88 -24.44 -37.88
N PRO A 381 -0.53 -24.22 -39.16
CA PRO A 381 -1.10 -23.11 -39.92
C PRO A 381 -2.64 -23.13 -39.87
N GLY A 382 -3.24 -21.99 -39.55
CA GLY A 382 -4.69 -21.89 -39.45
C GLY A 382 -5.22 -21.85 -38.04
N VAL A 383 -4.45 -22.39 -37.09
CA VAL A 383 -4.88 -22.40 -35.69
C VAL A 383 -4.72 -21.00 -35.09
N THR A 384 -5.80 -20.47 -34.51
CA THR A 384 -5.76 -19.15 -33.88
C THR A 384 -5.79 -19.26 -32.36
N ILE A 385 -5.56 -18.13 -31.68
CA ILE A 385 -5.45 -18.09 -30.23
C ILE A 385 -6.43 -17.07 -29.66
N THR A 386 -7.18 -17.48 -28.64
CA THR A 386 -7.96 -16.59 -27.81
C THR A 386 -7.17 -16.34 -26.52
N SER A 387 -6.91 -15.07 -26.20
CA SER A 387 -6.12 -14.72 -25.02
C SER A 387 -6.91 -14.93 -23.72
N TRP A 388 -6.22 -14.73 -22.59
CA TRP A 388 -6.85 -14.87 -21.27
C TRP A 388 -7.91 -13.80 -21.01
N LYS A 389 -7.91 -12.75 -21.84
CA LYS A 389 -8.89 -11.67 -21.76
C LYS A 389 -10.09 -11.91 -22.70
N ASN A 390 -10.13 -13.11 -23.30
CA ASN A 390 -11.19 -13.50 -24.24
C ASN A 390 -11.23 -12.65 -25.52
N LYS A 391 -10.05 -12.26 -25.99
CA LYS A 391 -9.92 -11.56 -27.27
C LYS A 391 -8.95 -12.29 -28.18
N GLU A 392 -9.12 -12.13 -29.49
CA GLU A 392 -8.22 -12.75 -30.47
C GLU A 392 -6.81 -12.19 -30.35
N TRP A 393 -5.82 -13.06 -30.48
CA TRP A 393 -4.44 -12.72 -30.17
C TRP A 393 -3.47 -13.29 -31.20
N ARG A 394 -2.46 -12.51 -31.55
CA ARG A 394 -1.44 -12.90 -32.52
C ARG A 394 -0.05 -12.93 -31.87
N PRO A 395 0.85 -13.83 -32.33
CA PRO A 395 2.19 -13.98 -31.76
C PRO A 395 3.03 -12.70 -31.65
N GLN A 396 2.76 -11.72 -32.51
CA GLN A 396 3.51 -10.46 -32.52
C GLN A 396 2.96 -9.36 -31.61
N ASP A 397 1.77 -9.60 -31.05
CA ASP A 397 1.04 -8.57 -30.28
C ASP A 397 1.77 -8.12 -29.00
N GLU A 398 1.42 -6.92 -28.54
CA GLU A 398 2.09 -6.26 -27.43
C GLU A 398 2.01 -7.00 -26.08
N GLU A 399 0.79 -7.39 -25.70
CA GLU A 399 0.56 -8.01 -24.38
C GLU A 399 0.62 -9.54 -24.45
N PRO A 400 0.88 -10.20 -23.30
CA PRO A 400 0.93 -11.67 -23.32
C PRO A 400 -0.44 -12.30 -23.59
N CYS A 401 -0.45 -13.53 -24.11
CA CYS A 401 -1.70 -14.26 -24.33
C CYS A 401 -2.22 -14.87 -23.03
N ALA A 402 -1.32 -15.12 -22.09
CA ALA A 402 -1.69 -15.61 -20.76
C ALA A 402 -1.18 -14.66 -19.68
N HIS A 403 -1.95 -14.51 -18.61
CA HIS A 403 -1.52 -13.70 -17.47
C HIS A 403 -0.21 -14.27 -16.92
N PRO A 404 0.74 -13.39 -16.54
CA PRO A 404 2.02 -13.87 -15.99
C PRO A 404 1.88 -14.80 -14.77
N ASN A 405 0.78 -14.65 -14.03
CA ASN A 405 0.51 -15.52 -12.89
C ASN A 405 -0.61 -16.54 -13.15
N SER A 406 -0.81 -16.89 -14.42
CA SER A 406 -1.78 -17.91 -14.78
CA SER A 406 -1.77 -17.93 -14.81
C SER A 406 -1.34 -19.26 -14.23
N ARG A 407 -2.32 -20.13 -13.95
CA ARG A 407 -2.00 -21.36 -13.25
C ARG A 407 -2.61 -22.60 -13.87
N PHE A 408 -1.96 -23.73 -13.64
CA PHE A 408 -2.64 -25.01 -13.75
C PHE A 408 -2.88 -25.55 -12.35
N CYS A 409 -4.00 -26.26 -12.17
CA CYS A 409 -4.34 -26.89 -10.91
C CYS A 409 -4.60 -28.35 -11.23
N THR A 410 -3.66 -29.23 -10.81
CA THR A 410 -3.62 -30.60 -11.32
C THR A 410 -3.36 -31.63 -10.21
N PRO A 411 -3.99 -32.82 -10.30
CA PRO A 411 -3.75 -33.83 -9.27
C PRO A 411 -2.30 -34.30 -9.22
N ALA A 412 -1.72 -34.35 -8.02
CA ALA A 412 -0.36 -34.85 -7.84
C ALA A 412 -0.18 -36.30 -8.29
N SER A 413 -1.21 -37.13 -8.10
CA SER A 413 -1.16 -38.56 -8.49
C SER A 413 -0.87 -38.79 -9.96
N GLN A 414 -1.05 -37.74 -10.77
CA GLN A 414 -0.88 -37.82 -12.22
C GLN A 414 0.54 -37.51 -12.69
N CYS A 415 1.40 -37.06 -11.79
CA CYS A 415 2.77 -36.79 -12.14
C CYS A 415 3.46 -38.11 -12.49
N PRO A 416 4.06 -38.20 -13.71
CA PRO A 416 4.64 -39.48 -14.12
C PRO A 416 5.80 -39.95 -13.22
N ILE A 417 6.38 -39.02 -12.46
CA ILE A 417 7.48 -39.35 -11.54
CA ILE A 417 7.48 -39.34 -11.55
C ILE A 417 7.13 -39.06 -10.08
N ILE A 418 5.85 -39.15 -9.74
CA ILE A 418 5.43 -39.02 -8.35
C ILE A 418 6.11 -40.14 -7.54
N ASP A 419 6.64 -39.75 -6.38
CA ASP A 419 7.45 -40.64 -5.56
C ASP A 419 6.58 -41.74 -4.95
N PRO A 420 7.09 -42.98 -4.92
CA PRO A 420 6.28 -44.05 -4.32
C PRO A 420 5.96 -43.80 -2.83
N ALA A 421 6.68 -42.89 -2.18
CA ALA A 421 6.43 -42.58 -0.77
C ALA A 421 5.80 -41.19 -0.56
N TRP A 422 5.27 -40.59 -1.62
CA TRP A 422 4.68 -39.24 -1.50
C TRP A 422 3.43 -39.18 -0.62
N GLU A 423 2.86 -40.34 -0.30
CA GLU A 423 1.71 -40.42 0.60
C GLU A 423 1.98 -41.29 1.82
N SER A 424 3.25 -41.65 2.04
CA SER A 424 3.61 -42.41 3.23
CA SER A 424 3.62 -42.41 3.22
C SER A 424 3.36 -41.56 4.48
N PRO A 425 2.56 -42.11 5.42
CA PRO A 425 2.17 -41.38 6.65
C PRO A 425 3.32 -40.84 7.49
N GLU A 426 4.39 -41.64 7.62
CA GLU A 426 5.57 -41.23 8.42
C GLU A 426 6.44 -40.18 7.72
N GLY A 427 6.24 -40.01 6.41
CA GLY A 427 7.00 -39.01 5.66
C GLY A 427 8.36 -39.53 5.21
N VAL A 428 9.12 -38.66 4.55
CA VAL A 428 10.43 -39.01 3.98
C VAL A 428 11.59 -38.25 4.63
N PRO A 429 12.73 -38.93 4.84
CA PRO A 429 13.84 -38.33 5.58
C PRO A 429 14.65 -37.33 4.73
N ILE A 430 14.66 -36.06 5.15
CA ILE A 430 15.33 -34.98 4.42
C ILE A 430 16.82 -34.93 4.79
N GLU A 431 17.69 -35.00 3.79
CA GLU A 431 19.14 -35.05 4.04
C GLU A 431 19.84 -33.76 3.64
N GLY A 432 19.14 -32.94 2.87
CA GLY A 432 19.66 -31.65 2.46
C GLY A 432 18.54 -30.67 2.24
N ILE A 433 18.83 -29.40 2.56
CA ILE A 433 17.88 -28.30 2.40
C ILE A 433 18.58 -27.28 1.53
N ILE A 434 17.91 -26.83 0.48
CA ILE A 434 18.52 -25.92 -0.49
C ILE A 434 17.77 -24.61 -0.51
N PHE A 435 18.50 -23.49 -0.41
CA PHE A 435 17.93 -22.16 -0.52
C PHE A 435 18.36 -21.56 -1.84
N GLY A 436 17.60 -20.61 -2.36
CA GLY A 436 17.99 -19.94 -3.61
C GLY A 436 16.95 -18.98 -4.12
N GLY A 437 17.38 -18.11 -5.03
CA GLY A 437 16.49 -17.15 -5.65
C GLY A 437 17.08 -16.62 -6.93
N ARG A 438 16.46 -15.56 -7.46
CA ARG A 438 16.89 -14.97 -8.71
CA ARG A 438 16.89 -14.97 -8.71
C ARG A 438 17.87 -13.83 -8.42
N ARG A 439 19.16 -14.08 -8.70
CA ARG A 439 20.21 -13.08 -8.50
C ARG A 439 21.02 -12.97 -9.78
N PRO A 440 20.89 -11.84 -10.51
CA PRO A 440 21.60 -11.71 -11.80
C PRO A 440 23.11 -11.56 -11.66
N ALA A 441 23.57 -11.12 -10.50
CA ALA A 441 24.98 -10.81 -10.29
C ALA A 441 25.53 -11.30 -8.95
N GLY A 442 26.82 -11.59 -8.92
CA GLY A 442 27.58 -11.76 -7.69
C GLY A 442 27.52 -13.11 -6.99
N VAL A 443 26.37 -13.76 -7.05
CA VAL A 443 26.13 -15.01 -6.31
C VAL A 443 26.43 -16.24 -7.21
N PRO A 444 27.38 -17.10 -6.77
CA PRO A 444 27.78 -18.28 -7.54
C PRO A 444 26.68 -19.33 -7.68
N LEU A 445 26.88 -20.26 -8.61
CA LEU A 445 25.92 -21.29 -8.95
C LEU A 445 25.47 -22.13 -7.74
N VAL A 446 26.44 -22.50 -6.90
CA VAL A 446 26.13 -23.28 -5.71
C VAL A 446 27.22 -23.11 -4.65
N TYR A 447 26.78 -22.99 -3.41
CA TYR A 447 27.67 -23.09 -2.27
C TYR A 447 27.00 -23.81 -1.10
N GLU A 448 27.81 -24.22 -0.13
CA GLU A 448 27.36 -25.03 0.99
C GLU A 448 27.68 -24.29 2.29
N ALA A 449 26.68 -24.20 3.16
CA ALA A 449 26.83 -23.59 4.48
C ALA A 449 27.85 -24.32 5.32
N LEU A 450 28.55 -23.58 6.18
CA LEU A 450 29.65 -24.08 7.01
C LEU A 450 29.19 -24.81 8.26
N SER A 451 27.94 -24.55 8.63
CA SER A 451 27.33 -25.09 9.84
C SER A 451 25.84 -24.86 9.76
N TRP A 452 25.11 -25.45 10.69
CA TRP A 452 23.67 -25.22 10.79
C TRP A 452 23.38 -23.74 11.00
N GLN A 453 24.11 -23.13 11.94
CA GLN A 453 23.94 -21.71 12.23
C GLN A 453 24.23 -20.85 11.00
N HIS A 454 25.33 -21.15 10.31
CA HIS A 454 25.61 -20.46 9.06
C HIS A 454 24.49 -20.69 8.05
N GLY A 455 23.98 -21.93 7.99
CA GLY A 455 22.89 -22.29 7.09
C GLY A 455 21.59 -21.54 7.35
N VAL A 456 21.29 -21.31 8.63
CA VAL A 456 20.10 -20.53 8.98
C VAL A 456 20.29 -19.07 8.59
N PHE A 457 21.51 -18.56 8.77
CA PHE A 457 21.85 -17.23 8.28
C PHE A 457 21.67 -17.11 6.76
N VAL A 458 22.15 -18.10 6.03
CA VAL A 458 22.01 -18.14 4.56
C VAL A 458 20.53 -18.03 4.18
N GLY A 459 19.69 -18.82 4.84
CA GLY A 459 18.24 -18.72 4.65
C GLY A 459 17.74 -17.31 4.93
N ALA A 460 18.18 -16.76 6.06
CA ALA A 460 17.74 -15.45 6.53
C ALA A 460 18.15 -14.33 5.57
N ALA A 461 19.25 -14.54 4.86
CA ALA A 461 19.85 -13.51 4.01
C ALA A 461 19.33 -13.54 2.57
N MET A 462 18.46 -14.51 2.26
CA MET A 462 18.01 -14.71 0.87
C MET A 462 17.44 -13.44 0.26
N ARG A 463 17.84 -13.17 -0.97
CA ARG A 463 17.30 -12.07 -1.74
C ARG A 463 17.00 -12.60 -3.13
N SER A 464 15.99 -12.00 -3.79
CA SER A 464 15.53 -12.52 -5.07
C SER A 464 14.72 -11.47 -5.81
N GLU A 465 14.79 -11.51 -7.14
CA GLU A 465 13.97 -10.65 -7.99
C GLU A 465 12.49 -10.88 -7.70
N ALA A 466 11.72 -9.79 -7.75
CA ALA A 466 10.26 -9.83 -7.64
C ALA A 466 9.66 -10.64 -8.78
N THR A 467 8.56 -11.32 -8.50
CA THR A 467 7.85 -12.11 -9.50
C THR A 467 6.39 -11.68 -9.59
N ALA A 468 5.60 -12.38 -10.40
CA ALA A 468 4.19 -12.05 -10.60
C ALA A 468 3.23 -12.80 -9.65
N ALA A 469 3.79 -13.52 -8.68
CA ALA A 469 2.98 -14.33 -7.76
C ALA A 469 2.10 -13.50 -6.82
N ALA A 470 2.53 -12.27 -6.56
CA ALA A 470 1.79 -11.30 -5.77
C ALA A 470 1.74 -9.96 -6.48
N GLU A 471 1.64 -8.87 -5.72
CA GLU A 471 1.41 -7.54 -6.30
C GLU A 471 2.68 -6.76 -6.66
N HIS A 472 3.85 -7.37 -6.45
CA HIS A 472 5.11 -6.67 -6.64
C HIS A 472 5.54 -6.68 -8.11
N LYS A 473 5.58 -5.48 -8.70
CA LYS A 473 5.91 -5.33 -10.12
C LYS A 473 7.39 -5.05 -10.30
N GLY A 474 7.86 -5.07 -11.55
CA GLY A 474 9.28 -4.90 -11.85
C GLY A 474 10.07 -6.14 -11.47
N LYS A 475 11.40 -6.02 -11.47
CA LYS A 475 12.26 -7.17 -11.13
C LYS A 475 13.24 -6.83 -10.01
N VAL A 476 12.95 -5.76 -9.26
CA VAL A 476 13.82 -5.30 -8.17
C VAL A 476 14.08 -6.43 -7.17
N ILE A 477 15.33 -6.51 -6.71
CA ILE A 477 15.77 -7.56 -5.79
C ILE A 477 15.24 -7.29 -4.38
N MET A 478 14.47 -8.25 -3.87
CA MET A 478 13.80 -8.12 -2.59
C MET A 478 14.36 -9.14 -1.62
N HIS A 479 14.41 -8.79 -0.35
CA HIS A 479 14.63 -9.78 0.68
C HIS A 479 13.45 -10.75 0.74
N ASP A 480 13.76 -12.04 0.75
CA ASP A 480 12.75 -13.07 0.92
C ASP A 480 13.32 -14.20 1.75
N PRO A 481 13.48 -13.98 3.08
CA PRO A 481 14.14 -14.99 3.90
C PRO A 481 13.38 -16.30 3.91
N PHE A 482 14.11 -17.39 3.62
CA PHE A 482 13.55 -18.75 3.60
C PHE A 482 12.41 -18.92 2.57
N ALA A 483 12.34 -17.97 1.64
CA ALA A 483 11.25 -17.89 0.66
C ALA A 483 9.90 -17.73 1.37
N MET A 484 9.92 -17.14 2.56
CA MET A 484 8.68 -17.09 3.32
CA MET A 484 8.76 -17.10 3.44
C MET A 484 8.21 -15.71 3.76
N ARG A 485 8.74 -14.68 3.09
CA ARG A 485 8.36 -13.32 3.41
C ARG A 485 6.85 -13.05 3.38
N PRO A 486 6.12 -13.61 2.39
CA PRO A 486 4.67 -13.40 2.38
C PRO A 486 3.91 -14.33 3.33
N PHE A 487 4.62 -15.22 4.03
CA PHE A 487 3.96 -16.35 4.68
C PHE A 487 4.25 -16.62 6.17
N PHE A 488 5.10 -15.80 6.80
CA PHE A 488 5.39 -15.99 8.22
C PHE A 488 4.10 -15.86 9.01
N GLY A 489 3.81 -16.89 9.80
CA GLY A 489 2.63 -16.87 10.67
C GLY A 489 2.86 -16.11 11.97
N TYR A 490 4.13 -15.74 12.21
CA TYR A 490 4.53 -15.09 13.46
C TYR A 490 5.87 -14.36 13.27
N ASN A 491 6.34 -13.75 14.35
CA ASN A 491 7.56 -12.95 14.39
C ASN A 491 8.76 -13.67 13.77
N PHE A 492 9.32 -13.08 12.73
CA PHE A 492 10.42 -13.68 11.95
C PHE A 492 11.67 -13.94 12.79
N GLY A 493 11.96 -13.05 13.74
CA GLY A 493 13.06 -13.25 14.68
C GLY A 493 12.87 -14.53 15.48
N LYS A 494 11.65 -14.75 15.96
CA LYS A 494 11.31 -15.98 16.69
C LYS A 494 11.39 -17.21 15.79
N TYR A 495 11.03 -17.04 14.52
CA TYR A 495 11.17 -18.09 13.50
C TYR A 495 12.65 -18.50 13.35
N LEU A 496 13.53 -17.51 13.26
CA LEU A 496 14.98 -17.77 13.24
C LEU A 496 15.44 -18.53 14.48
N ALA A 497 14.99 -18.09 15.66
CA ALA A 497 15.24 -18.79 16.91
C ALA A 497 14.75 -20.24 16.86
N HIS A 498 13.58 -20.46 16.28
CA HIS A 498 12.99 -21.79 16.19
C HIS A 498 13.88 -22.72 15.35
N TRP A 499 14.29 -22.24 14.18
CA TRP A 499 15.24 -22.95 13.33
C TRP A 499 16.56 -23.25 14.04
N LEU A 500 17.10 -22.25 14.74
CA LEU A 500 18.35 -22.44 15.45
C LEU A 500 18.25 -23.46 16.57
N SER A 501 17.08 -23.54 17.20
CA SER A 501 16.86 -24.45 18.32
C SER A 501 16.99 -25.92 17.92
N MET A 502 16.84 -26.22 16.63
CA MET A 502 16.92 -27.59 16.13
CA MET A 502 16.93 -27.59 16.14
C MET A 502 18.29 -28.23 16.41
N ALA A 503 19.31 -27.40 16.50
CA ALA A 503 20.68 -27.85 16.80
C ALA A 503 20.88 -28.35 18.24
N HIS A 504 19.95 -27.99 19.13
CA HIS A 504 20.04 -28.35 20.54
C HIS A 504 19.02 -29.42 20.92
N ARG A 505 18.30 -29.91 19.92
CA ARG A 505 17.37 -31.03 20.07
C ARG A 505 18.15 -32.34 20.13
N PRO A 506 17.91 -33.18 21.16
CA PRO A 506 18.67 -34.42 21.31
C PRO A 506 18.45 -35.39 20.14
N ALA A 507 19.56 -35.87 19.57
CA ALA A 507 19.58 -36.87 18.48
C ALA A 507 19.42 -36.32 17.07
N ALA A 508 19.10 -35.03 16.94
CA ALA A 508 18.82 -34.42 15.63
C ALA A 508 19.93 -34.63 14.60
N LYS A 509 19.53 -35.14 13.44
CA LYS A 509 20.43 -35.31 12.32
C LYS A 509 20.18 -34.13 11.38
N LEU A 510 20.99 -33.09 11.53
CA LEU A 510 20.77 -31.83 10.83
C LEU A 510 21.20 -31.92 9.38
N PRO A 511 20.27 -31.62 8.45
CA PRO A 511 20.58 -31.69 7.02
C PRO A 511 21.64 -30.69 6.63
N LYS A 512 22.44 -31.04 5.63
CA LYS A 512 23.37 -30.11 5.01
C LYS A 512 22.55 -29.04 4.32
N ILE A 513 23.05 -27.80 4.37
CA ILE A 513 22.34 -26.67 3.78
C ILE A 513 23.18 -26.10 2.63
N PHE A 514 22.51 -25.88 1.51
CA PHE A 514 23.13 -25.29 0.32
C PHE A 514 22.38 -24.03 -0.13
N HIS A 515 23.06 -23.23 -0.92
CA HIS A 515 22.42 -22.13 -1.62
C HIS A 515 22.75 -22.22 -3.09
N VAL A 516 21.73 -22.11 -3.94
CA VAL A 516 21.93 -22.14 -5.39
C VAL A 516 21.53 -20.83 -6.05
N ASN A 517 22.03 -20.63 -7.28
CA ASN A 517 21.60 -19.55 -8.13
C ASN A 517 21.56 -20.01 -9.58
N TRP A 518 20.35 -20.22 -10.09
CA TRP A 518 20.19 -20.69 -11.46
C TRP A 518 20.23 -19.52 -12.40
N PHE A 519 20.19 -18.32 -11.83
CA PHE A 519 19.75 -17.16 -12.59
C PHE A 519 20.82 -16.09 -12.78
N ARG A 520 22.09 -16.44 -12.61
CA ARG A 520 23.20 -15.49 -12.85
C ARG A 520 23.36 -15.18 -14.34
N LYS A 521 23.42 -13.88 -14.65
CA LYS A 521 23.51 -13.43 -16.04
C LYS A 521 24.84 -12.76 -16.31
N ASP A 522 25.34 -12.91 -17.54
CA ASP A 522 26.59 -12.26 -17.95
C ASP A 522 26.39 -10.76 -18.18
N LYS A 523 27.43 -10.13 -18.73
CA LYS A 523 27.49 -8.68 -18.87
C LYS A 523 26.55 -8.10 -19.94
N ASN A 524 25.84 -8.97 -20.66
CA ASN A 524 24.81 -8.51 -21.60
C ASN A 524 23.43 -9.19 -21.44
N GLY A 525 23.24 -9.88 -20.31
CA GLY A 525 21.91 -10.26 -19.87
C GLY A 525 21.45 -11.68 -20.13
N LYS A 526 22.35 -12.52 -20.62
CA LYS A 526 22.00 -13.92 -20.85
C LYS A 526 22.47 -14.80 -19.69
N PHE A 527 21.69 -15.84 -19.41
CA PHE A 527 21.97 -16.77 -18.32
C PHE A 527 23.31 -17.47 -18.53
N LEU A 528 24.11 -17.54 -17.46
CA LEU A 528 25.42 -18.20 -17.50
C LEU A 528 25.28 -19.70 -17.34
N TRP A 529 24.13 -20.11 -16.84
CA TRP A 529 23.84 -21.53 -16.59
C TRP A 529 22.53 -21.92 -17.30
N PRO A 530 22.57 -22.99 -18.13
CA PRO A 530 21.38 -23.47 -18.87
C PRO A 530 20.20 -23.87 -17.98
N GLY A 531 20.48 -24.43 -16.80
CA GLY A 531 19.45 -24.78 -15.84
C GLY A 531 18.55 -25.94 -16.22
N PHE A 532 17.35 -25.93 -15.66
CA PHE A 532 16.36 -27.01 -15.80
C PHE A 532 16.97 -28.39 -15.56
N GLY A 533 16.92 -29.26 -16.56
CA GLY A 533 17.46 -30.61 -16.42
C GLY A 533 18.93 -30.63 -16.08
N GLU A 534 19.66 -29.61 -16.50
CA GLU A 534 21.10 -29.52 -16.22
C GLU A 534 21.40 -29.29 -14.73
N ASN A 535 20.40 -28.80 -13.99
CA ASN A 535 20.55 -28.63 -12.53
C ASN A 535 20.88 -29.94 -11.81
N SER A 536 20.67 -31.06 -12.50
CA SER A 536 21.03 -32.37 -11.96
C SER A 536 22.53 -32.45 -11.68
N ARG A 537 23.33 -31.66 -12.40
CA ARG A 537 24.77 -31.63 -12.19
C ARG A 537 25.12 -31.00 -10.84
N VAL A 538 24.31 -30.02 -10.43
CA VAL A 538 24.45 -29.43 -9.10
C VAL A 538 23.96 -30.39 -8.02
N LEU A 539 22.82 -31.05 -8.26
CA LEU A 539 22.30 -32.02 -7.30
C LEU A 539 23.27 -33.18 -7.09
N GLU A 540 23.96 -33.59 -8.16
CA GLU A 540 25.00 -34.62 -8.06
C GLU A 540 26.06 -34.22 -7.03
N TRP A 541 26.49 -32.97 -7.11
CA TRP A 541 27.51 -32.45 -6.19
C TRP A 541 27.02 -32.47 -4.74
N MET A 542 25.77 -32.07 -4.54
CA MET A 542 25.17 -32.03 -3.21
C MET A 542 25.09 -33.42 -2.63
N PHE A 543 24.68 -34.37 -3.48
CA PHE A 543 24.51 -35.77 -3.09
C PHE A 543 25.84 -36.29 -2.54
N GLY A 544 26.93 -36.04 -3.27
CA GLY A 544 28.27 -36.46 -2.84
C GLY A 544 28.73 -35.81 -1.54
N ARG A 545 28.45 -34.53 -1.41
CA ARG A 545 28.76 -33.80 -0.17
C ARG A 545 28.05 -34.40 1.04
N ILE A 546 26.78 -34.76 0.86
CA ILE A 546 26.02 -35.43 1.94
C ILE A 546 26.70 -36.74 2.31
N GLU A 547 27.19 -37.45 1.29
CA GLU A 547 27.88 -38.74 1.49
C GLU A 547 29.25 -38.59 2.14
N GLY A 548 29.75 -37.35 2.21
CA GLY A 548 31.03 -37.05 2.83
C GLY A 548 32.18 -36.90 1.86
N GLU A 549 31.86 -36.78 0.57
CA GLU A 549 32.88 -36.62 -0.47
C GLU A 549 33.76 -35.38 -0.30
N ASP A 550 35.03 -35.57 -0.60
N ASP A 550 35.06 -35.56 -0.50
CA ASP A 550 36.10 -34.59 -0.53
CA ASP A 550 36.04 -34.47 -0.44
C ASP A 550 36.06 -33.61 -1.72
C ASP A 550 36.03 -33.73 -1.77
N SER A 551 34.88 -33.16 -2.09
CA SER A 551 34.66 -32.46 -3.37
C SER A 551 34.51 -30.94 -3.25
N ALA A 552 34.87 -30.40 -2.09
CA ALA A 552 34.62 -28.98 -1.79
C ALA A 552 35.88 -28.20 -1.48
N LYS A 553 35.84 -26.91 -1.84
CA LYS A 553 36.87 -25.94 -1.50
C LYS A 553 36.27 -24.82 -0.65
N LEU A 554 37.01 -24.38 0.36
CA LEU A 554 36.56 -23.34 1.29
C LEU A 554 36.70 -21.96 0.66
N THR A 555 35.63 -21.17 0.76
CA THR A 555 35.65 -19.75 0.35
C THR A 555 35.01 -18.92 1.47
N PRO A 556 35.13 -17.58 1.39
CA PRO A 556 34.51 -16.70 2.39
C PRO A 556 32.99 -16.81 2.55
N ILE A 557 32.28 -17.37 1.57
CA ILE A 557 30.81 -17.46 1.65
C ILE A 557 30.36 -18.88 2.03
N GLY A 558 31.30 -19.81 2.05
CA GLY A 558 30.99 -21.22 2.28
C GLY A 558 31.81 -22.14 1.37
N TYR A 559 31.45 -23.42 1.34
CA TYR A 559 32.11 -24.38 0.46
C TYR A 559 31.54 -24.31 -0.96
N VAL A 560 32.42 -24.37 -1.95
CA VAL A 560 32.04 -24.46 -3.37
C VAL A 560 32.67 -25.71 -3.98
N PRO A 561 32.18 -26.16 -5.16
CA PRO A 561 32.86 -27.29 -5.81
C PRO A 561 34.32 -27.00 -6.11
N LYS A 562 35.16 -27.98 -5.87
CA LYS A 562 36.55 -27.98 -6.33
C LYS A 562 36.61 -27.86 -7.84
N GLU A 563 37.76 -27.42 -8.34
CA GLU A 563 38.08 -27.52 -9.75
C GLU A 563 37.75 -28.93 -10.25
N ASP A 564 36.99 -29.01 -11.34
CA ASP A 564 36.63 -30.27 -12.01
C ASP A 564 35.66 -31.20 -11.25
N ALA A 565 35.21 -30.77 -10.07
CA ALA A 565 34.29 -31.59 -9.26
C ALA A 565 32.89 -31.65 -9.87
N LEU A 566 32.50 -30.59 -10.57
CA LEU A 566 31.21 -30.52 -11.23
C LEU A 566 31.28 -31.21 -12.59
N ASN A 567 30.30 -32.06 -12.87
CA ASN A 567 30.22 -32.72 -14.17
C ASN A 567 29.68 -31.74 -15.21
N LEU A 568 30.57 -31.30 -16.10
CA LEU A 568 30.22 -30.33 -17.14
C LEU A 568 30.26 -30.96 -18.54
N LYS A 569 30.41 -32.29 -18.58
CA LYS A 569 30.48 -33.02 -19.85
C LYS A 569 29.20 -32.82 -20.67
N GLY A 570 29.38 -32.42 -21.93
CA GLY A 570 28.27 -32.22 -22.85
C GLY A 570 27.65 -30.83 -22.75
N LEU A 571 28.30 -29.96 -21.98
CA LEU A 571 27.77 -28.62 -21.73
C LEU A 571 28.60 -27.54 -22.42
N GLY A 572 29.54 -27.97 -23.26
CA GLY A 572 30.42 -27.05 -23.99
C GLY A 572 31.35 -26.29 -23.07
N ASP A 573 31.77 -25.12 -23.51
CA ASP A 573 32.62 -24.25 -22.70
C ASP A 573 31.73 -23.30 -21.88
N VAL A 574 31.22 -23.80 -20.77
CA VAL A 574 30.50 -22.99 -19.80
C VAL A 574 31.51 -22.05 -19.13
N ASN A 575 31.16 -20.77 -19.06
CA ASN A 575 32.06 -19.78 -18.46
C ASN A 575 32.16 -19.97 -16.95
N VAL A 576 33.13 -20.80 -16.55
CA VAL A 576 33.25 -21.29 -15.17
C VAL A 576 33.46 -20.23 -14.08
N GLU A 577 34.58 -19.52 -14.10
CA GLU A 577 34.83 -18.56 -13.00
C GLU A 577 34.10 -17.22 -13.13
N GLU A 578 33.32 -17.05 -14.20
CA GLU A 578 32.32 -16.00 -14.20
C GLU A 578 31.11 -16.51 -13.41
N LEU A 579 30.76 -17.78 -13.62
CA LEU A 579 29.65 -18.41 -12.94
C LEU A 579 29.95 -18.68 -11.46
N PHE A 580 31.21 -19.00 -11.15
CA PHE A 580 31.63 -19.33 -9.78
CA PHE A 580 31.61 -19.30 -9.77
C PHE A 580 32.45 -18.20 -9.11
N GLY A 581 32.61 -17.08 -9.81
CA GLY A 581 33.40 -15.95 -9.30
C GLY A 581 32.86 -15.28 -8.05
N ILE A 582 33.75 -15.04 -7.09
CA ILE A 582 33.40 -14.37 -5.83
C ILE A 582 34.22 -13.08 -5.69
N SER A 583 33.54 -11.94 -5.86
CA SER A 583 34.17 -10.62 -5.81
C SER A 583 34.08 -10.02 -4.41
N LYS A 584 35.23 -9.56 -3.91
CA LYS A 584 35.27 -8.89 -2.60
C LYS A 584 34.36 -7.67 -2.57
N GLU A 585 34.39 -6.90 -3.65
CA GLU A 585 33.60 -5.66 -3.75
CA GLU A 585 33.60 -5.66 -3.74
C GLU A 585 32.10 -5.93 -3.72
N PHE A 586 31.66 -6.99 -4.41
CA PHE A 586 30.25 -7.39 -4.41
C PHE A 586 29.80 -7.84 -3.03
N TRP A 587 30.62 -8.68 -2.39
CA TRP A 587 30.24 -9.26 -1.10
C TRP A 587 30.38 -8.31 0.10
N GLU A 588 31.27 -7.32 -0.01
CA GLU A 588 31.27 -6.20 0.94
C GLU A 588 29.94 -5.46 0.92
N LYS A 589 29.49 -5.12 -0.28
CA LYS A 589 28.18 -4.51 -0.50
C LYS A 589 27.05 -5.38 0.04
N GLU A 590 27.15 -6.68 -0.23
CA GLU A 590 26.12 -7.63 0.12
C GLU A 590 25.94 -7.69 1.64
N VAL A 591 27.05 -7.88 2.35
CA VAL A 591 27.00 -8.02 3.80
CA VAL A 591 27.02 -8.00 3.81
C VAL A 591 26.49 -6.74 4.51
N GLU A 592 26.88 -5.56 4.01
CA GLU A 592 26.38 -4.32 4.57
CA GLU A 592 26.38 -4.31 4.55
C GLU A 592 24.87 -4.21 4.36
N GLU A 593 24.40 -4.64 3.20
CA GLU A 593 22.98 -4.59 2.89
C GLU A 593 22.21 -5.55 3.81
N ILE A 594 22.73 -6.75 4.00
CA ILE A 594 22.12 -7.73 4.90
C ILE A 594 22.10 -7.18 6.34
N ASP A 595 23.21 -6.56 6.74
CA ASP A 595 23.36 -5.98 8.07
C ASP A 595 22.24 -4.97 8.32
N LYS A 596 22.13 -3.97 7.43
CA LYS A 596 21.12 -2.92 7.59
C LYS A 596 19.70 -3.45 7.55
N TYR A 597 19.45 -4.47 6.72
CA TYR A 597 18.12 -5.08 6.63
C TYR A 597 17.74 -5.74 7.95
N LEU A 598 18.63 -6.60 8.45
CA LEU A 598 18.37 -7.33 9.68
C LEU A 598 18.23 -6.39 10.88
N GLU A 599 19.04 -5.34 10.92
CA GLU A 599 18.98 -4.34 11.99
C GLU A 599 17.64 -3.61 11.97
N ASP A 600 17.21 -3.19 10.79
CA ASP A 600 15.95 -2.48 10.63
C ASP A 600 14.74 -3.37 10.89
N GLN A 601 14.70 -4.51 10.21
CA GLN A 601 13.51 -5.35 10.14
C GLN A 601 13.33 -6.33 11.28
N VAL A 602 14.44 -6.79 11.86
CA VAL A 602 14.39 -7.82 12.92
C VAL A 602 14.73 -7.24 14.29
N ASN A 603 15.73 -6.34 14.32
CA ASN A 603 15.97 -5.53 15.53
CA ASN A 603 16.12 -5.56 15.52
C ASN A 603 16.23 -6.36 16.81
N ALA A 604 15.39 -6.08 17.82
CA ALA A 604 15.49 -6.72 19.13
C ALA A 604 15.24 -8.21 19.11
N ASP A 605 14.63 -8.70 18.02
CA ASP A 605 14.27 -10.11 17.91
C ASP A 605 15.26 -10.91 17.07
N LEU A 606 16.35 -10.28 16.64
CA LEU A 606 17.40 -10.98 15.93
C LEU A 606 18.21 -11.87 16.87
N PRO A 607 18.22 -13.20 16.63
CA PRO A 607 18.99 -14.10 17.48
C PRO A 607 20.48 -13.78 17.46
N TYR A 608 21.10 -13.85 18.64
CA TYR A 608 22.54 -13.68 18.81
C TYR A 608 23.35 -14.40 17.73
N GLU A 609 22.95 -15.63 17.43
CA GLU A 609 23.69 -16.50 16.51
C GLU A 609 23.66 -16.02 15.06
N ILE A 610 22.59 -15.33 14.69
CA ILE A 610 22.49 -14.76 13.33
C ILE A 610 23.38 -13.53 13.20
N GLU A 611 23.34 -12.65 14.21
CA GLU A 611 24.25 -11.51 14.29
C GLU A 611 25.70 -11.99 14.24
N ARG A 612 26.00 -13.07 14.98
CA ARG A 612 27.33 -13.68 14.96
C ARG A 612 27.76 -14.15 13.57
N GLU A 613 26.86 -14.83 12.86
CA GLU A 613 27.18 -15.27 11.50
C GLU A 613 27.42 -14.09 10.56
N LEU A 614 26.63 -13.04 10.74
CA LEU A 614 26.84 -11.79 10.01
C LEU A 614 28.26 -11.26 10.23
N ARG A 615 28.64 -11.14 11.50
CA ARG A 615 29.99 -10.69 11.88
CA ARG A 615 29.98 -10.70 11.88
C ARG A 615 31.06 -11.59 11.25
N ALA A 616 30.83 -12.89 11.29
CA ALA A 616 31.79 -13.87 10.77
C ALA A 616 31.98 -13.73 9.27
N LEU A 617 30.86 -13.56 8.55
CA LEU A 617 30.93 -13.39 7.10
C LEU A 617 31.67 -12.11 6.73
N LYS A 618 31.32 -11.01 7.41
CA LYS A 618 31.99 -9.72 7.20
CA LYS A 618 31.99 -9.72 7.22
C LYS A 618 33.50 -9.85 7.39
N GLN A 619 33.90 -10.62 8.40
CA GLN A 619 35.32 -10.84 8.69
C GLN A 619 36.04 -11.66 7.63
N ARG A 620 35.41 -12.75 7.19
CA ARG A 620 35.97 -13.59 6.13
C ARG A 620 36.15 -12.78 4.84
N ILE A 621 35.14 -11.97 4.52
CA ILE A 621 35.21 -11.09 3.35
C ILE A 621 36.33 -10.05 3.49
N SER A 622 36.50 -9.50 4.69
CA SER A 622 37.51 -8.46 4.93
C SER A 622 38.94 -8.96 4.73
N GLN A 623 39.13 -10.26 4.82
CA GLN A 623 40.46 -10.88 4.75
C GLN A 623 40.83 -11.37 3.34
N MET A 624 39.95 -11.15 2.36
CA MET A 624 40.27 -11.50 0.98
C MET A 624 40.90 -10.34 0.22
N LEU B 11 -37.07 22.79 20.50
CA LEU B 11 -38.20 22.26 19.67
C LEU B 11 -37.83 20.95 18.97
N ASP B 12 -38.87 20.22 18.53
CA ASP B 12 -38.71 18.97 17.80
C ASP B 12 -38.83 19.25 16.30
N PHE B 13 -37.72 19.04 15.58
CA PHE B 13 -37.62 19.33 14.15
CA PHE B 13 -37.68 19.33 14.15
C PHE B 13 -37.83 18.07 13.29
N SER B 14 -38.31 17.00 13.91
CA SER B 14 -38.52 15.72 13.22
C SER B 14 -39.32 15.83 11.92
N ALA B 15 -40.33 16.70 11.91
CA ALA B 15 -41.24 16.83 10.76
C ALA B 15 -40.53 17.34 9.50
N LYS B 16 -39.39 18.01 9.69
CA LYS B 16 -38.63 18.63 8.59
CA LYS B 16 -38.69 18.59 8.54
C LYS B 16 -37.55 17.72 8.00
N VAL B 17 -37.37 16.54 8.59
CA VAL B 17 -36.28 15.63 8.15
C VAL B 17 -36.66 14.91 6.86
N ILE B 18 -35.86 15.10 5.81
CA ILE B 18 -36.12 14.50 4.50
C ILE B 18 -35.19 13.33 4.15
N GLN B 19 -34.14 13.17 4.96
CA GLN B 19 -33.30 11.98 4.90
C GLN B 19 -32.69 11.70 6.26
N GLY B 20 -32.74 10.42 6.64
CA GLY B 20 -32.24 9.97 7.93
C GLY B 20 -33.26 10.16 9.03
N SER B 21 -32.78 10.15 10.27
CA SER B 21 -33.63 10.34 11.44
C SER B 21 -32.85 11.01 12.55
N LEU B 22 -33.48 11.97 13.22
CA LEU B 22 -32.84 12.64 14.36
C LEU B 22 -32.67 11.69 15.54
N ASP B 23 -33.56 10.69 15.61
CA ASP B 23 -33.54 9.66 16.65
C ASP B 23 -32.32 8.75 16.55
N SER B 24 -31.83 8.55 15.33
CA SER B 24 -30.63 7.76 15.06
C SER B 24 -29.35 8.47 15.49
N LEU B 25 -29.37 9.80 15.50
CA LEU B 25 -28.16 10.59 15.79
C LEU B 25 -27.68 10.42 17.23
N PRO B 26 -26.35 10.49 17.47
CA PRO B 26 -25.86 10.61 18.83
C PRO B 26 -26.47 11.84 19.51
N GLN B 27 -26.70 11.73 20.82
CA GLN B 27 -27.32 12.81 21.62
C GLN B 27 -26.77 14.20 21.29
N GLU B 28 -25.45 14.35 21.38
CA GLU B 28 -24.83 15.67 21.18
C GLU B 28 -24.87 16.14 19.71
N VAL B 29 -24.87 15.20 18.77
CA VAL B 29 -25.05 15.55 17.36
C VAL B 29 -26.48 16.06 17.13
N ARG B 30 -27.45 15.41 17.77
CA ARG B 30 -28.83 15.85 17.64
C ARG B 30 -29.02 17.26 18.19
N LYS B 31 -28.43 17.53 19.37
CA LYS B 31 -28.54 18.84 19.99
C LYS B 31 -27.94 19.90 19.09
N PHE B 32 -26.82 19.56 18.45
CA PHE B 32 -26.16 20.45 17.51
C PHE B 32 -27.04 20.77 16.29
N VAL B 33 -27.61 19.72 15.69
CA VAL B 33 -28.50 19.91 14.52
C VAL B 33 -29.75 20.74 14.88
N GLU B 34 -30.43 20.34 15.95
CA GLU B 34 -31.69 20.95 16.33
C GLU B 34 -31.52 22.40 16.81
N GLY B 35 -30.46 22.67 17.57
CA GLY B 35 -30.15 24.04 18.00
C GLY B 35 -29.94 24.98 16.82
N ASN B 36 -29.22 24.51 15.81
CA ASN B 36 -29.00 25.34 14.63
C ASN B 36 -30.17 25.36 13.65
N ALA B 37 -30.98 24.30 13.62
CA ALA B 37 -32.24 24.35 12.90
C ALA B 37 -33.17 25.43 13.48
N GLN B 38 -33.18 25.54 14.82
CA GLN B 38 -33.99 26.57 15.46
C GLN B 38 -33.50 27.95 15.08
N LEU B 39 -32.18 28.15 15.11
CA LEU B 39 -31.60 29.45 14.79
C LEU B 39 -31.73 29.80 13.30
N CYS B 40 -31.36 28.85 12.45
CA CYS B 40 -31.20 29.12 11.00
C CYS B 40 -32.50 28.97 10.21
N GLN B 41 -33.47 28.24 10.80
CA GLN B 41 -34.80 28.06 10.23
CA GLN B 41 -34.79 28.06 10.22
C GLN B 41 -34.78 27.47 8.81
N PRO B 42 -34.02 26.36 8.60
CA PRO B 42 -34.11 25.75 7.26
C PRO B 42 -35.50 25.20 6.99
N GLU B 43 -35.86 25.04 5.71
CA GLU B 43 -37.13 24.41 5.34
C GLU B 43 -37.07 22.90 5.60
N TYR B 44 -35.91 22.31 5.29
CA TYR B 44 -35.73 20.88 5.46
C TYR B 44 -34.41 20.52 6.14
N ILE B 45 -34.36 19.33 6.71
CA ILE B 45 -33.10 18.77 7.23
C ILE B 45 -32.77 17.47 6.50
N HIS B 46 -31.59 17.43 5.87
CA HIS B 46 -31.16 16.24 5.15
C HIS B 46 -29.90 15.69 5.82
N ILE B 47 -30.00 14.53 6.46
CA ILE B 47 -28.84 13.94 7.11
C ILE B 47 -28.15 13.09 6.05
N CYS B 48 -26.92 13.49 5.70
CA CYS B 48 -26.19 12.86 4.60
C CYS B 48 -25.77 11.44 4.92
N ASP B 49 -25.91 10.55 3.94
CA ASP B 49 -25.48 9.16 4.13
C ASP B 49 -24.16 8.86 3.42
N GLY B 50 -23.76 9.74 2.51
CA GLY B 50 -22.50 9.61 1.78
C GLY B 50 -22.56 8.62 0.63
N SER B 51 -23.75 8.12 0.35
CA SER B 51 -23.97 7.11 -0.69
C SER B 51 -23.74 7.66 -2.09
N GLU B 52 -23.45 6.77 -3.04
CA GLU B 52 -23.32 7.15 -4.45
C GLU B 52 -24.64 7.73 -4.98
N GLU B 53 -25.74 7.11 -4.57
CA GLU B 53 -27.10 7.54 -4.94
C GLU B 53 -27.37 8.99 -4.52
N GLU B 54 -27.07 9.30 -3.25
CA GLU B 54 -27.24 10.64 -2.73
C GLU B 54 -26.43 11.64 -3.53
N TYR B 55 -25.18 11.29 -3.81
CA TYR B 55 -24.23 12.15 -4.54
C TYR B 55 -24.71 12.42 -5.96
N GLY B 56 -25.01 11.37 -6.71
CA GLY B 56 -25.45 11.48 -8.11
C GLY B 56 -26.72 12.31 -8.26
N ARG B 57 -27.65 12.12 -7.33
CA ARG B 57 -28.92 12.84 -7.36
C ARG B 57 -28.75 14.31 -7.03
N LEU B 58 -27.84 14.61 -6.10
CA LEU B 58 -27.54 15.98 -5.70
CA LEU B 58 -27.58 16.00 -5.71
C LEU B 58 -26.91 16.75 -6.85
N LEU B 59 -25.96 16.10 -7.53
CA LEU B 59 -25.30 16.71 -8.69
C LEU B 59 -26.31 17.02 -9.79
N ALA B 60 -27.18 16.05 -10.07
CA ALA B 60 -28.21 16.22 -11.10
C ALA B 60 -29.18 17.36 -10.76
N HIS B 61 -29.51 17.50 -9.47
CA HIS B 61 -30.32 18.62 -8.99
C HIS B 61 -29.65 19.97 -9.21
N MET B 62 -28.39 20.08 -8.83
CA MET B 62 -27.60 21.29 -9.03
CA MET B 62 -27.61 21.30 -9.03
C MET B 62 -27.56 21.66 -10.51
N GLN B 63 -27.47 20.64 -11.36
CA GLN B 63 -27.45 20.81 -12.82
C GLN B 63 -28.76 21.41 -13.34
N GLU B 64 -29.88 20.97 -12.78
CA GLU B 64 -31.18 21.48 -13.22
CA GLU B 64 -31.21 21.47 -13.18
C GLU B 64 -31.50 22.88 -12.68
N GLU B 65 -30.87 23.26 -11.57
CA GLU B 65 -31.04 24.62 -11.03
C GLU B 65 -30.00 25.57 -11.63
N GLY B 66 -29.19 25.05 -12.54
CA GLY B 66 -28.14 25.83 -13.21
C GLY B 66 -26.94 26.17 -12.36
N VAL B 67 -26.78 25.47 -11.23
CA VAL B 67 -25.67 25.72 -10.30
C VAL B 67 -24.35 25.13 -10.81
N ILE B 68 -24.44 23.98 -11.50
CA ILE B 68 -23.28 23.38 -12.16
C ILE B 68 -23.62 22.89 -13.57
N ARG B 69 -22.58 22.75 -14.40
CA ARG B 69 -22.70 22.15 -15.72
C ARG B 69 -21.95 20.82 -15.78
N LYS B 70 -22.49 19.86 -16.52
CA LYS B 70 -21.82 18.59 -16.75
CA LYS B 70 -21.80 18.60 -16.74
C LYS B 70 -20.80 18.73 -17.88
N LEU B 71 -19.59 18.25 -17.65
CA LEU B 71 -18.54 18.27 -18.67
C LEU B 71 -18.60 16.98 -19.47
N LYS B 72 -19.14 17.08 -20.70
CA LYS B 72 -19.48 15.91 -21.51
C LYS B 72 -18.30 15.08 -22.02
N LYS B 73 -17.08 15.66 -22.01
CA LYS B 73 -15.90 14.97 -22.50
CA LYS B 73 -15.89 14.97 -22.49
C LYS B 73 -15.47 13.85 -21.54
N TYR B 74 -15.84 13.99 -20.27
CA TYR B 74 -15.36 13.09 -19.22
C TYR B 74 -16.43 12.23 -18.56
N ASP B 75 -15.96 11.22 -17.83
CA ASP B 75 -16.79 10.38 -16.99
C ASP B 75 -17.09 11.11 -15.67
N ASN B 76 -18.34 11.54 -15.51
CA ASN B 76 -18.83 12.12 -14.24
C ASN B 76 -18.02 13.34 -13.74
N CYS B 77 -17.77 14.30 -14.63
CA CYS B 77 -17.08 15.54 -14.24
C CYS B 77 -18.00 16.76 -14.38
N TRP B 78 -17.79 17.74 -13.50
CA TRP B 78 -18.71 18.85 -13.35
C TRP B 78 -17.98 20.19 -13.22
N LEU B 79 -18.67 21.27 -13.61
CA LEU B 79 -18.07 22.60 -13.61
C LEU B 79 -18.98 23.61 -12.92
N ALA B 80 -18.43 24.30 -11.93
CA ALA B 80 -19.10 25.43 -11.27
C ALA B 80 -18.41 26.73 -11.61
N LEU B 81 -19.21 27.75 -11.93
CA LEU B 81 -18.72 29.09 -12.20
C LEU B 81 -19.36 30.02 -11.17
N THR B 82 -18.53 30.68 -10.37
CA THR B 82 -19.01 31.45 -9.22
C THR B 82 -19.29 32.92 -9.53
N ASP B 83 -19.97 33.58 -8.59
CA ASP B 83 -20.00 35.03 -8.47
C ASP B 83 -18.54 35.50 -8.34
N PRO B 84 -18.08 36.44 -9.19
CA PRO B 84 -16.69 36.90 -9.13
C PRO B 84 -16.28 37.50 -7.77
N ARG B 85 -17.26 37.88 -6.96
CA ARG B 85 -17.00 38.41 -5.60
C ARG B 85 -16.61 37.31 -4.61
N ASP B 86 -16.81 36.07 -5.01
CA ASP B 86 -16.59 34.91 -4.14
C ASP B 86 -15.72 33.87 -4.85
N VAL B 87 -14.41 34.08 -4.79
CA VAL B 87 -13.46 33.31 -5.60
C VAL B 87 -12.26 32.74 -4.84
N ALA B 88 -12.13 33.10 -3.56
CA ALA B 88 -11.00 32.65 -2.76
C ALA B 88 -11.24 32.84 -1.26
N ARG B 89 -10.38 32.22 -0.47
CA ARG B 89 -10.25 32.54 0.96
C ARG B 89 -9.93 34.03 1.12
N ILE B 90 -10.55 34.67 2.11
CA ILE B 90 -10.30 36.07 2.41
C ILE B 90 -9.70 36.17 3.80
N GLU B 91 -8.40 36.42 3.86
CA GLU B 91 -7.66 36.52 5.11
C GLU B 91 -8.23 37.56 6.07
N SER B 92 -8.56 38.74 5.54
CA SER B 92 -9.06 39.82 6.38
C SER B 92 -10.42 39.50 7.04
N LYS B 93 -11.07 38.43 6.60
CA LYS B 93 -12.36 38.04 7.16
CA LYS B 93 -12.37 38.02 7.14
C LYS B 93 -12.31 36.69 7.86
N THR B 94 -11.10 36.19 8.07
CA THR B 94 -10.84 34.93 8.74
C THR B 94 -10.27 35.24 10.13
N VAL B 95 -10.94 34.75 11.17
CA VAL B 95 -10.62 35.17 12.53
C VAL B 95 -10.63 34.00 13.50
N ILE B 96 -9.91 34.16 14.61
CA ILE B 96 -9.92 33.17 15.68
C ILE B 96 -10.33 33.85 16.98
N ILE B 97 -11.25 33.22 17.71
CA ILE B 97 -11.78 33.77 18.95
C ILE B 97 -11.21 33.05 20.17
N THR B 98 -10.57 33.82 21.06
CA THR B 98 -10.12 33.30 22.35
C THR B 98 -10.35 34.35 23.42
N GLN B 99 -10.43 33.93 24.68
CA GLN B 99 -10.57 34.88 25.78
C GLN B 99 -9.47 35.95 25.76
N GLU B 100 -8.23 35.52 25.54
CA GLU B 100 -7.09 36.45 25.47
C GLU B 100 -6.45 36.47 24.08
N GLN B 101 -6.16 37.68 23.58
CA GLN B 101 -5.55 37.84 22.25
C GLN B 101 -4.20 37.11 22.14
N ARG B 102 -3.38 37.22 23.18
CA ARG B 102 -2.02 36.64 23.21
CA ARG B 102 -2.04 36.65 23.18
C ARG B 102 -2.02 35.14 22.96
N ASP B 103 -3.13 34.47 23.25
CA ASP B 103 -3.20 33.03 23.04
C ASP B 103 -3.34 32.69 21.56
N THR B 104 -3.81 33.67 20.79
CA THR B 104 -4.07 33.49 19.35
C THR B 104 -2.92 34.01 18.49
N VAL B 105 -2.38 35.17 18.86
CA VAL B 105 -1.25 35.79 18.16
C VAL B 105 -0.28 36.41 19.18
N PRO B 106 1.03 36.39 18.89
CA PRO B 106 1.94 37.14 19.76
C PRO B 106 1.61 38.61 19.69
N ILE B 107 1.81 39.34 20.77
CA ILE B 107 1.62 40.79 20.75
C ILE B 107 2.87 41.38 20.09
N PRO B 108 2.71 42.01 18.91
CA PRO B 108 3.90 42.44 18.19
C PRO B 108 4.59 43.62 18.84
N LYS B 109 5.85 43.83 18.50
CA LYS B 109 6.60 44.92 19.09
C LYS B 109 6.21 46.28 18.49
N SER B 110 5.99 46.35 17.17
CA SER B 110 5.83 47.69 16.53
C SER B 110 4.53 48.27 15.86
N GLY B 111 3.81 47.67 14.89
CA GLY B 111 3.90 46.35 14.35
C GLY B 111 2.47 45.81 14.44
N GLN B 112 1.71 45.76 13.33
CA GLN B 112 0.46 44.99 13.30
CA GLN B 112 0.46 45.00 13.29
C GLN B 112 0.77 43.53 13.05
N SER B 113 0.08 42.63 13.74
CA SER B 113 0.34 41.21 13.57
C SER B 113 -0.09 40.70 12.21
N GLN B 114 0.80 39.91 11.60
CA GLN B 114 0.42 39.25 10.37
CA GLN B 114 0.65 39.22 10.32
C GLN B 114 0.43 37.73 10.56
N LEU B 115 0.40 37.32 11.83
CA LEU B 115 0.44 35.89 12.17
C LEU B 115 -0.92 35.30 12.54
N GLY B 116 -1.97 36.07 12.31
CA GLY B 116 -3.33 35.65 12.62
C GLY B 116 -4.20 36.87 12.78
N ARG B 117 -5.49 36.64 13.04
CA ARG B 117 -6.43 37.73 13.27
CA ARG B 117 -6.44 37.72 13.26
C ARG B 117 -7.38 37.33 14.38
N TRP B 118 -7.22 37.96 15.53
CA TRP B 118 -8.01 37.65 16.70
C TRP B 118 -9.28 38.47 16.70
N MET B 119 -10.36 37.88 17.19
CA MET B 119 -11.59 38.61 17.45
C MET B 119 -12.09 38.26 18.84
N SER B 120 -12.52 39.26 19.59
CA SER B 120 -13.00 39.01 20.95
C SER B 120 -14.30 38.22 20.91
N GLU B 121 -14.58 37.53 22.01
CA GLU B 121 -15.82 36.77 22.14
CA GLU B 121 -15.81 36.77 22.15
C GLU B 121 -17.04 37.66 21.98
N GLU B 122 -17.00 38.85 22.59
CA GLU B 122 -18.12 39.80 22.51
C GLU B 122 -18.36 40.31 21.08
N ASP B 123 -17.28 40.64 20.37
CA ASP B 123 -17.40 41.11 18.99
C ASP B 123 -17.95 40.03 18.08
N PHE B 124 -17.53 38.78 18.32
CA PHE B 124 -18.03 37.68 17.52
C PHE B 124 -19.50 37.36 17.78
N GLU B 125 -19.94 37.40 19.04
CA GLU B 125 -21.35 37.14 19.32
C GLU B 125 -22.26 38.13 18.61
N LYS B 126 -21.87 39.41 18.59
CA LYS B 126 -22.59 40.42 17.84
C LYS B 126 -22.60 40.15 16.33
N ALA B 127 -21.44 39.78 15.79
CA ALA B 127 -21.29 39.43 14.37
C ALA B 127 -22.17 38.23 14.01
N PHE B 128 -22.13 37.20 14.87
CA PHE B 128 -22.96 35.99 14.73
C PHE B 128 -24.45 36.32 14.71
N ASN B 129 -24.89 37.14 15.66
CA ASN B 129 -26.30 37.52 15.78
C ASN B 129 -26.81 38.34 14.60
N ALA B 130 -25.90 39.05 13.94
CA ALA B 130 -26.23 39.85 12.76
C ALA B 130 -26.25 39.04 11.47
N ARG B 131 -25.95 37.74 11.58
CA ARG B 131 -25.77 36.90 10.38
C ARG B 131 -26.66 35.67 10.34
N PHE B 132 -26.57 34.84 11.37
CA PHE B 132 -27.19 33.52 11.33
C PHE B 132 -28.71 33.39 11.57
N PRO B 133 -29.31 34.21 12.45
CA PRO B 133 -30.76 34.05 12.63
C PRO B 133 -31.56 34.06 11.33
N GLY B 134 -32.26 32.95 11.06
CA GLY B 134 -33.11 32.79 9.88
C GLY B 134 -32.38 32.67 8.55
N CYS B 135 -31.07 32.46 8.58
CA CYS B 135 -30.26 32.52 7.37
C CYS B 135 -30.53 31.40 6.37
N MET B 136 -31.10 30.28 6.82
CA MET B 136 -31.39 29.17 5.91
C MET B 136 -32.86 29.05 5.49
N LYS B 137 -33.66 30.09 5.75
CA LYS B 137 -35.06 30.06 5.40
C LYS B 137 -35.27 29.65 3.93
N GLY B 138 -36.16 28.68 3.71
CA GLY B 138 -36.49 28.20 2.36
C GLY B 138 -35.47 27.24 1.76
N ARG B 139 -34.42 26.93 2.52
CA ARG B 139 -33.34 26.04 2.07
C ARG B 139 -33.28 24.74 2.88
N THR B 140 -32.56 23.75 2.35
CA THR B 140 -32.26 22.53 3.09
C THR B 140 -30.97 22.73 3.88
N MET B 141 -31.03 22.39 5.16
CA MET B 141 -29.82 22.24 5.96
C MET B 141 -29.34 20.80 5.81
N TYR B 142 -28.21 20.66 5.16
CA TYR B 142 -27.54 19.37 5.03
C TYR B 142 -26.66 19.12 6.25
N VAL B 143 -26.74 17.90 6.78
CA VAL B 143 -25.90 17.47 7.91
C VAL B 143 -24.82 16.53 7.39
N ILE B 144 -23.57 16.97 7.46
CA ILE B 144 -22.46 16.21 6.88
C ILE B 144 -21.60 15.64 7.99
N PRO B 145 -21.72 14.33 8.25
CA PRO B 145 -20.79 13.72 9.18
C PRO B 145 -19.52 13.29 8.44
N PHE B 146 -18.37 13.73 8.92
CA PHE B 146 -17.13 13.45 8.21
C PHE B 146 -15.94 13.14 9.11
N SER B 147 -15.08 12.25 8.62
CA SER B 147 -13.81 11.96 9.26
C SER B 147 -12.68 12.66 8.53
N MET B 148 -11.82 13.31 9.31
CA MET B 148 -10.55 13.81 8.82
C MET B 148 -9.50 12.77 9.12
N GLY B 149 -9.11 12.00 8.10
CA GLY B 149 -8.24 10.83 8.28
C GLY B 149 -8.97 9.52 8.03
N PRO B 150 -8.21 8.42 7.90
CA PRO B 150 -8.83 7.10 7.73
C PRO B 150 -9.81 6.78 8.87
N LEU B 151 -10.94 6.16 8.55
CA LEU B 151 -11.99 5.93 9.54
C LEU B 151 -11.53 5.39 10.90
N GLY B 152 -10.84 4.25 10.90
CA GLY B 152 -10.39 3.64 12.15
C GLY B 152 -9.22 4.28 12.88
N SER B 153 -8.58 5.26 12.24
CA SER B 153 -7.28 5.79 12.70
C SER B 153 -7.33 6.50 14.05
N PRO B 154 -6.41 6.13 14.97
N PRO B 154 -6.45 6.08 14.99
CA PRO B 154 -6.33 6.85 16.24
CA PRO B 154 -6.28 6.82 16.25
C PRO B 154 -5.85 8.29 16.03
C PRO B 154 -5.81 8.27 16.03
N LEU B 155 -5.41 8.60 14.81
CA LEU B 155 -4.95 9.95 14.47
C LEU B 155 -6.04 10.78 13.81
N ALA B 156 -7.14 10.12 13.44
CA ALA B 156 -8.28 10.80 12.79
C ALA B 156 -9.10 11.63 13.78
N LYS B 157 -9.79 12.66 13.27
CA LYS B 157 -10.75 13.43 14.06
C LYS B 157 -12.05 13.57 13.27
N ILE B 158 -13.17 13.66 13.99
CA ILE B 158 -14.50 13.70 13.37
C ILE B 158 -15.12 15.08 13.48
N GLY B 159 -15.80 15.50 12.42
CA GLY B 159 -16.57 16.71 12.42
C GLY B 159 -17.99 16.49 11.94
N ILE B 160 -18.86 17.45 12.22
CA ILE B 160 -20.20 17.52 11.65
C ILE B 160 -20.31 18.89 11.04
N GLU B 161 -20.56 18.96 9.73
CA GLU B 161 -20.76 20.26 9.08
C GLU B 161 -22.22 20.39 8.69
N LEU B 162 -22.81 21.48 9.15
CA LEU B 162 -24.14 21.89 8.75
C LEU B 162 -23.93 22.92 7.67
N THR B 163 -24.58 22.74 6.52
CA THR B 163 -24.48 23.69 5.41
C THR B 163 -25.79 23.82 4.65
N ASP B 164 -26.01 24.96 4.01
CA ASP B 164 -27.15 25.11 3.11
C ASP B 164 -26.72 25.05 1.63
N SER B 165 -25.49 24.57 1.40
CA SER B 165 -24.93 24.48 0.05
C SER B 165 -24.74 23.03 -0.42
N PRO B 166 -25.52 22.61 -1.44
CA PRO B 166 -25.27 21.32 -2.08
C PRO B 166 -23.85 21.21 -2.67
N TYR B 167 -23.32 22.31 -3.22
CA TYR B 167 -21.92 22.34 -3.69
C TYR B 167 -20.93 21.91 -2.59
N VAL B 168 -21.14 22.44 -1.38
CA VAL B 168 -20.35 22.03 -0.20
C VAL B 168 -20.51 20.52 0.09
N VAL B 169 -21.74 20.01 0.07
CA VAL B 169 -21.98 18.58 0.32
C VAL B 169 -21.19 17.69 -0.66
N ALA B 170 -21.30 18.00 -1.95
CA ALA B 170 -20.65 17.23 -3.01
C ALA B 170 -19.13 17.29 -2.86
N SER B 171 -18.59 18.47 -2.59
CA SER B 171 -17.15 18.66 -2.46
C SER B 171 -16.60 18.02 -1.19
N MET B 172 -17.37 18.08 -0.09
CA MET B 172 -16.99 17.40 1.15
C MET B 172 -16.98 15.88 1.00
N ARG B 173 -17.83 15.34 0.14
CA ARG B 173 -17.82 13.90 -0.12
C ARG B 173 -16.48 13.49 -0.73
N ILE B 174 -15.90 14.36 -1.57
CA ILE B 174 -14.61 14.08 -2.17
C ILE B 174 -13.45 14.33 -1.20
N MET B 175 -13.51 15.46 -0.50
CA MET B 175 -12.38 15.93 0.31
C MET B 175 -12.25 15.30 1.70
N THR B 176 -13.33 14.68 2.15
CA THR B 176 -13.33 13.98 3.44
C THR B 176 -13.96 12.61 3.28
N ARG B 177 -13.89 11.79 4.32
CA ARG B 177 -14.70 10.57 4.43
C ARG B 177 -16.02 10.98 5.03
N MET B 178 -17.10 10.81 4.25
CA MET B 178 -18.40 11.38 4.55
C MET B 178 -19.51 10.31 4.63
N GLY B 179 -20.41 10.44 5.61
CA GLY B 179 -21.62 9.63 5.60
C GLY B 179 -21.98 8.85 6.85
N THR B 180 -22.84 7.86 6.65
CA THR B 180 -23.38 7.04 7.75
C THR B 180 -22.34 6.30 8.55
N SER B 181 -21.34 5.73 7.87
CA SER B 181 -20.23 5.05 8.53
C SER B 181 -19.57 5.92 9.59
N VAL B 182 -19.48 7.22 9.31
CA VAL B 182 -18.87 8.18 10.23
C VAL B 182 -19.72 8.33 11.49
N LEU B 183 -21.02 8.58 11.32
CA LEU B 183 -21.94 8.67 12.46
C LEU B 183 -21.87 7.43 13.35
N GLU B 184 -21.77 6.27 12.73
CA GLU B 184 -21.67 5.00 13.45
C GLU B 184 -20.35 4.85 14.19
N ALA B 185 -19.26 5.28 13.54
CA ALA B 185 -17.93 5.31 14.17
C ALA B 185 -17.85 6.33 15.31
N LEU B 186 -18.59 7.43 15.19
CA LEU B 186 -18.48 8.51 16.16
C LEU B 186 -19.05 8.13 17.52
N GLY B 187 -20.24 7.51 17.52
CA GLY B 187 -20.92 7.16 18.77
C GLY B 187 -21.08 8.40 19.64
N ASP B 188 -20.89 8.25 20.95
CA ASP B 188 -20.98 9.39 21.86
C ASP B 188 -19.65 10.13 22.04
N GLY B 189 -18.75 9.95 21.08
CA GLY B 189 -17.44 10.60 21.11
C GLY B 189 -17.50 12.09 20.81
N GLU B 190 -16.34 12.75 20.98
CA GLU B 190 -16.18 14.18 20.72
CA GLU B 190 -16.27 14.19 20.72
C GLU B 190 -16.11 14.48 19.22
N PHE B 191 -16.57 15.67 18.83
CA PHE B 191 -16.51 16.07 17.43
C PHE B 191 -16.36 17.58 17.30
N ILE B 192 -15.89 18.02 16.14
CA ILE B 192 -15.79 19.45 15.88
C ILE B 192 -17.09 19.91 15.24
N LYS B 193 -17.67 20.97 15.79
CA LYS B 193 -18.92 21.56 15.29
C LYS B 193 -18.61 22.56 14.18
N CYS B 194 -19.08 22.29 12.97
CA CYS B 194 -18.82 23.17 11.82
C CYS B 194 -20.15 23.65 11.29
N LEU B 195 -20.34 24.95 11.32
CA LEU B 195 -21.57 25.56 10.86
C LEU B 195 -21.28 26.47 9.70
N HIS B 196 -21.95 26.22 8.58
CA HIS B 196 -21.76 27.05 7.40
C HIS B 196 -23.08 27.49 6.76
N SER B 197 -23.13 28.75 6.35
CA SER B 197 -24.23 29.27 5.51
C SER B 197 -23.72 30.25 4.45
N VAL B 198 -24.26 30.14 3.24
CA VAL B 198 -24.00 31.11 2.15
C VAL B 198 -24.62 32.48 2.44
N GLY B 199 -25.54 32.55 3.41
CA GLY B 199 -26.09 33.82 3.88
C GLY B 199 -27.10 34.47 2.96
N CYS B 200 -27.88 33.64 2.27
CA CYS B 200 -28.91 34.12 1.34
C CYS B 200 -30.23 33.41 1.60
N PRO B 201 -30.90 33.74 2.73
CA PRO B 201 -32.20 33.14 3.00
C PRO B 201 -33.21 33.50 1.90
N LEU B 202 -34.15 32.61 1.64
CA LEU B 202 -35.22 32.88 0.68
C LEU B 202 -36.43 33.47 1.41
N PRO B 203 -37.13 34.45 0.79
CA PRO B 203 -36.88 35.03 -0.53
C PRO B 203 -35.63 35.91 -0.57
N LEU B 204 -34.91 35.84 -1.69
CA LEU B 204 -33.66 36.57 -1.85
C LEU B 204 -33.83 38.07 -1.69
N LYS B 205 -33.05 38.64 -0.78
CA LYS B 205 -33.05 40.08 -0.53
C LYS B 205 -32.20 40.82 -1.56
N LYS B 206 -31.20 40.12 -2.09
CA LYS B 206 -30.29 40.69 -3.09
C LYS B 206 -30.21 39.80 -4.33
N PRO B 207 -29.80 40.38 -5.49
CA PRO B 207 -29.72 39.62 -6.74
C PRO B 207 -28.77 38.42 -6.64
N LEU B 208 -29.16 37.32 -7.27
CA LEU B 208 -28.31 36.15 -7.37
C LEU B 208 -27.47 36.25 -8.63
N VAL B 209 -26.15 36.20 -8.48
CA VAL B 209 -25.23 36.31 -9.61
C VAL B 209 -24.66 34.94 -9.98
N ASN B 210 -24.78 34.58 -11.26
CA ASN B 210 -24.21 33.35 -11.80
C ASN B 210 -24.66 32.09 -11.06
N ASN B 211 -25.89 32.11 -10.57
CA ASN B 211 -26.49 30.98 -9.84
C ASN B 211 -25.62 30.54 -8.65
N TRP B 212 -24.93 31.51 -8.06
CA TRP B 212 -23.96 31.24 -7.00
C TRP B 212 -24.28 32.07 -5.76
N ALA B 213 -24.92 31.43 -4.79
CA ALA B 213 -25.32 32.08 -3.55
C ALA B 213 -24.13 32.47 -2.69
N CYS B 214 -24.08 33.74 -2.30
CA CYS B 214 -23.04 34.26 -1.42
C CYS B 214 -23.45 35.62 -0.86
N ASN B 215 -22.81 36.03 0.23
CA ASN B 215 -23.05 37.31 0.87
C ASN B 215 -21.69 37.97 1.18
N PRO B 216 -21.05 38.58 0.15
CA PRO B 216 -19.69 39.10 0.30
C PRO B 216 -19.52 40.08 1.46
N GLU B 217 -20.53 40.94 1.68
CA GLU B 217 -20.40 42.01 2.68
C GLU B 217 -20.35 41.47 4.11
N LEU B 218 -21.02 40.35 4.34
CA LEU B 218 -21.07 39.75 5.69
C LEU B 218 -20.19 38.52 5.83
N THR B 219 -19.30 38.31 4.87
CA THR B 219 -18.46 37.11 4.87
C THR B 219 -17.55 37.13 6.09
N LEU B 220 -17.58 36.03 6.86
CA LEU B 220 -16.81 35.90 8.09
C LEU B 220 -16.54 34.45 8.33
N ILE B 221 -15.26 34.11 8.49
CA ILE B 221 -14.87 32.72 8.73
C ILE B 221 -14.22 32.64 10.11
N ALA B 222 -14.95 32.08 11.08
CA ALA B 222 -14.50 32.13 12.46
C ALA B 222 -14.15 30.77 13.05
N HIS B 223 -13.20 30.77 13.99
CA HIS B 223 -12.76 29.57 14.65
C HIS B 223 -12.80 29.82 16.14
N LEU B 224 -13.39 28.88 16.88
CA LEU B 224 -13.53 29.03 18.32
C LEU B 224 -12.96 27.76 18.97
N PRO B 225 -11.62 27.68 19.08
CA PRO B 225 -10.99 26.42 19.49
C PRO B 225 -11.43 25.95 20.87
N ASP B 226 -11.72 26.88 21.77
CA ASP B 226 -12.12 26.48 23.13
C ASP B 226 -13.56 25.96 23.21
N ARG B 227 -14.35 26.24 22.16
CA ARG B 227 -15.72 25.75 22.03
CA ARG B 227 -15.71 25.72 22.06
C ARG B 227 -15.78 24.55 21.07
N ARG B 228 -14.65 24.24 20.43
CA ARG B 228 -14.57 23.21 19.38
C ARG B 228 -15.56 23.52 18.26
N GLU B 229 -15.55 24.76 17.79
CA GLU B 229 -16.50 25.23 16.79
CA GLU B 229 -16.50 25.20 16.78
C GLU B 229 -15.80 25.93 15.63
N ILE B 230 -16.30 25.71 14.42
CA ILE B 230 -15.94 26.54 13.26
C ILE B 230 -17.26 27.10 12.75
N ILE B 231 -17.30 28.41 12.53
CA ILE B 231 -18.56 29.05 12.14
C ILE B 231 -18.24 29.96 10.95
N SER B 232 -18.74 29.59 9.78
CA SER B 232 -18.42 30.31 8.55
C SER B 232 -19.67 30.82 7.82
N PHE B 233 -19.64 32.08 7.40
CA PHE B 233 -20.81 32.75 6.80
C PHE B 233 -20.46 33.57 5.55
N GLY B 234 -21.29 33.48 4.53
CA GLY B 234 -21.28 34.43 3.41
C GLY B 234 -20.53 34.00 2.16
N SER B 235 -19.64 33.01 2.29
CA SER B 235 -18.87 32.50 1.16
C SER B 235 -19.17 31.04 0.91
N GLY B 236 -19.34 30.70 -0.37
CA GLY B 236 -19.58 29.31 -0.75
C GLY B 236 -18.33 28.63 -1.24
N TYR B 237 -17.20 29.32 -1.13
CA TYR B 237 -15.97 28.93 -1.85
C TYR B 237 -14.95 28.18 -1.01
N GLY B 238 -14.44 27.09 -1.59
CA GLY B 238 -13.29 26.32 -1.11
C GLY B 238 -12.99 26.37 0.38
N GLY B 239 -11.91 27.07 0.73
CA GLY B 239 -11.43 27.12 2.11
C GLY B 239 -12.34 27.82 3.09
N ASN B 240 -13.30 28.60 2.58
CA ASN B 240 -14.29 29.24 3.43
C ASN B 240 -15.48 28.35 3.75
N SER B 241 -15.73 27.35 2.90
CA SER B 241 -16.97 26.59 2.98
C SER B 241 -16.77 25.11 3.23
N LEU B 242 -15.70 24.57 2.67
CA LEU B 242 -15.32 23.18 2.90
C LEU B 242 -14.52 23.22 4.18
N LEU B 243 -15.20 23.02 5.31
CA LEU B 243 -14.63 23.38 6.61
C LEU B 243 -13.55 22.41 7.11
N GLY B 244 -13.46 21.24 6.49
CA GLY B 244 -12.30 20.38 6.69
C GLY B 244 -11.02 21.01 6.14
N LYS B 245 -11.10 21.64 4.97
CA LYS B 245 -9.91 22.00 4.15
C LYS B 245 -8.75 22.74 4.86
N LYS B 246 -9.09 23.83 5.54
CA LYS B 246 -8.12 24.66 6.28
C LYS B 246 -8.60 24.96 7.70
N CYS B 247 -9.90 25.24 7.85
CA CYS B 247 -10.46 25.61 9.15
C CYS B 247 -10.22 24.54 10.22
N PHE B 248 -10.53 23.30 9.86
CA PHE B 248 -10.39 22.14 10.72
C PHE B 248 -8.95 21.64 10.59
N ALA B 249 -8.54 21.29 9.37
CA ALA B 249 -7.28 20.56 9.12
C ALA B 249 -6.05 21.27 9.68
N LEU B 250 -6.09 22.60 9.70
CA LEU B 250 -4.95 23.39 10.18
C LEU B 250 -5.23 24.26 11.40
N ARG B 251 -6.28 25.08 11.36
CA ARG B 251 -6.46 26.06 12.41
C ARG B 251 -6.93 25.43 13.73
N ILE B 252 -8.05 24.72 13.70
CA ILE B 252 -8.48 23.98 14.88
C ILE B 252 -7.50 22.85 15.23
N ALA B 253 -7.09 22.09 14.22
CA ALA B 253 -6.22 20.92 14.46
C ALA B 253 -4.89 21.34 15.09
N SER B 254 -4.32 22.47 14.68
CA SER B 254 -3.03 22.88 15.25
C SER B 254 -3.13 23.16 16.74
N ARG B 255 -4.28 23.67 17.16
CA ARG B 255 -4.51 23.95 18.57
C ARG B 255 -4.72 22.62 19.32
N LEU B 256 -5.46 21.69 18.72
CA LEU B 256 -5.65 20.36 19.31
C LEU B 256 -4.31 19.63 19.45
N ALA B 257 -3.48 19.78 18.43
CA ALA B 257 -2.13 19.21 18.35
C ALA B 257 -1.24 19.72 19.48
N LYS B 258 -1.29 21.04 19.70
CA LYS B 258 -0.59 21.69 20.80
CA LYS B 258 -0.59 21.68 20.80
C LYS B 258 -1.00 21.08 22.15
N GLU B 259 -2.31 20.90 22.34
CA GLU B 259 -2.90 20.36 23.56
C GLU B 259 -2.51 18.90 23.78
N GLU B 260 -2.43 18.16 22.68
CA GLU B 260 -2.38 16.70 22.74
C GLU B 260 -1.00 16.12 22.41
N GLY B 261 -0.09 17.00 21.99
CA GLY B 261 1.31 16.62 21.76
C GLY B 261 1.66 16.16 20.35
N TRP B 262 0.91 16.60 19.35
CA TRP B 262 1.19 16.22 17.97
C TRP B 262 1.33 17.45 17.10
N LEU B 263 1.36 17.28 15.78
CA LEU B 263 1.56 18.40 14.87
C LEU B 263 0.56 18.39 13.74
N ALA B 264 -0.02 19.56 13.45
CA ALA B 264 -0.92 19.71 12.31
C ALA B 264 -0.31 20.72 11.36
N GLU B 265 0.11 20.25 10.19
CA GLU B 265 1.00 21.06 9.35
C GLU B 265 0.57 21.17 7.90
N HIS B 266 0.99 22.24 7.25
CA HIS B 266 0.72 22.49 5.84
C HIS B 266 1.77 21.77 5.02
N MET B 267 1.71 20.44 5.03
CA MET B 267 2.74 19.61 4.40
C MET B 267 2.19 18.54 3.49
N LEU B 268 2.85 18.38 2.35
CA LEU B 268 2.67 17.19 1.53
C LEU B 268 3.39 16.04 2.24
N ILE B 269 2.96 14.84 1.90
CA ILE B 269 3.64 13.63 2.34
CA ILE B 269 3.62 13.61 2.35
C ILE B 269 3.80 12.71 1.13
N LEU B 270 5.02 12.24 0.93
CA LEU B 270 5.31 11.33 -0.19
C LEU B 270 6.16 10.16 0.29
N GLY B 271 6.06 9.04 -0.44
CA GLY B 271 6.94 7.89 -0.25
C GLY B 271 7.92 7.81 -1.40
N ILE B 272 9.21 7.68 -1.08
CA ILE B 272 10.24 7.61 -2.11
C ILE B 272 11.04 6.31 -2.00
N THR B 273 11.16 5.61 -3.14
CA THR B 273 11.84 4.31 -3.19
C THR B 273 13.04 4.37 -4.14
N ASN B 274 14.20 3.90 -3.68
CA ASN B 274 15.42 3.94 -4.49
C ASN B 274 15.50 2.77 -5.47
N PRO B 275 16.50 2.77 -6.39
CA PRO B 275 16.64 1.68 -7.37
C PRO B 275 16.75 0.30 -6.73
N GLU B 276 17.18 0.24 -5.46
CA GLU B 276 17.36 -1.02 -4.75
C GLU B 276 16.16 -1.40 -3.88
N GLY B 277 15.07 -0.62 -3.99
CA GLY B 277 13.81 -0.96 -3.33
C GLY B 277 13.61 -0.42 -1.91
N LYS B 278 14.59 0.33 -1.39
CA LYS B 278 14.45 0.88 -0.05
C LYS B 278 13.55 2.12 -0.08
N LYS B 279 12.63 2.22 0.87
CA LYS B 279 11.60 3.26 0.86
C LYS B 279 11.65 4.15 2.12
N LYS B 280 11.47 5.45 1.90
CA LYS B 280 11.36 6.44 2.99
C LYS B 280 10.19 7.36 2.72
N TYR B 281 9.62 7.93 3.78
CA TYR B 281 8.59 8.95 3.66
C TYR B 281 9.12 10.31 4.08
N LEU B 282 8.74 11.33 3.31
CA LEU B 282 9.17 12.70 3.54
C LEU B 282 7.94 13.60 3.58
N ALA B 283 8.01 14.64 4.40
CA ALA B 283 6.99 15.68 4.48
C ALA B 283 7.61 16.99 4.01
N ALA B 284 6.84 17.83 3.35
CA ALA B 284 7.38 19.10 2.86
C ALA B 284 6.35 20.22 3.00
N ALA B 285 6.78 21.32 3.63
CA ALA B 285 5.97 22.52 3.76
C ALA B 285 6.46 23.61 2.80
N PHE B 286 5.67 23.86 1.75
CA PHE B 286 5.90 25.00 0.87
C PHE B 286 4.64 25.88 0.90
N PRO B 287 4.80 27.21 0.74
CA PRO B 287 3.61 28.05 0.60
C PRO B 287 2.80 27.69 -0.65
N SER B 288 1.58 28.21 -0.73
CA SER B 288 0.73 28.03 -1.90
C SER B 288 1.46 28.49 -3.17
N ALA B 289 1.29 27.71 -4.25
CA ALA B 289 1.90 28.00 -5.55
C ALA B 289 3.42 27.82 -5.59
N CYS B 290 3.96 27.08 -4.63
CA CYS B 290 5.40 26.85 -4.57
C CYS B 290 5.78 25.38 -4.76
N GLY B 291 4.80 24.54 -5.10
CA GLY B 291 5.10 23.22 -5.67
C GLY B 291 4.81 21.96 -4.86
N LYS B 292 3.93 22.05 -3.86
CA LYS B 292 3.59 20.87 -3.05
CA LYS B 292 3.58 20.87 -3.06
C LYS B 292 2.96 19.75 -3.89
N THR B 293 1.89 20.06 -4.60
CA THR B 293 1.18 19.07 -5.40
C THR B 293 2.11 18.46 -6.46
N ASN B 294 2.92 19.30 -7.08
CA ASN B 294 3.88 18.85 -8.09
C ASN B 294 4.87 17.85 -7.52
N LEU B 295 5.44 18.15 -6.36
CA LEU B 295 6.40 17.26 -5.68
C LEU B 295 5.75 15.98 -5.16
N ALA B 296 4.54 16.09 -4.61
CA ALA B 296 3.85 14.97 -3.97
C ALA B 296 3.51 13.85 -4.95
N MET B 297 3.29 14.22 -6.21
CA MET B 297 2.98 13.21 -7.23
C MET B 297 3.93 13.32 -8.44
N MET B 298 5.17 13.65 -8.12
CA MET B 298 6.24 13.80 -9.10
CA MET B 298 6.24 13.80 -9.10
C MET B 298 6.49 12.50 -9.86
N ASN B 299 6.84 12.64 -11.13
CA ASN B 299 7.33 11.55 -11.95
C ASN B 299 8.87 11.70 -12.02
N PRO B 300 9.61 10.89 -11.23
CA PRO B 300 11.08 11.04 -11.14
C PRO B 300 11.79 10.76 -12.47
N THR B 301 12.77 11.59 -12.82
CA THR B 301 13.55 11.41 -14.05
C THR B 301 14.69 10.40 -13.88
N LEU B 302 15.18 10.26 -12.64
CA LEU B 302 16.25 9.31 -12.35
C LEU B 302 15.75 7.86 -12.43
N PRO B 303 16.42 7.03 -13.26
CA PRO B 303 16.02 5.65 -13.46
C PRO B 303 16.06 4.83 -12.18
N GLY B 304 15.04 4.02 -11.96
CA GLY B 304 15.00 3.13 -10.79
C GLY B 304 14.29 3.73 -9.59
N TRP B 305 14.14 5.05 -9.58
CA TRP B 305 13.48 5.76 -8.48
C TRP B 305 11.97 5.80 -8.63
N LYS B 306 11.26 5.78 -7.50
CA LYS B 306 9.80 5.82 -7.48
C LYS B 306 9.31 6.81 -6.43
N VAL B 307 8.34 7.63 -6.82
CA VAL B 307 7.65 8.54 -5.90
C VAL B 307 6.16 8.16 -5.84
N GLU B 308 5.63 8.04 -4.63
CA GLU B 308 4.22 7.77 -4.42
C GLU B 308 3.62 8.81 -3.46
N CYS B 309 2.36 9.19 -3.71
CA CYS B 309 1.70 10.28 -2.99
C CYS B 309 0.89 9.79 -1.80
N VAL B 310 1.11 10.39 -0.63
CA VAL B 310 0.22 10.14 0.51
C VAL B 310 -0.77 11.30 0.65
N GLY B 311 -0.24 12.52 0.56
CA GLY B 311 -1.05 13.74 0.55
C GLY B 311 -0.30 14.89 -0.09
N ASP B 312 -1.02 15.92 -0.49
CA ASP B 312 -0.40 17.06 -1.15
C ASP B 312 -0.57 18.40 -0.44
N ASP B 313 -1.13 18.39 0.77
CA ASP B 313 -1.46 19.68 1.43
C ASP B 313 -1.37 19.69 2.95
N ILE B 314 -1.98 18.70 3.62
CA ILE B 314 -2.07 18.69 5.08
C ILE B 314 -1.48 17.39 5.62
N ALA B 315 -0.68 17.52 6.69
CA ALA B 315 -0.13 16.37 7.37
C ALA B 315 -0.44 16.46 8.86
N TRP B 316 -0.96 15.39 9.43
CA TRP B 316 -1.11 15.28 10.87
C TRP B 316 -0.09 14.27 11.36
N MET B 317 0.81 14.72 12.23
CA MET B 317 1.99 13.91 12.58
C MET B 317 2.12 13.76 14.09
N LYS B 318 2.34 12.52 14.54
CA LYS B 318 2.49 12.24 15.97
CA LYS B 318 2.48 12.23 15.96
C LYS B 318 3.57 11.17 16.18
N PHE B 319 4.49 11.44 17.12
CA PHE B 319 5.50 10.43 17.49
C PHE B 319 4.79 9.29 18.20
N ASP B 320 5.03 8.05 17.75
CA ASP B 320 4.46 6.88 18.40
C ASP B 320 5.34 6.39 19.55
N ALA B 321 4.90 5.33 20.25
CA ALA B 321 5.62 4.83 21.42
C ALA B 321 7.05 4.35 21.13
N GLN B 322 7.33 4.05 19.85
CA GLN B 322 8.65 3.60 19.44
C GLN B 322 9.56 4.77 19.09
N GLY B 323 8.96 5.95 18.88
CA GLY B 323 9.72 7.14 18.55
C GLY B 323 9.67 7.58 17.10
N ASN B 324 8.93 6.86 16.26
CA ASN B 324 8.78 7.22 14.86
C ASN B 324 7.74 8.33 14.70
N LEU B 325 8.04 9.32 13.86
CA LEU B 325 7.07 10.37 13.58
C LEU B 325 6.07 9.84 12.55
N ARG B 326 4.88 9.47 13.01
CA ARG B 326 3.84 8.92 12.13
C ARG B 326 2.96 10.02 11.55
N ALA B 327 2.78 10.01 10.23
CA ALA B 327 1.94 11.01 9.58
C ALA B 327 0.76 10.38 8.85
N ILE B 328 -0.39 11.04 8.95
CA ILE B 328 -1.51 10.75 8.07
C ILE B 328 -1.89 11.97 7.26
N ASN B 329 -2.43 11.70 6.06
CA ASN B 329 -3.17 12.70 5.32
C ASN B 329 -4.60 12.65 5.86
N PRO B 330 -5.06 13.76 6.49
CA PRO B 330 -6.42 13.79 7.03
C PRO B 330 -7.48 14.07 5.96
N GLU B 331 -7.05 14.27 4.72
CA GLU B 331 -7.98 14.52 3.63
C GLU B 331 -8.24 13.27 2.78
N ASN B 332 -9.28 13.31 1.96
CA ASN B 332 -9.72 12.16 1.15
C ASN B 332 -9.64 12.48 -0.34
N GLY B 333 -9.21 13.71 -0.64
CA GLY B 333 -9.03 14.12 -2.03
C GLY B 333 -8.03 15.26 -2.18
N PHE B 334 -7.85 15.69 -3.42
CA PHE B 334 -6.97 16.82 -3.71
C PHE B 334 -7.81 18.01 -4.16
N PHE B 335 -7.57 19.15 -3.52
CA PHE B 335 -8.24 20.40 -3.88
C PHE B 335 -7.19 21.32 -4.48
N GLY B 336 -6.83 21.04 -5.73
CA GLY B 336 -5.68 21.66 -6.37
C GLY B 336 -5.98 22.88 -7.19
N VAL B 337 -5.00 23.80 -7.22
CA VAL B 337 -5.10 24.97 -8.10
C VAL B 337 -4.88 24.46 -9.52
N ALA B 338 -5.85 24.73 -10.39
CA ALA B 338 -5.85 24.20 -11.75
C ALA B 338 -4.78 24.80 -12.67
N PRO B 339 -4.76 26.13 -12.83
CA PRO B 339 -3.79 26.73 -13.76
C PRO B 339 -2.37 26.29 -13.46
N GLY B 340 -1.61 25.99 -14.51
CA GLY B 340 -0.24 25.50 -14.38
C GLY B 340 -0.12 23.99 -14.47
N THR B 341 -1.23 23.27 -14.27
CA THR B 341 -1.23 21.81 -14.31
C THR B 341 -1.22 21.31 -15.77
N SER B 342 -0.20 20.53 -16.12
CA SER B 342 -0.05 20.01 -17.48
C SER B 342 0.50 18.58 -17.48
N VAL B 343 0.31 17.87 -18.60
CA VAL B 343 0.87 16.52 -18.77
C VAL B 343 2.39 16.51 -18.55
N LYS B 344 3.07 17.56 -18.99
CA LYS B 344 4.52 17.68 -18.80
C LYS B 344 4.93 17.88 -17.35
N THR B 345 4.28 18.84 -16.68
CA THR B 345 4.69 19.24 -15.33
C THR B 345 4.15 18.30 -14.25
N ASN B 346 2.91 17.84 -14.43
CA ASN B 346 2.27 16.97 -13.45
C ASN B 346 1.33 15.97 -14.13
N PRO B 347 1.91 14.96 -14.81
CA PRO B 347 1.11 13.96 -15.54
C PRO B 347 0.18 13.17 -14.63
N ASN B 348 0.60 12.96 -13.39
CA ASN B 348 -0.21 12.20 -12.43
C ASN B 348 -1.46 12.93 -11.96
N ALA B 349 -1.36 14.25 -11.78
CA ALA B 349 -2.55 15.07 -11.48
C ALA B 349 -3.52 15.07 -12.66
N ILE B 350 -2.98 15.14 -13.88
CA ILE B 350 -3.80 15.09 -15.08
C ILE B 350 -4.60 13.78 -15.15
N LYS B 351 -3.94 12.67 -14.82
CA LYS B 351 -4.60 11.36 -14.82
CA LYS B 351 -4.59 11.36 -14.80
C LYS B 351 -5.67 11.25 -13.74
N THR B 352 -5.41 11.84 -12.57
CA THR B 352 -6.36 11.79 -11.45
C THR B 352 -7.69 12.45 -11.78
N ILE B 353 -7.64 13.59 -12.48
CA ILE B 353 -8.79 14.46 -12.67
C ILE B 353 -9.64 14.13 -13.89
N GLN B 354 -9.37 12.98 -14.52
CA GLN B 354 -10.07 12.58 -15.76
C GLN B 354 -11.50 12.08 -15.52
N LYS B 355 -11.80 11.71 -14.28
CA LYS B 355 -13.12 11.23 -13.92
C LYS B 355 -13.53 11.68 -12.52
N ASN B 356 -14.83 11.70 -12.26
CA ASN B 356 -15.39 11.94 -10.91
C ASN B 356 -14.86 13.20 -10.20
N THR B 357 -14.74 14.29 -10.95
CA THR B 357 -14.06 15.49 -10.47
C THR B 357 -14.93 16.73 -10.67
N ILE B 358 -14.91 17.60 -9.66
CA ILE B 358 -15.62 18.86 -9.71
C ILE B 358 -14.60 19.98 -9.94
N PHE B 359 -14.82 20.75 -11.00
CA PHE B 359 -13.95 21.86 -11.35
C PHE B 359 -14.67 23.17 -11.00
N THR B 360 -13.92 24.15 -10.53
CA THR B 360 -14.50 25.45 -10.21
C THR B 360 -13.72 26.60 -10.86
N ASN B 361 -14.43 27.43 -11.62
CA ASN B 361 -13.89 28.63 -12.28
C ASN B 361 -12.78 28.40 -13.31
N VAL B 362 -12.79 27.23 -13.94
CA VAL B 362 -11.90 26.97 -15.08
C VAL B 362 -12.66 27.21 -16.38
N ALA B 363 -11.95 27.10 -17.50
CA ALA B 363 -12.56 27.24 -18.81
C ALA B 363 -13.10 25.92 -19.33
N GLU B 364 -14.11 26.01 -20.20
CA GLU B 364 -14.66 24.84 -20.88
C GLU B 364 -14.42 24.94 -22.38
N THR B 365 -13.92 23.86 -22.97
CA THR B 365 -13.82 23.77 -24.43
C THR B 365 -15.18 23.31 -24.98
N SER B 366 -15.31 23.36 -26.31
CA SER B 366 -16.53 22.96 -27.00
CA SER B 366 -16.52 22.95 -27.01
C SER B 366 -16.78 21.45 -26.90
N ASP B 367 -15.68 20.68 -26.86
CA ASP B 367 -15.75 19.23 -26.70
C ASP B 367 -16.22 18.85 -25.29
N GLY B 368 -16.53 19.87 -24.48
CA GLY B 368 -16.98 19.68 -23.11
C GLY B 368 -15.84 19.35 -22.16
N GLY B 369 -14.63 19.80 -22.52
CA GLY B 369 -13.44 19.60 -21.71
C GLY B 369 -13.03 20.84 -20.91
N VAL B 370 -11.85 20.75 -20.22
CA VAL B 370 -11.32 21.85 -19.37
C VAL B 370 -10.08 22.50 -19.99
N TYR B 371 -10.00 23.73 -19.67
CA TYR B 371 -8.79 24.47 -20.16
C TYR B 371 -8.32 25.58 -19.20
N TRP B 372 -6.98 25.86 -19.16
CA TRP B 372 -6.41 26.93 -18.30
C TRP B 372 -5.03 27.38 -18.74
N GLU B 373 -4.58 28.51 -18.18
CA GLU B 373 -3.23 29.03 -18.42
C GLU B 373 -2.19 27.97 -17.98
N GLY B 374 -1.32 27.62 -18.99
CA GLY B 374 -0.24 26.66 -18.71
C GLY B 374 -0.65 25.21 -18.76
N ILE B 375 -1.77 24.96 -19.42
CA ILE B 375 -2.27 23.56 -19.55
C ILE B 375 -1.42 22.75 -20.57
N ASP B 376 -0.68 23.48 -21.41
CA ASP B 376 0.24 22.90 -22.40
C ASP B 376 -0.40 21.73 -23.16
N GLU B 377 -1.53 22.21 -24.01
CA GLU B 377 -2.27 21.23 -24.79
CA GLU B 377 -2.26 21.22 -24.79
C GLU B 377 -2.85 21.89 -26.04
N PRO B 378 -2.15 21.75 -27.20
CA PRO B 378 -2.69 22.36 -28.42
C PRO B 378 -4.06 21.65 -28.74
N LEU B 379 -5.09 22.60 -28.80
CA LEU B 379 -6.44 22.16 -29.16
C LEU B 379 -6.54 21.90 -30.67
N ALA B 380 -7.29 20.85 -31.02
CA ALA B 380 -7.53 20.52 -32.43
C ALA B 380 -8.33 21.65 -33.09
N PRO B 381 -7.95 22.01 -34.35
CA PRO B 381 -8.67 23.05 -35.10
C PRO B 381 -10.17 22.89 -34.99
N GLY B 382 -10.78 24.18 -34.50
CA GLY B 382 -12.23 24.10 -34.28
C GLY B 382 -12.63 24.22 -32.84
N VAL B 383 -11.90 23.57 -31.93
CA VAL B 383 -12.19 23.56 -30.49
C VAL B 383 -12.01 25.05 -29.98
N THR B 384 -13.05 25.57 -29.40
CA THR B 384 -13.11 26.89 -28.82
C THR B 384 -13.18 26.89 -27.31
N ILE B 385 -13.09 28.00 -26.65
CA ILE B 385 -13.06 28.08 -25.11
C ILE B 385 -14.11 29.05 -24.56
N THR B 386 -14.95 28.58 -23.61
CA THR B 386 -15.85 29.41 -22.80
C THR B 386 -15.08 29.67 -21.51
N SER B 387 -14.92 30.97 -21.17
CA SER B 387 -14.09 31.29 -19.99
C SER B 387 -14.87 31.05 -18.71
N TRP B 388 -14.20 31.21 -17.57
CA TRP B 388 -14.82 31.05 -16.26
C TRP B 388 -15.89 32.12 -16.02
N LYS B 389 -15.91 33.13 -16.88
CA LYS B 389 -16.90 34.20 -16.82
C LYS B 389 -18.09 33.96 -17.76
N ASN B 390 -18.07 32.80 -18.44
CA ASN B 390 -19.09 32.41 -19.41
C ASN B 390 -19.16 33.35 -20.62
N LYS B 391 -17.98 33.71 -21.13
CA LYS B 391 -17.85 34.50 -22.35
C LYS B 391 -16.82 33.84 -23.24
N GLU B 392 -16.96 34.00 -24.56
CA GLU B 392 -16.02 33.39 -25.50
C GLU B 392 -14.63 34.00 -25.35
N TRP B 393 -13.61 33.18 -25.61
CA TRP B 393 -12.22 33.54 -25.29
C TRP B 393 -11.24 32.96 -26.30
N ARG B 394 -10.24 33.76 -26.66
CA ARG B 394 -9.20 33.36 -27.62
C ARG B 394 -7.82 33.30 -26.96
N PRO B 395 -7.00 32.27 -27.30
CA PRO B 395 -5.65 31.98 -26.78
C PRO B 395 -4.79 33.18 -26.34
N GLN B 396 -4.90 34.31 -27.02
CA GLN B 396 -4.13 35.50 -26.64
C GLN B 396 -5.01 36.71 -26.35
N ASP B 397 -6.04 36.51 -25.53
CA ASP B 397 -6.90 37.59 -25.07
C ASP B 397 -6.25 38.26 -23.85
N GLU B 398 -6.82 39.37 -23.39
CA GLU B 398 -6.26 40.14 -22.28
C GLU B 398 -6.36 39.46 -20.92
N GLU B 399 -7.59 39.14 -20.51
CA GLU B 399 -7.82 38.42 -19.25
C GLU B 399 -7.62 36.92 -19.42
N PRO B 400 -7.22 36.22 -18.32
CA PRO B 400 -7.05 34.76 -18.39
C PRO B 400 -8.38 34.03 -18.63
N CYS B 401 -8.31 32.82 -19.18
CA CYS B 401 -9.51 32.03 -19.43
C CYS B 401 -10.08 31.41 -18.15
N ALA B 402 -9.18 31.08 -17.22
CA ALA B 402 -9.57 30.55 -15.91
C ALA B 402 -9.14 31.50 -14.80
N HIS B 403 -9.87 31.51 -13.68
CA HIS B 403 -9.47 32.31 -12.53
C HIS B 403 -8.17 31.74 -11.95
N PRO B 404 -7.23 32.62 -11.53
CA PRO B 404 -5.97 32.15 -10.94
C PRO B 404 -6.12 31.17 -9.76
N ASN B 405 -7.22 31.29 -9.01
CA ASN B 405 -7.49 30.38 -7.88
C ASN B 405 -8.52 29.30 -8.20
N SER B 406 -8.76 29.10 -9.50
CA SER B 406 -9.68 28.07 -9.96
C SER B 406 -9.18 26.70 -9.55
N ARG B 407 -10.09 25.76 -9.35
CA ARG B 407 -9.75 24.52 -8.69
C ARG B 407 -10.23 23.27 -9.39
N PHE B 408 -9.50 22.17 -9.17
CA PHE B 408 -10.08 20.84 -9.32
C PHE B 408 -10.26 20.21 -7.93
N CYS B 409 -11.33 19.45 -7.78
CA CYS B 409 -11.62 18.74 -6.54
C CYS B 409 -11.82 17.27 -6.89
N THR B 410 -10.85 16.44 -6.51
CA THR B 410 -10.75 15.08 -7.06
C THR B 410 -10.42 14.01 -6.00
N PRO B 411 -11.02 12.80 -6.12
CA PRO B 411 -10.76 11.74 -5.14
C PRO B 411 -9.29 11.31 -5.13
N ALA B 412 -8.70 11.22 -3.94
CA ALA B 412 -7.28 10.84 -3.82
C ALA B 412 -7.01 9.41 -4.30
N SER B 413 -7.98 8.53 -4.09
CA SER B 413 -7.88 7.12 -4.53
C SER B 413 -7.63 6.97 -6.03
N GLN B 414 -7.85 8.04 -6.79
CA GLN B 414 -7.68 8.03 -8.25
C GLN B 414 -6.28 8.43 -8.75
N CYS B 415 -5.44 8.93 -7.85
CA CYS B 415 -4.05 9.19 -8.19
C CYS B 415 -3.36 7.87 -8.58
N PRO B 416 -2.79 7.80 -9.80
CA PRO B 416 -2.17 6.56 -10.29
C PRO B 416 -0.95 6.12 -9.48
N ILE B 417 -0.36 7.05 -8.73
CA ILE B 417 0.78 6.73 -7.88
C ILE B 417 0.46 6.98 -6.40
N ILE B 418 -0.82 6.83 -6.04
CA ILE B 418 -1.20 6.94 -4.63
C ILE B 418 -0.51 5.83 -3.85
N ASP B 419 0.09 6.20 -2.72
CA ASP B 419 0.88 5.29 -1.91
C ASP B 419 -0.01 4.18 -1.33
N PRO B 420 0.49 2.93 -1.31
CA PRO B 420 -0.31 1.83 -0.75
C PRO B 420 -0.68 2.01 0.72
N ALA B 421 0.04 2.89 1.42
CA ALA B 421 -0.21 3.15 2.83
C ALA B 421 -0.88 4.49 3.08
N TRP B 422 -1.44 5.09 2.02
CA TRP B 422 -2.07 6.42 2.14
C TRP B 422 -3.27 6.47 3.12
N GLU B 423 -3.89 5.32 3.39
CA GLU B 423 -4.91 5.24 4.45
C GLU B 423 -4.66 4.21 5.55
N SER B 424 -3.41 3.81 5.73
CA SER B 424 -3.03 3.01 6.90
C SER B 424 -3.33 3.81 8.17
N PRO B 425 -4.12 3.22 9.08
CA PRO B 425 -4.59 3.96 10.26
C PRO B 425 -3.45 4.41 11.18
N GLU B 426 -2.33 3.69 11.17
CA GLU B 426 -1.19 4.01 12.03
C GLU B 426 -0.34 5.15 11.47
N GLY B 427 -0.54 5.45 10.18
CA GLY B 427 0.23 6.48 9.51
C GLY B 427 1.56 5.99 8.98
N VAL B 428 2.25 6.87 8.25
CA VAL B 428 3.55 6.55 7.64
C VAL B 428 4.71 7.21 8.40
N PRO B 429 5.83 6.49 8.56
CA PRO B 429 6.98 7.01 9.31
C PRO B 429 7.82 8.05 8.56
N ILE B 430 7.85 9.27 9.11
CA ILE B 430 8.53 10.39 8.47
C ILE B 430 10.00 10.42 8.88
N GLU B 431 10.88 10.36 7.89
CA GLU B 431 12.32 10.41 8.16
C GLU B 431 12.98 11.72 7.76
N GLY B 432 12.22 12.60 7.09
CA GLY B 432 12.74 13.89 6.67
C GLY B 432 11.64 14.93 6.50
N ILE B 433 11.93 16.17 6.90
CA ILE B 433 11.02 17.30 6.73
C ILE B 433 11.70 18.38 5.88
N ILE B 434 11.00 18.82 4.84
CA ILE B 434 11.56 19.78 3.88
C ILE B 434 10.79 21.09 3.93
N PHE B 435 11.53 22.18 4.02
CA PHE B 435 10.97 23.53 3.94
C PHE B 435 11.42 24.16 2.63
N GLY B 436 10.65 25.09 2.10
CA GLY B 436 11.05 25.78 0.89
C GLY B 436 10.05 26.77 0.36
N GLY B 437 10.52 27.67 -0.50
CA GLY B 437 9.65 28.66 -1.14
C GLY B 437 10.30 29.19 -2.41
N ARG B 438 9.75 30.29 -2.92
CA ARG B 438 10.27 30.93 -4.13
C ARG B 438 11.30 32.01 -3.82
N ARG B 439 12.57 31.71 -4.05
CA ARG B 439 13.64 32.69 -3.85
C ARG B 439 14.48 32.86 -5.12
N PRO B 440 14.26 33.95 -5.87
CA PRO B 440 15.01 34.17 -7.11
C PRO B 440 16.52 34.39 -6.93
N ALA B 441 16.93 34.80 -5.73
CA ALA B 441 18.32 35.11 -5.45
C ALA B 441 18.80 34.57 -4.11
N GLY B 442 20.09 34.22 -4.05
CA GLY B 442 20.79 34.02 -2.78
C GLY B 442 20.69 32.68 -2.08
N VAL B 443 19.55 32.00 -2.24
CA VAL B 443 19.29 30.74 -1.53
C VAL B 443 19.63 29.55 -2.44
N PRO B 444 20.56 28.67 -2.00
CA PRO B 444 20.96 27.51 -2.79
C PRO B 444 19.86 26.48 -2.98
N LEU B 445 20.07 25.60 -3.97
CA LEU B 445 19.10 24.58 -4.37
C LEU B 445 18.63 23.71 -3.21
N VAL B 446 19.59 23.30 -2.38
CA VAL B 446 19.28 22.47 -1.21
C VAL B 446 20.33 22.62 -0.12
N TYR B 447 19.88 22.72 1.13
CA TYR B 447 20.78 22.58 2.26
C TYR B 447 20.10 21.84 3.41
N GLU B 448 20.91 21.35 4.35
CA GLU B 448 20.42 20.54 5.46
C GLU B 448 20.72 21.26 6.79
N ALA B 449 19.70 21.34 7.64
CA ALA B 449 19.83 21.92 8.99
C ALA B 449 20.85 21.17 9.83
N LEU B 450 21.51 21.92 10.72
CA LEU B 450 22.62 21.41 11.53
C LEU B 450 22.17 20.65 12.76
N SER B 451 20.90 20.79 13.11
CA SER B 451 20.28 20.17 14.30
C SER B 451 18.77 20.39 14.23
N TRP B 452 18.04 19.79 15.17
CA TRP B 452 16.60 20.03 15.28
C TRP B 452 16.30 21.51 15.50
N GLN B 453 17.01 22.11 16.45
CA GLN B 453 16.80 23.52 16.79
C GLN B 453 17.10 24.44 15.60
N HIS B 454 18.21 24.18 14.89
CA HIS B 454 18.50 24.91 13.66
C HIS B 454 17.38 24.70 12.64
N GLY B 455 16.92 23.46 12.53
CA GLY B 455 15.82 23.12 11.61
C GLY B 455 14.53 23.89 11.88
N VAL B 456 14.17 24.01 13.15
CA VAL B 456 12.99 24.78 13.55
C VAL B 456 13.17 26.25 13.17
N PHE B 457 14.40 26.75 13.35
CA PHE B 457 14.74 28.13 12.95
C PHE B 457 14.55 28.33 11.44
N VAL B 458 15.03 27.37 10.67
CA VAL B 458 14.92 27.39 9.20
C VAL B 458 13.44 27.45 8.78
N GLY B 459 12.60 26.67 9.45
CA GLY B 459 11.15 26.79 9.27
C GLY B 459 10.67 28.19 9.57
N ALA B 460 11.13 28.75 10.69
CA ALA B 460 10.66 30.05 11.17
C ALA B 460 11.07 31.17 10.22
N ALA B 461 12.20 30.96 9.55
CA ALA B 461 12.83 31.95 8.69
C ALA B 461 12.32 31.94 7.26
N MET B 462 11.42 31.02 6.94
CA MET B 462 10.93 30.86 5.57
C MET B 462 10.41 32.15 4.97
N ARG B 463 10.83 32.41 3.75
CA ARG B 463 10.35 33.55 2.96
C ARG B 463 10.13 33.11 1.52
N SER B 464 9.26 33.82 0.82
CA SER B 464 8.88 33.40 -0.53
C SER B 464 8.39 34.60 -1.33
N GLU B 465 8.74 34.62 -2.61
CA GLU B 465 8.27 35.65 -3.53
C GLU B 465 6.75 35.59 -3.62
N ALA B 466 6.11 36.75 -3.43
CA ALA B 466 4.65 36.85 -3.46
C ALA B 466 4.12 36.61 -4.86
N LYS B 475 7.98 42.88 -7.50
CA LYS B 475 8.05 41.64 -6.74
C LYS B 475 8.46 41.87 -5.28
N VAL B 476 7.76 41.16 -4.39
CA VAL B 476 7.88 41.33 -2.95
C VAL B 476 8.26 39.96 -2.34
N ILE B 477 9.24 39.96 -1.44
CA ILE B 477 9.58 38.74 -0.71
C ILE B 477 8.87 38.77 0.63
N MET B 478 7.95 37.84 0.84
CA MET B 478 7.11 37.80 2.03
C MET B 478 7.60 36.74 3.01
N HIS B 479 7.37 36.95 4.31
CA HIS B 479 7.60 35.90 5.30
C HIS B 479 6.43 34.92 5.37
N ASP B 480 6.74 33.63 5.41
CA ASP B 480 5.71 32.60 5.56
C ASP B 480 6.28 31.44 6.37
N PRO B 481 6.46 31.65 7.70
CA PRO B 481 7.07 30.60 8.53
C PRO B 481 6.30 29.29 8.48
N PHE B 482 7.03 28.21 8.24
CA PHE B 482 6.48 26.86 8.14
C PHE B 482 5.40 26.71 7.05
N ALA B 483 5.29 27.70 6.16
CA ALA B 483 4.18 27.79 5.20
C ALA B 483 2.82 27.86 5.94
N MET B 484 2.86 28.32 7.19
CA MET B 484 1.67 28.36 8.03
C MET B 484 1.11 29.76 8.31
N ARG B 485 1.69 30.81 7.73
CA ARG B 485 1.26 32.16 8.10
C ARG B 485 -0.26 32.39 8.09
N PRO B 486 -0.98 31.95 7.05
CA PRO B 486 -2.46 32.13 7.03
C PRO B 486 -3.24 31.17 7.94
N PHE B 487 -2.53 30.21 8.54
CA PHE B 487 -3.17 29.02 9.14
C PHE B 487 -2.90 28.72 10.62
N PHE B 488 -2.07 29.50 11.30
CA PHE B 488 -1.82 29.25 12.72
C PHE B 488 -3.11 29.27 13.52
N GLY B 489 -3.35 28.23 14.30
CA GLY B 489 -4.53 28.19 15.17
C GLY B 489 -4.33 28.86 16.52
N TYR B 490 -3.09 29.25 16.81
CA TYR B 490 -2.70 29.84 18.10
C TYR B 490 -1.35 30.56 17.95
N ASN B 491 -0.92 31.19 19.04
CA ASN B 491 0.32 31.98 19.10
C ASN B 491 1.53 31.28 18.46
N PHE B 492 2.08 31.89 17.42
CA PHE B 492 3.20 31.29 16.66
C PHE B 492 4.45 31.07 17.53
N GLY B 493 4.66 31.94 18.51
CA GLY B 493 5.80 31.76 19.43
C GLY B 493 5.65 30.46 20.20
N LYS B 494 4.42 30.22 20.66
CA LYS B 494 4.09 28.96 21.34
C LYS B 494 4.18 27.74 20.43
N TYR B 495 3.84 27.93 19.16
CA TYR B 495 4.02 26.90 18.11
C TYR B 495 5.50 26.52 17.96
N LEU B 496 6.38 27.52 17.91
CA LEU B 496 7.82 27.30 17.90
C LEU B 496 8.29 26.50 19.12
N ALA B 497 7.83 26.92 20.31
CA ALA B 497 8.08 26.17 21.55
C ALA B 497 7.62 24.72 21.44
N HIS B 498 6.45 24.51 20.84
CA HIS B 498 5.89 23.17 20.71
C HIS B 498 6.79 22.28 19.83
N TRP B 499 7.21 22.81 18.68
CA TRP B 499 8.13 22.11 17.80
C TRP B 499 9.45 21.79 18.52
N LEU B 500 9.99 22.78 19.22
CA LEU B 500 11.26 22.60 19.95
C LEU B 500 11.17 21.54 21.06
N SER B 501 9.99 21.44 21.68
CA SER B 501 9.77 20.46 22.75
C SER B 501 9.90 19.01 22.31
N MET B 502 9.74 18.75 21.00
CA MET B 502 9.88 17.38 20.48
C MET B 502 11.27 16.79 20.72
N ALA B 503 12.28 17.65 20.79
CA ALA B 503 13.65 17.21 21.06
C ALA B 503 13.84 16.65 22.47
N HIS B 504 12.90 16.94 23.36
CA HIS B 504 12.98 16.52 24.76
C HIS B 504 11.97 15.41 25.07
N ARG B 505 11.23 15.01 24.04
CA ARG B 505 10.30 13.90 24.12
C ARG B 505 11.07 12.59 24.24
N PRO B 506 10.70 11.73 25.21
CA PRO B 506 11.38 10.46 25.37
C PRO B 506 11.30 9.62 24.09
N ALA B 507 12.45 9.13 23.63
CA ALA B 507 12.55 8.17 22.51
C ALA B 507 12.36 8.74 21.09
N ALA B 508 11.90 9.98 20.99
CA ALA B 508 11.61 10.61 19.69
C ALA B 508 12.80 10.52 18.72
N LYS B 509 12.54 10.02 17.52
CA LYS B 509 13.52 10.02 16.44
C LYS B 509 13.24 11.24 15.58
N LEU B 510 14.08 12.26 15.73
CA LEU B 510 13.87 13.53 15.06
C LEU B 510 14.31 13.43 13.61
N PRO B 511 13.40 13.71 12.67
CA PRO B 511 13.80 13.58 11.28
C PRO B 511 14.76 14.69 10.90
N LYS B 512 15.55 14.42 9.86
CA LYS B 512 16.43 15.43 9.28
CA LYS B 512 16.43 15.43 9.28
C LYS B 512 15.59 16.52 8.63
N ILE B 513 16.07 17.75 8.74
CA ILE B 513 15.36 18.90 8.18
C ILE B 513 16.22 19.48 7.08
N PHE B 514 15.58 19.70 5.93
CA PHE B 514 16.21 20.32 4.76
C PHE B 514 15.45 21.57 4.34
N HIS B 515 16.11 22.40 3.55
CA HIS B 515 15.47 23.53 2.90
C HIS B 515 15.83 23.49 1.43
N VAL B 516 14.83 23.70 0.58
CA VAL B 516 15.03 23.68 -0.87
C VAL B 516 14.65 25.00 -1.53
N ASN B 517 15.17 25.18 -2.75
CA ASN B 517 14.81 26.30 -3.60
C ASN B 517 14.84 25.87 -5.06
N TRP B 518 13.65 25.65 -5.64
CA TRP B 518 13.55 25.26 -7.04
C TRP B 518 13.67 26.47 -7.96
N PHE B 519 13.67 27.66 -7.37
CA PHE B 519 13.30 28.87 -8.10
C PHE B 519 14.39 29.93 -8.23
N ARG B 520 15.63 29.57 -7.93
CA ARG B 520 16.74 30.51 -8.10
C ARG B 520 16.90 30.85 -9.58
N LYS B 521 17.11 32.14 -9.85
CA LYS B 521 17.23 32.63 -11.23
C LYS B 521 18.57 33.32 -11.46
N ASP B 522 19.04 33.28 -12.70
CA ASP B 522 20.25 34.00 -13.09
C ASP B 522 19.96 35.48 -13.38
N LYS B 523 20.97 36.20 -13.86
CA LYS B 523 20.86 37.64 -14.13
C LYS B 523 19.83 37.99 -15.23
N ASN B 524 19.52 37.03 -16.08
CA ASN B 524 18.54 37.21 -17.15
C ASN B 524 17.14 36.75 -16.76
N GLY B 525 17.02 36.24 -15.53
CA GLY B 525 15.73 35.77 -15.01
C GLY B 525 15.35 34.35 -15.39
N LYS B 526 16.34 33.59 -15.87
CA LYS B 526 16.15 32.18 -16.21
CA LYS B 526 16.12 32.18 -16.20
C LYS B 526 16.37 31.32 -14.97
N PHE B 527 15.54 30.30 -14.80
CA PHE B 527 15.72 29.34 -13.71
C PHE B 527 17.04 28.60 -13.87
N LEU B 528 17.79 28.54 -12.78
CA LEU B 528 19.08 27.85 -12.74
C LEU B 528 18.92 26.33 -12.63
N TRP B 529 17.76 25.91 -12.12
CA TRP B 529 17.44 24.49 -11.94
C TRP B 529 16.18 24.19 -12.75
N PRO B 530 16.21 23.12 -13.58
CA PRO B 530 15.05 22.72 -14.40
C PRO B 530 13.82 22.33 -13.57
N GLY B 531 14.02 21.76 -12.39
CA GLY B 531 12.93 21.42 -11.48
C GLY B 531 12.07 20.25 -11.94
N PHE B 532 10.83 20.23 -11.43
CA PHE B 532 9.86 19.16 -11.71
C PHE B 532 10.46 17.78 -11.46
N GLY B 533 10.41 16.88 -12.44
CA GLY B 533 10.95 15.53 -12.29
C GLY B 533 12.43 15.46 -11.92
N GLU B 534 13.16 16.53 -12.24
CA GLU B 534 14.59 16.61 -11.92
C GLU B 534 14.83 16.83 -10.42
N ASN B 535 13.77 17.21 -9.70
CA ASN B 535 13.84 17.34 -8.23
C ASN B 535 14.13 16.01 -7.53
N SER B 536 13.94 14.91 -8.28
CA SER B 536 14.28 13.58 -7.80
CA SER B 536 14.27 13.57 -7.82
C SER B 536 15.75 13.46 -7.44
N ARG B 537 16.58 14.28 -8.08
CA ARG B 537 18.03 14.28 -7.83
C ARG B 537 18.33 14.87 -6.45
N VAL B 538 17.56 15.88 -6.08
CA VAL B 538 17.67 16.48 -4.75
C VAL B 538 17.17 15.49 -3.70
N LEU B 539 16.04 14.84 -3.98
CA LEU B 539 15.48 13.83 -3.08
C LEU B 539 16.43 12.65 -2.85
N GLU B 540 17.13 12.23 -3.91
CA GLU B 540 18.17 11.22 -3.81
C GLU B 540 19.23 11.58 -2.76
N TRP B 541 19.71 12.83 -2.81
CA TRP B 541 20.73 13.30 -1.88
C TRP B 541 20.21 13.31 -0.45
N MET B 542 18.94 13.71 -0.27
CA MET B 542 18.30 13.68 1.04
C MET B 542 18.24 12.26 1.59
N PHE B 543 17.84 11.32 0.74
CA PHE B 543 17.71 9.91 1.06
C PHE B 543 19.06 9.39 1.59
N GLY B 544 20.14 9.71 0.86
CA GLY B 544 21.49 9.28 1.25
C GLY B 544 21.94 9.89 2.57
N ARG B 545 21.62 11.17 2.79
CA ARG B 545 21.95 11.83 4.05
C ARG B 545 21.23 11.19 5.24
N ILE B 546 19.95 10.85 5.07
CA ILE B 546 19.19 10.13 6.10
C ILE B 546 19.84 8.77 6.40
N GLU B 547 20.37 8.15 5.35
CA GLU B 547 21.06 6.87 5.46
CA GLU B 547 21.05 6.86 5.45
C GLU B 547 22.41 6.96 6.14
N GLY B 548 22.90 8.18 6.32
CA GLY B 548 24.18 8.42 6.99
C GLY B 548 25.38 8.56 6.08
N GLU B 549 25.15 8.84 4.81
N GLU B 549 25.15 8.82 4.79
CA GLU B 549 26.23 8.98 3.83
CA GLU B 549 26.21 8.98 3.82
C GLU B 549 27.01 10.27 3.99
C GLU B 549 27.01 10.28 4.04
N ASP B 550 28.33 10.16 3.91
CA ASP B 550 29.25 11.30 4.07
C ASP B 550 29.28 12.13 2.79
N SER B 551 28.11 12.68 2.42
CA SER B 551 27.93 13.34 1.13
C SER B 551 27.71 14.85 1.25
N ALA B 552 28.05 15.41 2.41
CA ALA B 552 27.77 16.82 2.70
C ALA B 552 29.01 17.61 3.08
N LYS B 553 28.99 18.89 2.71
CA LYS B 553 30.00 19.86 3.05
C LYS B 553 29.35 20.95 3.93
N LEU B 554 30.05 21.32 5.00
CA LEU B 554 29.57 22.32 5.94
C LEU B 554 29.75 23.74 5.37
N THR B 555 28.68 24.53 5.43
CA THR B 555 28.70 25.96 5.07
C THR B 555 28.04 26.77 6.21
N PRO B 556 28.16 28.11 6.20
CA PRO B 556 27.49 28.93 7.23
C PRO B 556 25.98 28.73 7.39
N ILE B 557 25.29 28.30 6.34
CA ILE B 557 23.82 28.14 6.42
C ILE B 557 23.37 26.72 6.73
N GLY B 558 24.32 25.79 6.76
CA GLY B 558 24.00 24.37 6.91
C GLY B 558 24.86 23.49 6.00
N TYR B 559 24.52 22.21 5.93
CA TYR B 559 25.20 21.28 5.03
C TYR B 559 24.65 21.37 3.60
N VAL B 560 25.56 21.43 2.62
CA VAL B 560 25.18 21.33 1.20
C VAL B 560 25.86 20.10 0.58
N PRO B 561 25.38 19.64 -0.59
CA PRO B 561 26.04 18.49 -1.23
C PRO B 561 27.51 18.76 -1.54
N LYS B 562 28.36 17.74 -1.35
CA LYS B 562 29.74 17.81 -1.79
C LYS B 562 29.82 17.92 -3.31
N GLU B 563 30.97 18.31 -3.83
CA GLU B 563 31.21 18.24 -5.26
C GLU B 563 30.94 16.83 -5.77
N ASP B 564 30.19 16.74 -6.87
CA ASP B 564 29.85 15.47 -7.53
C ASP B 564 28.91 14.56 -6.74
N ALA B 565 28.45 15.03 -5.58
CA ALA B 565 27.52 14.23 -4.75
C ALA B 565 26.14 14.17 -5.40
N LEU B 566 25.73 15.28 -6.02
CA LEU B 566 24.44 15.37 -6.70
C LEU B 566 24.55 14.68 -8.06
N ASN B 567 23.62 13.78 -8.35
CA ASN B 567 23.55 13.13 -9.65
C ASN B 567 23.07 14.13 -10.69
N LEU B 568 23.99 14.56 -11.56
CA LEU B 568 23.67 15.55 -12.59
C LEU B 568 23.76 14.96 -13.99
N LYS B 569 23.74 13.63 -14.08
CA LYS B 569 23.79 12.92 -15.36
C LYS B 569 22.43 13.03 -16.07
N GLY B 570 22.47 13.47 -17.33
CA GLY B 570 21.25 13.74 -18.09
C GLY B 570 20.94 15.23 -18.12
N LEU B 571 21.65 15.98 -17.28
CA LEU B 571 21.60 17.44 -17.27
C LEU B 571 22.89 17.99 -17.87
N GLY B 572 23.91 18.23 -17.04
CA GLY B 572 25.25 18.62 -17.53
C GLY B 572 25.41 20.09 -17.91
N ASP B 573 24.32 20.72 -18.34
CA ASP B 573 24.31 22.14 -18.69
C ASP B 573 23.86 23.02 -17.51
N VAL B 574 23.97 22.48 -16.30
CA VAL B 574 23.57 23.17 -15.08
C VAL B 574 24.73 23.94 -14.47
N ASN B 575 24.49 25.22 -14.19
CA ASN B 575 25.47 26.10 -13.56
C ASN B 575 25.47 25.88 -12.04
N VAL B 576 26.17 24.84 -11.61
CA VAL B 576 26.17 24.44 -10.19
C VAL B 576 26.77 25.48 -9.22
N GLU B 577 27.86 26.13 -9.63
CA GLU B 577 28.52 27.12 -8.77
C GLU B 577 27.62 28.33 -8.49
N GLU B 578 26.88 28.77 -9.50
CA GLU B 578 25.92 29.86 -9.33
C GLU B 578 24.70 29.38 -8.55
N LEU B 579 24.25 28.15 -8.84
CA LEU B 579 23.08 27.57 -8.19
CA LEU B 579 23.07 27.58 -8.18
C LEU B 579 23.30 27.39 -6.69
N PHE B 580 24.52 27.02 -6.32
CA PHE B 580 24.87 26.77 -4.91
C PHE B 580 25.66 27.89 -4.25
N GLY B 581 25.87 28.98 -4.97
CA GLY B 581 26.60 30.14 -4.45
C GLY B 581 25.99 30.73 -3.20
N ILE B 582 26.87 31.05 -2.24
CA ILE B 582 26.48 31.65 -0.97
C ILE B 582 27.26 32.95 -0.79
N SER B 583 26.54 34.07 -0.77
CA SER B 583 27.15 35.40 -0.69
C SER B 583 27.06 35.95 0.72
N LYS B 584 28.20 36.39 1.28
CA LYS B 584 28.20 37.03 2.59
C LYS B 584 27.26 38.23 2.62
N GLU B 585 27.29 39.03 1.55
CA GLU B 585 26.44 40.22 1.45
C GLU B 585 24.94 39.88 1.46
N PHE B 586 24.55 38.86 0.71
CA PHE B 586 23.15 38.44 0.67
C PHE B 586 22.69 37.92 2.04
N TRP B 587 23.54 37.12 2.67
CA TRP B 587 23.18 36.48 3.93
C TRP B 587 23.22 37.41 5.14
N GLU B 588 24.07 38.42 5.10
CA GLU B 588 24.02 39.48 6.10
C GLU B 588 22.66 40.19 6.08
N LYS B 589 22.23 40.55 4.87
CA LYS B 589 20.92 41.18 4.69
C LYS B 589 19.82 40.22 5.12
N GLU B 590 19.99 38.95 4.78
CA GLU B 590 18.99 37.94 5.12
C GLU B 590 18.78 37.80 6.62
N VAL B 591 19.88 37.67 7.36
CA VAL B 591 19.80 37.61 8.83
C VAL B 591 19.15 38.84 9.44
N GLU B 592 19.46 40.02 8.90
CA GLU B 592 18.88 41.26 9.40
CA GLU B 592 18.88 41.28 9.36
C GLU B 592 17.36 41.30 9.19
N GLU B 593 16.89 40.86 8.01
CA GLU B 593 15.46 40.82 7.75
C GLU B 593 14.77 39.76 8.63
N ILE B 594 15.41 38.62 8.86
CA ILE B 594 14.84 37.59 9.73
C ILE B 594 14.77 38.10 11.18
N ASP B 595 15.83 38.79 11.61
CA ASP B 595 15.93 39.35 12.96
C ASP B 595 14.77 40.31 13.20
N LYS B 596 14.68 41.30 12.31
CA LYS B 596 13.64 42.34 12.39
C LYS B 596 12.24 41.73 12.45
N TYR B 597 12.03 40.69 11.63
CA TYR B 597 10.72 40.07 11.54
C TYR B 597 10.37 39.33 12.82
N LEU B 598 11.28 38.50 13.31
CA LEU B 598 11.01 37.71 14.52
C LEU B 598 10.84 38.59 15.74
N GLU B 599 11.67 39.63 15.83
CA GLU B 599 11.59 40.62 16.92
C GLU B 599 10.21 41.30 16.94
N ASP B 600 9.75 41.76 15.78
CA ASP B 600 8.47 42.46 15.72
C ASP B 600 7.32 41.48 15.94
N GLN B 601 7.27 40.45 15.09
CA GLN B 601 6.10 39.59 15.00
C GLN B 601 5.95 38.58 16.15
N VAL B 602 7.07 38.09 16.69
CA VAL B 602 7.02 37.11 17.76
C VAL B 602 7.34 37.75 19.12
N ASN B 603 8.26 38.71 19.12
CA ASN B 603 8.48 39.56 20.28
C ASN B 603 8.71 38.78 21.58
N ALA B 604 7.86 38.98 22.60
CA ALA B 604 8.06 38.33 23.91
C ALA B 604 7.92 36.81 23.90
N ASP B 605 7.27 36.27 22.87
CA ASP B 605 7.03 34.82 22.77
C ASP B 605 8.05 34.08 21.91
N LEU B 606 9.11 34.77 21.50
CA LEU B 606 10.17 34.09 20.74
C LEU B 606 10.98 33.16 21.66
N PRO B 607 10.98 31.85 21.37
CA PRO B 607 11.76 30.97 22.25
C PRO B 607 13.25 31.26 22.22
N TYR B 608 13.88 31.07 23.37
CA TYR B 608 15.33 31.23 23.58
C TYR B 608 16.14 30.53 22.51
N GLU B 609 15.75 29.30 22.19
CA GLU B 609 16.52 28.51 21.22
C GLU B 609 16.47 29.07 19.78
N ILE B 610 15.38 29.74 19.42
CA ILE B 610 15.29 30.39 18.10
C ILE B 610 16.18 31.64 18.02
N GLU B 611 16.14 32.48 19.05
CA GLU B 611 17.06 33.62 19.17
C GLU B 611 18.51 33.15 19.09
N ARG B 612 18.79 32.01 19.72
CA ARG B 612 20.15 31.47 19.74
C ARG B 612 20.58 31.02 18.34
N GLU B 613 19.66 30.39 17.60
CA GLU B 613 19.99 29.97 16.23
C GLU B 613 20.22 31.20 15.36
N LEU B 614 19.43 32.25 15.58
CA LEU B 614 19.63 33.50 14.85
C LEU B 614 21.02 34.09 15.12
N ARG B 615 21.37 34.20 16.40
CA ARG B 615 22.69 34.64 16.82
C ARG B 615 23.80 33.81 16.16
N ALA B 616 23.63 32.50 16.19
CA ALA B 616 24.62 31.58 15.63
C ALA B 616 24.80 31.77 14.13
N LEU B 617 23.70 31.96 13.41
CA LEU B 617 23.77 32.13 11.96
C LEU B 617 24.49 33.42 11.67
N LYS B 618 24.11 34.46 12.40
CA LYS B 618 24.74 35.76 12.25
CA LYS B 618 24.75 35.77 12.25
C LYS B 618 26.26 35.65 12.43
N GLN B 619 26.67 34.89 13.43
CA GLN B 619 28.09 34.70 13.74
C GLN B 619 28.83 33.95 12.63
N ARG B 620 28.23 32.88 12.12
CA ARG B 620 28.85 32.10 11.05
C ARG B 620 29.04 32.94 9.78
N ILE B 621 28.02 33.74 9.45
CA ILE B 621 28.12 34.67 8.31
C ILE B 621 29.23 35.72 8.52
N SER B 622 29.33 36.27 9.72
CA SER B 622 30.35 37.29 10.02
C SER B 622 31.78 36.80 9.79
N GLN B 623 31.97 35.48 9.85
CA GLN B 623 33.27 34.84 9.69
C GLN B 623 33.63 34.51 8.24
N MET B 624 32.71 34.79 7.31
CA MET B 624 32.96 34.65 5.88
C MET B 624 33.83 35.78 5.37
MN MN C . 4.35 -21.18 -3.45
MN MN D . 5.51 -23.24 -8.90
MN MN E . 5.22 -24.25 -7.80
MN MN F . 22.91 -22.49 19.70
NA NA G . -14.88 -16.11 -16.55
O1 OAA H . -1.56 -20.27 -3.96
O2 OAA H . -0.93 -18.15 -4.59
O4 OAA H . 2.16 -17.88 -5.30
O5 OAA H . 3.53 -19.06 -3.89
O3 OAA H . 2.03 -21.40 -4.46
C1 OAA H . -0.80 -19.45 -4.64
C2 OAA H . 0.28 -20.04 -5.53
C3 OAA H . 1.62 -20.22 -4.86
C4 OAA H . 2.48 -18.98 -4.67
PB GDP I . 7.66 -22.19 -8.31
O1B GDP I . 6.48 -21.24 -8.38
O2B GDP I . 7.09 -23.60 -8.22
O3B GDP I . 8.55 -21.87 -7.14
O3A GDP I . 8.54 -22.07 -9.65
PA GDP I . 8.26 -22.86 -11.02
O1A GDP I . 9.01 -24.17 -11.01
O2A GDP I . 6.78 -23.04 -11.26
O5' GDP I . 8.95 -21.91 -12.12
C5' GDP I . 8.47 -20.57 -12.34
C4' GDP I . 9.09 -20.05 -13.62
O4' GDP I . 10.51 -20.12 -13.52
C3' GDP I . 8.69 -20.87 -14.85
O3' GDP I . 8.42 -19.98 -15.93
C2' GDP I . 9.91 -21.73 -15.13
O2' GDP I . 10.08 -22.06 -16.52
C1' GDP I . 11.06 -20.87 -14.61
N9 GDP I . 12.17 -21.75 -14.17
C8 GDP I . 12.09 -22.78 -13.31
N7 GDP I . 13.30 -23.36 -13.13
C5 GDP I . 14.19 -22.68 -13.89
C6 GDP I . 15.64 -22.77 -14.17
O6 GDP I . 16.34 -23.66 -13.64
N1 GDP I . 16.18 -21.87 -15.02
C2 GDP I . 15.45 -20.91 -15.62
N2 GDP I . 16.06 -20.04 -16.46
N3 GDP I . 14.11 -20.77 -15.41
C4 GDP I . 13.44 -21.61 -14.57
PB GDP J . 8.32 -21.39 -9.37
O1B GDP J . 7.55 -20.09 -9.39
O2B GDP J . 7.37 -22.55 -9.51
O3B GDP J . 9.10 -21.51 -8.09
O3A GDP J . 9.37 -21.39 -10.61
PA GDP J . 8.98 -22.07 -12.01
O1A GDP J . 9.35 -23.54 -12.01
O2A GDP J . 7.50 -21.89 -12.30
O5' GDP J . 9.85 -21.22 -13.06
C5' GDP J . 9.50 -19.86 -13.30
C4' GDP J . 10.26 -19.32 -14.50
O4' GDP J . 11.66 -19.49 -14.29
C3' GDP J . 9.89 -20.05 -15.79
O3' GDP J . 9.65 -19.10 -16.82
C2' GDP J . 11.11 -20.90 -16.14
O2' GDP J . 11.34 -20.89 -17.55
C1' GDP J . 12.26 -20.23 -15.37
N9 GDP J . 13.25 -21.20 -14.84
C8 GDP J . 13.03 -22.24 -14.02
N7 GDP J . 14.19 -22.90 -13.76
C5 GDP J . 15.18 -22.28 -14.44
C6 GDP J . 16.64 -22.45 -14.60
O6 GDP J . 17.27 -23.37 -14.04
N1 GDP J . 17.29 -21.57 -15.38
C2 GDP J . 16.65 -20.56 -16.01
N2 GDP J . 17.39 -19.72 -16.78
N3 GDP J . 15.31 -20.34 -15.91
C4 GDP J . 14.55 -21.15 -15.15
C PYR K . 3.04 -19.05 -4.37
O PYR K . 4.25 -19.32 -3.93
OXT PYR K . 2.58 -17.80 -4.37
CA PYR K . 2.22 -20.10 -4.81
O3 PYR K . 2.75 -21.29 -4.90
CB PYR K . 0.79 -19.91 -5.14
MN MN L . -2.56 24.58 0.94
MN MN M . -1.59 22.13 -4.21
MN MN N . 15.80 22.35 24.17
NA NA O . -22.69 29.30 -11.54
O1 OAA P . -8.58 26.79 0.10
O2 OAA P . -6.61 27.22 1.12
O4 OAA P . -4.76 27.66 -1.07
O5 OAA P . -3.27 26.64 0.36
O3 OAA P . -4.55 24.19 -0.28
C1 OAA P . -7.31 26.54 0.25
C2 OAA P . -6.66 25.45 -0.59
C3 OAA P . -5.15 25.35 -0.41
C4 OAA P . -4.35 26.62 -0.38
PB GDP Q . 1.16 24.01 -4.56
O1B GDP Q . 0.17 25.15 -4.59
O2B GDP Q . 0.48 22.68 -4.48
O3B GDP Q . 2.11 24.19 -3.40
O3A GDP Q . 2.07 24.12 -5.89
PA GDP Q . 1.70 23.42 -7.29
O1A GDP Q . 2.10 21.97 -7.30
O2A GDP Q . 0.23 23.58 -7.62
O5' GDP Q . 2.61 24.29 -8.31
C5' GDP Q . 2.34 25.69 -8.47
C4' GDP Q . 3.06 26.25 -9.69
O4' GDP Q . 4.48 26.08 -9.53
C3' GDP Q . 2.66 25.52 -10.98
O3' GDP Q . 2.61 26.46 -12.05
C2' GDP Q . 3.79 24.53 -11.17
O2' GDP Q . 3.92 24.07 -12.53
C1' GDP Q . 5.00 25.30 -10.61
N9 GDP Q . 6.09 24.40 -10.16
C8 GDP Q . 5.98 23.31 -9.37
N7 GDP Q . 7.19 22.73 -9.18
C5 GDP Q . 8.09 23.45 -9.87
C6 GDP Q . 9.54 23.39 -10.11
O6 GDP Q . 10.22 22.47 -9.60
N1 GDP Q . 10.10 24.34 -10.89
C2 GDP Q . 9.39 25.33 -11.45
N2 GDP Q . 10.02 26.26 -12.23
N3 GDP Q . 8.04 25.44 -11.28
C4 GDP Q . 7.37 24.55 -10.51
C PYR R . -3.83 27.04 0.19
O PYR R . -2.74 26.68 0.83
OXT PYR R . -4.12 28.32 0.07
CA PYR R . -4.64 26.07 -0.39
O3 PYR R . -4.15 24.89 -0.67
CB PYR R . -6.10 26.34 -0.66
#